data_3HUQ
# 
_entry.id   3HUQ 
# 
_audit_conform.dict_name       mmcif_pdbx.dic 
_audit_conform.dict_version    5.378 
_audit_conform.dict_location   http://mmcif.pdb.org/dictionaries/ascii/mmcif_pdbx.dic 
# 
loop_
_database_2.database_id 
_database_2.database_code 
_database_2.pdbx_database_accession 
_database_2.pdbx_DOI 
PDB   3HUQ         pdb_00003huq 10.2210/pdb3huq/pdb 
RCSB  RCSB053605   ?            ?                   
WWPDB D_1000053605 ?            ?                   
# 
loop_
_pdbx_database_related.db_name 
_pdbx_database_related.db_id 
_pdbx_database_related.details 
_pdbx_database_related.content_type 
PDB 1LGU . unspecified 
PDB 3HT6 . unspecified 
PDB 3HT7 . unspecified 
PDB 3HT8 . unspecified 
PDB 3HT9 . unspecified 
PDB 3HTB . unspecified 
PDB 3HTD . unspecified 
PDB 3HTF . unspecified 
PDB 3HUG . unspecified 
PDB 3HU8 . unspecified 
PDB 3HU9 . unspecified 
PDB 3HUA . unspecified 
PDB 3HUK . unspecified 
# 
_pdbx_database_status.entry_id                        3HUQ 
_pdbx_database_status.status_code                     REL 
_pdbx_database_status.deposit_site                    RCSB 
_pdbx_database_status.process_site                    RCSB 
_pdbx_database_status.recvd_initial_deposition_date   2009-06-15 
_pdbx_database_status.status_code_sf                  REL 
_pdbx_database_status.status_code_mr                  ? 
_pdbx_database_status.SG_entry                        ? 
_pdbx_database_status.pdb_format_compatible           Y 
_pdbx_database_status.status_code_cs                  ? 
_pdbx_database_status.status_code_nmr_data            ? 
_pdbx_database_status.methods_development_category    ? 
# 
loop_
_audit_author.name 
_audit_author.pdbx_ordinal 
'Boyce, S.E.'    1 
'Mobley, D.L.'   2 
'Rocklin, G.J.'  3 
'Graves, A.P.'   4 
'Dill, K.A.'     5 
'Shoichet, B.K.' 6 
# 
_citation.id                        primary 
_citation.title                     
'Predicting ligand binding affinity with alchemical free energy methods in a polar model binding site.' 
_citation.journal_abbrev            J.Mol.Biol. 
_citation.journal_volume            394 
_citation.page_first                747 
_citation.page_last                 763 
_citation.year                      2009 
_citation.journal_id_ASTM           JMOBAK 
_citation.country                   UK 
_citation.journal_id_ISSN           0022-2836 
_citation.journal_id_CSD            0070 
_citation.book_publisher            ? 
_citation.pdbx_database_id_PubMed   19782087 
_citation.pdbx_database_id_DOI      10.1016/j.jmb.2009.09.049 
# 
loop_
_citation_author.citation_id 
_citation_author.name 
_citation_author.ordinal 
_citation_author.identifier_ORCID 
primary 'Boyce, S.E.'    1 ? 
primary 'Mobley, D.L.'   2 ? 
primary 'Rocklin, G.J.'  3 ? 
primary 'Graves, A.P.'   4 ? 
primary 'Dill, K.A.'     5 ? 
primary 'Shoichet, B.K.' 6 ? 
# 
_cell.entry_id           3HUQ 
_cell.length_a           60.060 
_cell.length_b           60.060 
_cell.length_c           96.990 
_cell.angle_alpha        90.00 
_cell.angle_beta         90.00 
_cell.angle_gamma        120.00 
_cell.Z_PDB              6 
_cell.pdbx_unique_axis   ? 
# 
_symmetry.entry_id                         3HUQ 
_symmetry.space_group_name_H-M             'P 32 2 1' 
_symmetry.pdbx_full_space_group_name_H-M   ? 
_symmetry.cell_setting                     ? 
_symmetry.Int_Tables_number                154 
# 
loop_
_entity.id 
_entity.type 
_entity.src_method 
_entity.pdbx_description 
_entity.formula_weight 
_entity.pdbx_number_of_molecules 
_entity.pdbx_ec 
_entity.pdbx_mutation 
_entity.pdbx_fragment 
_entity.details 
1 polymer     man Lysozyme                 18419.057 1   3.2.1.17 S38D,L99A,M102Q,N144D ? ? 
2 non-polymer syn 'PHOSPHATE ION'          94.971    1   ?        ?                     ? ? 
3 non-polymer syn 'thieno[3,2-b]thiophene' 140.226   1   ?        ?                     ? ? 
4 non-polymer syn BETA-MERCAPTOETHANOL     78.133    3   ?        ?                     ? ? 
5 water       nat water                    18.015    278 ?        ?                     ? ? 
# 
_entity_name_com.entity_id   1 
_entity_name_com.name        'Lysis protein, Muramidase, Endolysin' 
# 
_entity_poly.entity_id                      1 
_entity_poly.type                           'polypeptide(L)' 
_entity_poly.nstd_linkage                   no 
_entity_poly.nstd_monomer                   no 
_entity_poly.pdbx_seq_one_letter_code       
;MNIFEMLRIDEGLRLKIYKDTEGYYTIGIGHLLTKSPDLNAAKSELDKAIGRNCNGVITKDEAEKLFNQDVDAAVRGILR
NAKLKPVYDSLDAVRRCAAINQVFQMGETGVAGFTNSLRMLQQKRWDEAAVNLAKSRWYNQTPDRAKRVITTFRTGTWDA
YK
;
_entity_poly.pdbx_seq_one_letter_code_can   
;MNIFEMLRIDEGLRLKIYKDTEGYYTIGIGHLLTKSPDLNAAKSELDKAIGRNCNGVITKDEAEKLFNQDVDAAVRGILR
NAKLKPVYDSLDAVRRCAAINQVFQMGETGVAGFTNSLRMLQQKRWDEAAVNLAKSRWYNQTPDRAKRVITTFRTGTWDA
YK
;
_entity_poly.pdbx_strand_id                 A 
_entity_poly.pdbx_target_identifier         ? 
# 
loop_
_entity_poly_seq.entity_id 
_entity_poly_seq.num 
_entity_poly_seq.mon_id 
_entity_poly_seq.hetero 
1 1   MET n 
1 2   ASN n 
1 3   ILE n 
1 4   PHE n 
1 5   GLU n 
1 6   MET n 
1 7   LEU n 
1 8   ARG n 
1 9   ILE n 
1 10  ASP n 
1 11  GLU n 
1 12  GLY n 
1 13  LEU n 
1 14  ARG n 
1 15  LEU n 
1 16  LYS n 
1 17  ILE n 
1 18  TYR n 
1 19  LYS n 
1 20  ASP n 
1 21  THR n 
1 22  GLU n 
1 23  GLY n 
1 24  TYR n 
1 25  TYR n 
1 26  THR n 
1 27  ILE n 
1 28  GLY n 
1 29  ILE n 
1 30  GLY n 
1 31  HIS n 
1 32  LEU n 
1 33  LEU n 
1 34  THR n 
1 35  LYS n 
1 36  SER n 
1 37  PRO n 
1 38  ASP n 
1 39  LEU n 
1 40  ASN n 
1 41  ALA n 
1 42  ALA n 
1 43  LYS n 
1 44  SER n 
1 45  GLU n 
1 46  LEU n 
1 47  ASP n 
1 48  LYS n 
1 49  ALA n 
1 50  ILE n 
1 51  GLY n 
1 52  ARG n 
1 53  ASN n 
1 54  CYS n 
1 55  ASN n 
1 56  GLY n 
1 57  VAL n 
1 58  ILE n 
1 59  THR n 
1 60  LYS n 
1 61  ASP n 
1 62  GLU n 
1 63  ALA n 
1 64  GLU n 
1 65  LYS n 
1 66  LEU n 
1 67  PHE n 
1 68  ASN n 
1 69  GLN n 
1 70  ASP n 
1 71  VAL n 
1 72  ASP n 
1 73  ALA n 
1 74  ALA n 
1 75  VAL n 
1 76  ARG n 
1 77  GLY n 
1 78  ILE n 
1 79  LEU n 
1 80  ARG n 
1 81  ASN n 
1 82  ALA n 
1 83  LYS n 
1 84  LEU n 
1 85  LYS n 
1 86  PRO n 
1 87  VAL n 
1 88  TYR n 
1 89  ASP n 
1 90  SER n 
1 91  LEU n 
1 92  ASP n 
1 93  ALA n 
1 94  VAL n 
1 95  ARG n 
1 96  ARG n 
1 97  CYS n 
1 98  ALA n 
1 99  ALA n 
1 100 ILE n 
1 101 ASN n 
1 102 GLN n 
1 103 VAL n 
1 104 PHE n 
1 105 GLN n 
1 106 MET n 
1 107 GLY n 
1 108 GLU n 
1 109 THR n 
1 110 GLY n 
1 111 VAL n 
1 112 ALA n 
1 113 GLY n 
1 114 PHE n 
1 115 THR n 
1 116 ASN n 
1 117 SER n 
1 118 LEU n 
1 119 ARG n 
1 120 MET n 
1 121 LEU n 
1 122 GLN n 
1 123 GLN n 
1 124 LYS n 
1 125 ARG n 
1 126 TRP n 
1 127 ASP n 
1 128 GLU n 
1 129 ALA n 
1 130 ALA n 
1 131 VAL n 
1 132 ASN n 
1 133 LEU n 
1 134 ALA n 
1 135 LYS n 
1 136 SER n 
1 137 ARG n 
1 138 TRP n 
1 139 TYR n 
1 140 ASN n 
1 141 GLN n 
1 142 THR n 
1 143 PRO n 
1 144 ASP n 
1 145 ARG n 
1 146 ALA n 
1 147 LYS n 
1 148 ARG n 
1 149 VAL n 
1 150 ILE n 
1 151 THR n 
1 152 THR n 
1 153 PHE n 
1 154 ARG n 
1 155 THR n 
1 156 GLY n 
1 157 THR n 
1 158 TRP n 
1 159 ASP n 
1 160 ALA n 
1 161 TYR n 
1 162 LYS n 
# 
_entity_src_gen.entity_id                          1 
_entity_src_gen.pdbx_src_id                        1 
_entity_src_gen.pdbx_alt_source_flag               sample 
_entity_src_gen.pdbx_seq_type                      ? 
_entity_src_gen.pdbx_beg_seq_num                   ? 
_entity_src_gen.pdbx_end_seq_num                   ? 
_entity_src_gen.gene_src_common_name               'Bacteriophage T4' 
_entity_src_gen.gene_src_genus                     ? 
_entity_src_gen.pdbx_gene_src_gene                 E 
_entity_src_gen.gene_src_species                   ? 
_entity_src_gen.gene_src_strain                    'Enterobacteria Phage T4 Sensu Lato' 
_entity_src_gen.gene_src_tissue                    ? 
_entity_src_gen.gene_src_tissue_fraction           ? 
_entity_src_gen.gene_src_details                   ? 
_entity_src_gen.pdbx_gene_src_fragment             ? 
_entity_src_gen.pdbx_gene_src_scientific_name      'Enterobacteria phage T4' 
_entity_src_gen.pdbx_gene_src_ncbi_taxonomy_id     10665 
_entity_src_gen.pdbx_gene_src_variant              ? 
_entity_src_gen.pdbx_gene_src_cell_line            ? 
_entity_src_gen.pdbx_gene_src_atcc                 ? 
_entity_src_gen.pdbx_gene_src_organ                ? 
_entity_src_gen.pdbx_gene_src_organelle            ? 
_entity_src_gen.pdbx_gene_src_cell                 ? 
_entity_src_gen.pdbx_gene_src_cellular_location    ? 
_entity_src_gen.host_org_common_name               ? 
_entity_src_gen.pdbx_host_org_scientific_name      'Escherichia coli' 
_entity_src_gen.pdbx_host_org_ncbi_taxonomy_id     562 
_entity_src_gen.host_org_genus                     ? 
_entity_src_gen.pdbx_host_org_gene                 ? 
_entity_src_gen.pdbx_host_org_organ                ? 
_entity_src_gen.host_org_species                   ? 
_entity_src_gen.pdbx_host_org_tissue               ? 
_entity_src_gen.pdbx_host_org_tissue_fraction      ? 
_entity_src_gen.pdbx_host_org_strain               ? 
_entity_src_gen.pdbx_host_org_variant              ? 
_entity_src_gen.pdbx_host_org_cell_line            ? 
_entity_src_gen.pdbx_host_org_atcc                 ? 
_entity_src_gen.pdbx_host_org_culture_collection   ? 
_entity_src_gen.pdbx_host_org_cell                 ? 
_entity_src_gen.pdbx_host_org_organelle            ? 
_entity_src_gen.pdbx_host_org_cellular_location    ? 
_entity_src_gen.pdbx_host_org_vector_type          plasmid 
_entity_src_gen.pdbx_host_org_vector               ? 
_entity_src_gen.host_org_details                   ? 
_entity_src_gen.expression_system_id               ? 
_entity_src_gen.plasmid_name                       M13 
_entity_src_gen.plasmid_details                    ? 
_entity_src_gen.pdbx_description                   ? 
# 
_struct_ref.id                         1 
_struct_ref.db_name                    UNP 
_struct_ref.db_code                    LYS_BPT4 
_struct_ref.pdbx_db_accession          P00720 
_struct_ref.entity_id                  1 
_struct_ref.pdbx_seq_one_letter_code   
;MNIFEMLRIDEGLRLKIYKDTEGYYTIGIGHLLTKSPSLNAAKSELDKAIGRNCNGVITKDEAEKLFNQDVDAAVRGILR
NAKLKPVYDSLDAVRRCALINMVFQMGETGVAGFTNSLRMLQQKRWDEAAVNLAKSRWYNQTPNRAKRVITTFRTGTWDA
YKNL
;
_struct_ref.pdbx_align_begin           1 
_struct_ref.pdbx_db_isoform            ? 
# 
_struct_ref_seq.align_id                      1 
_struct_ref_seq.ref_id                        1 
_struct_ref_seq.pdbx_PDB_id_code              3HUQ 
_struct_ref_seq.pdbx_strand_id                A 
_struct_ref_seq.seq_align_beg                 1 
_struct_ref_seq.pdbx_seq_align_beg_ins_code   ? 
_struct_ref_seq.seq_align_end                 162 
_struct_ref_seq.pdbx_seq_align_end_ins_code   ? 
_struct_ref_seq.pdbx_db_accession             P00720 
_struct_ref_seq.db_align_beg                  1 
_struct_ref_seq.pdbx_db_align_beg_ins_code    ? 
_struct_ref_seq.db_align_end                  162 
_struct_ref_seq.pdbx_db_align_end_ins_code    ? 
_struct_ref_seq.pdbx_auth_seq_align_beg       1 
_struct_ref_seq.pdbx_auth_seq_align_end       162 
# 
loop_
_struct_ref_seq_dif.align_id 
_struct_ref_seq_dif.pdbx_pdb_id_code 
_struct_ref_seq_dif.mon_id 
_struct_ref_seq_dif.pdbx_pdb_strand_id 
_struct_ref_seq_dif.seq_num 
_struct_ref_seq_dif.pdbx_pdb_ins_code 
_struct_ref_seq_dif.pdbx_seq_db_name 
_struct_ref_seq_dif.pdbx_seq_db_accession_code 
_struct_ref_seq_dif.db_mon_id 
_struct_ref_seq_dif.pdbx_seq_db_seq_num 
_struct_ref_seq_dif.details 
_struct_ref_seq_dif.pdbx_auth_seq_num 
_struct_ref_seq_dif.pdbx_ordinal 
1 3HUQ ASP A 38  ? UNP P00720 SER 38  'engineered mutation' 38  1 
1 3HUQ ALA A 99  ? UNP P00720 LEU 99  'engineered mutation' 99  2 
1 3HUQ GLN A 102 ? UNP P00720 MET 102 'engineered mutation' 102 3 
1 3HUQ ASP A 144 ? UNP P00720 ASN 144 'engineered mutation' 144 4 
# 
loop_
_chem_comp.id 
_chem_comp.type 
_chem_comp.mon_nstd_flag 
_chem_comp.name 
_chem_comp.pdbx_synonyms 
_chem_comp.formula 
_chem_comp.formula_weight 
ALA 'L-peptide linking' y ALANINE                  ? 'C3 H7 N O2'     89.093  
ARG 'L-peptide linking' y ARGININE                 ? 'C6 H15 N4 O2 1' 175.209 
ASN 'L-peptide linking' y ASPARAGINE               ? 'C4 H8 N2 O3'    132.118 
ASP 'L-peptide linking' y 'ASPARTIC ACID'          ? 'C4 H7 N O4'     133.103 
BME non-polymer         . BETA-MERCAPTOETHANOL     ? 'C2 H6 O S'      78.133  
CYS 'L-peptide linking' y CYSTEINE                 ? 'C3 H7 N O2 S'   121.158 
GLN 'L-peptide linking' y GLUTAMINE                ? 'C5 H10 N2 O3'   146.144 
GLU 'L-peptide linking' y 'GLUTAMIC ACID'          ? 'C5 H9 N O4'     147.129 
GLY 'peptide linking'   y GLYCINE                  ? 'C2 H5 N O2'     75.067  
HIS 'L-peptide linking' y HISTIDINE                ? 'C6 H10 N3 O2 1' 156.162 
HOH non-polymer         . WATER                    ? 'H2 O'           18.015  
ILE 'L-peptide linking' y ISOLEUCINE               ? 'C6 H13 N O2'    131.173 
J1Z non-polymer         . 'thieno[3,2-b]thiophene' ? 'C6 H4 S2'       140.226 
LEU 'L-peptide linking' y LEUCINE                  ? 'C6 H13 N O2'    131.173 
LYS 'L-peptide linking' y LYSINE                   ? 'C6 H15 N2 O2 1' 147.195 
MET 'L-peptide linking' y METHIONINE               ? 'C5 H11 N O2 S'  149.211 
PHE 'L-peptide linking' y PHENYLALANINE            ? 'C9 H11 N O2'    165.189 
PO4 non-polymer         . 'PHOSPHATE ION'          ? 'O4 P -3'        94.971  
PRO 'L-peptide linking' y PROLINE                  ? 'C5 H9 N O2'     115.130 
SER 'L-peptide linking' y SERINE                   ? 'C3 H7 N O3'     105.093 
THR 'L-peptide linking' y THREONINE                ? 'C4 H9 N O3'     119.119 
TRP 'L-peptide linking' y TRYPTOPHAN               ? 'C11 H12 N2 O2'  204.225 
TYR 'L-peptide linking' y TYROSINE                 ? 'C9 H11 N O3'    181.189 
VAL 'L-peptide linking' y VALINE                   ? 'C5 H11 N O2'    117.146 
# 
_exptl.crystals_number   1 
_exptl.entry_id          3HUQ 
_exptl.method            'X-RAY DIFFRACTION' 
# 
_exptl_crystal.id                    1 
_exptl_crystal.density_Matthews      2.74 
_exptl_crystal.density_meas          ? 
_exptl_crystal.density_percent_sol   55.14 
_exptl_crystal.description           ? 
_exptl_crystal.F_000                 ? 
_exptl_crystal.preparation           ? 
# 
_exptl_crystal_grow.crystal_id      1 
_exptl_crystal_grow.method          'VAPOR DIFFUSION, HANGING DROP' 
_exptl_crystal_grow.pH              6.5 
_exptl_crystal_grow.temp            277 
_exptl_crystal_grow.pdbx_details    
;2.2M sodium-potassium phosphate, 0.05M beta-mercaptoethanol, 0.05M 2-hydroxyethyldisulfide, pH 6.5, vapor diffusion, hanging drop, temperature 277K
;
_exptl_crystal_grow.temp_details    ? 
_exptl_crystal_grow.pdbx_pH_range   ? 
# 
_diffrn.id                     1 
_diffrn.ambient_temp           296 
_diffrn.ambient_temp_details   ? 
_diffrn.crystal_id             1 
# 
_diffrn_detector.diffrn_id              1 
_diffrn_detector.detector               CCD 
_diffrn_detector.type                   'ADSC QUANTUM 315r' 
_diffrn_detector.pdbx_collection_date   2008-01-27 
_diffrn_detector.details                ? 
# 
_diffrn_radiation.diffrn_id                        1 
_diffrn_radiation.pdbx_diffrn_protocol             'SINGLE WAVELENGTH' 
_diffrn_radiation.monochromator                    ? 
_diffrn_radiation.wavelength_id                    1 
_diffrn_radiation.pdbx_monochromatic_or_laue_m_l   M 
_diffrn_radiation.pdbx_scattering_type             x-ray 
# 
_diffrn_radiation_wavelength.id           1 
_diffrn_radiation_wavelength.wavelength   1.11589 
_diffrn_radiation_wavelength.wt           1.0 
# 
_diffrn_source.diffrn_id                   1 
_diffrn_source.source                      SYNCHROTRON 
_diffrn_source.type                        'ALS BEAMLINE 8.3.1' 
_diffrn_source.pdbx_wavelength             ? 
_diffrn_source.pdbx_wavelength_list        1.11589 
_diffrn_source.pdbx_synchrotron_site       ALS 
_diffrn_source.pdbx_synchrotron_beamline   8.3.1 
# 
_reflns.entry_id                     3HUQ 
_reflns.d_resolution_high            1.450 
_reflns.number_obs                   36452 
_reflns.pdbx_Rmerge_I_obs            0.048 
_reflns.percent_possible_obs         99.700 
_reflns.B_iso_Wilson_estimate        17.051 
_reflns.observed_criterion_sigma_I   0 
_reflns.observed_criterion_sigma_F   0 
_reflns.d_resolution_low             30 
_reflns.number_all                   36452 
_reflns.pdbx_Rsym_value              ? 
_reflns.pdbx_netI_over_sigmaI        53.13 
_reflns.pdbx_redundancy              28.71 
_reflns.R_free_details               ? 
_reflns.limit_h_max                  ? 
_reflns.limit_h_min                  ? 
_reflns.limit_k_max                  ? 
_reflns.limit_k_min                  ? 
_reflns.limit_l_max                  ? 
_reflns.limit_l_min                  ? 
_reflns.observed_criterion_F_max     ? 
_reflns.observed_criterion_F_min     ? 
_reflns.pdbx_chi_squared             ? 
_reflns.pdbx_scaling_rejects         ? 
_reflns.pdbx_diffrn_id               1 
_reflns.pdbx_ordinal                 1 
# 
_reflns_shell.d_res_high             1.45 
_reflns_shell.d_res_low              1.54 
_reflns_shell.number_measured_obs    174474 
_reflns_shell.number_measured_all    ? 
_reflns_shell.number_unique_obs      5891 
_reflns_shell.Rmerge_I_obs           0.143 
_reflns_shell.meanI_over_sigI_obs    24.5 
_reflns_shell.pdbx_Rsym_value        ? 
_reflns_shell.pdbx_chi_squared       ? 
_reflns_shell.pdbx_redundancy        26.62 
_reflns_shell.percent_possible_obs   ? 
_reflns_shell.number_unique_all      5891 
_reflns_shell.percent_possible_all   98.70 
_reflns_shell.pdbx_diffrn_id         ? 
_reflns_shell.pdbx_ordinal           1 
# 
_refine.entry_id                                 3HUQ 
_refine.ls_d_res_high                            1.450 
_refine.ls_d_res_low                             27.460 
_refine.pdbx_ls_sigma_F                          0.00 
_refine.pdbx_data_cutoff_high_absF               ? 
_refine.pdbx_data_cutoff_low_absF                ? 
_refine.ls_percent_reflns_obs                    99.900 
_refine.ls_number_reflns_obs                     36450 
_refine.ls_number_reflns_all                     36450 
_refine.pdbx_ls_cross_valid_method               THROUGHOUT 
_refine.pdbx_R_Free_selection_details            RANDOM 
_refine.details                                  'HYDROGENS HAVE BEEN ADDED IN THE RIDING POSITIONS' 
_refine.ls_R_factor_all                          0.171 
_refine.ls_R_factor_obs                          0.171 
_refine.ls_R_factor_R_work                       0.170 
_refine.ls_wR_factor_R_work                      ? 
_refine.ls_R_factor_R_free                       0.189 
_refine.ls_wR_factor_R_free                      ? 
_refine.ls_percent_reflns_R_free                 5.000 
_refine.ls_number_reflns_R_free                  1830 
_refine.ls_R_factor_R_free_error                 ? 
_refine.B_iso_mean                               11.731 
_refine.solvent_model_param_bsol                 ? 
_refine.solvent_model_param_ksol                 ? 
_refine.pdbx_isotropic_thermal_model             ? 
_refine.aniso_B[1][1]                            0.110 
_refine.aniso_B[2][2]                            0.110 
_refine.aniso_B[3][3]                            -0.170 
_refine.aniso_B[1][2]                            0.060 
_refine.aniso_B[1][3]                            0.000 
_refine.aniso_B[2][3]                            0.000 
_refine.correlation_coeff_Fo_to_Fc               0.958 
_refine.correlation_coeff_Fo_to_Fc_free          0.946 
_refine.overall_SU_R_Cruickshank_DPI             ? 
_refine.overall_SU_R_free                        ? 
_refine.pdbx_overall_ESU_R                       0.061 
_refine.pdbx_overall_ESU_R_Free                  0.061 
_refine.overall_SU_ML                            0.036 
_refine.overall_SU_B                             0.894 
_refine.solvent_model_details                    MASK 
_refine.pdbx_solvent_vdw_probe_radii             1.200 
_refine.pdbx_solvent_ion_probe_radii             0.800 
_refine.pdbx_solvent_shrinkage_radii             0.800 
_refine.ls_number_parameters                     ? 
_refine.ls_number_restraints                     ? 
_refine.pdbx_starting_model                      'PDB ENTRY 1LGU' 
_refine.pdbx_method_to_determine_struct          REFMAC 
_refine.pdbx_stereochemistry_target_values       'MAXIMUM LIKELIHOOD' 
_refine.pdbx_stereochem_target_val_spec_case     ? 
_refine.overall_FOM_work_R_set                   ? 
_refine.B_iso_max                                48.13 
_refine.B_iso_min                                2.00 
_refine.occupancy_max                            1.00 
_refine.occupancy_min                            0.20 
_refine.pdbx_ls_sigma_I                          ? 
_refine.ls_redundancy_reflns_obs                 ? 
_refine.ls_R_factor_R_free_error_details         ? 
_refine.pdbx_data_cutoff_high_rms_absF           ? 
_refine.overall_FOM_free_R_set                   ? 
_refine.pdbx_overall_phase_error                 ? 
_refine.pdbx_refine_id                           'X-RAY DIFFRACTION' 
_refine.pdbx_diffrn_id                           1 
_refine.pdbx_TLS_residual_ADP_flag               ? 
_refine.pdbx_overall_SU_R_free_Cruickshank_DPI   ? 
_refine.pdbx_overall_SU_R_Blow_DPI               ? 
_refine.pdbx_overall_SU_R_free_Blow_DPI          ? 
# 
_refine_hist.pdbx_refine_id                   'X-RAY DIFFRACTION' 
_refine_hist.cycle_id                         LAST 
_refine_hist.pdbx_number_atoms_protein        1356 
_refine_hist.pdbx_number_atoms_nucleic_acid   0 
_refine_hist.pdbx_number_atoms_ligand         33 
_refine_hist.number_atoms_solvent             278 
_refine_hist.number_atoms_total               1667 
_refine_hist.d_res_high                       1.450 
_refine_hist.d_res_low                        27.460 
# 
loop_
_refine_ls_restr.type 
_refine_ls_restr.number 
_refine_ls_restr.dev_ideal 
_refine_ls_restr.dev_ideal_target 
_refine_ls_restr.weight 
_refine_ls_restr.pdbx_refine_id 
_refine_ls_restr.pdbx_restraint_function 
r_bond_refined_d         1419 0.008  0.022  ? 'X-RAY DIFFRACTION' ? 
r_angle_refined_deg      1920 1.308  1.973  ? 'X-RAY DIFFRACTION' ? 
r_dihedral_angle_1_deg   181  4.626  5.000  ? 'X-RAY DIFFRACTION' ? 
r_dihedral_angle_2_deg   70   32.903 23.429 ? 'X-RAY DIFFRACTION' ? 
r_dihedral_angle_3_deg   266  9.409  15.000 ? 'X-RAY DIFFRACTION' ? 
r_dihedral_angle_4_deg   15   11.708 15.000 ? 'X-RAY DIFFRACTION' ? 
r_chiral_restr           207  0.068  0.200  ? 'X-RAY DIFFRACTION' ? 
r_gen_planes_refined     1074 0.004  0.020  ? 'X-RAY DIFFRACTION' ? 
r_nbd_refined            748  0.222  0.200  ? 'X-RAY DIFFRACTION' ? 
r_nbtor_refined          963  0.314  0.200  ? 'X-RAY DIFFRACTION' ? 
r_xyhbond_nbd_refined    242  0.138  0.200  ? 'X-RAY DIFFRACTION' ? 
r_symmetry_vdw_refined   47   0.149  0.200  ? 'X-RAY DIFFRACTION' ? 
r_symmetry_hbond_refined 33   0.117  0.200  ? 'X-RAY DIFFRACTION' ? 
r_mcbond_it              855  0.512  1.500  ? 'X-RAY DIFFRACTION' ? 
r_mcangle_it             1349 0.862  2.000  ? 'X-RAY DIFFRACTION' ? 
r_scbond_it              642  1.380  3.000  ? 'X-RAY DIFFRACTION' ? 
r_scangle_it             560  2.005  4.500  ? 'X-RAY DIFFRACTION' ? 
# 
_refine_ls_shell.d_res_high                       1.45 
_refine_ls_shell.d_res_low                        1.489 
_refine_ls_shell.pdbx_total_number_of_bins_used   20 
_refine_ls_shell.percent_reflns_obs               100.000 
_refine_ls_shell.number_reflns_R_work             2510 
_refine_ls_shell.R_factor_all                     ? 
_refine_ls_shell.R_factor_R_work                  0.173 
_refine_ls_shell.R_factor_R_free                  0.243 
_refine_ls_shell.percent_reflns_R_free            ? 
_refine_ls_shell.number_reflns_R_free             138 
_refine_ls_shell.R_factor_R_free_error            ? 
_refine_ls_shell.number_reflns_all                2648 
_refine_ls_shell.number_reflns_obs                2510 
_refine_ls_shell.redundancy_reflns_obs            ? 
_refine_ls_shell.pdbx_refine_id                   'X-RAY DIFFRACTION' 
# 
_struct.entry_id                  3HUQ 
_struct.title                     'Thieno[3,2-b]thiophene in complex with T4 lysozyme L99A/M102Q' 
_struct.pdbx_model_details        ? 
_struct.pdbx_CASP_flag            ? 
_struct.pdbx_model_type_details   ? 
# 
_struct_keywords.entry_id        3HUQ 
_struct_keywords.text            'HYDROLASE, GLYCOSIDASE, BACTERIOLYTIC ENZYME, Antimicrobial' 
_struct_keywords.pdbx_keywords   HYDROLASE 
# 
loop_
_struct_asym.id 
_struct_asym.pdbx_blank_PDB_chainid_flag 
_struct_asym.pdbx_modified 
_struct_asym.entity_id 
_struct_asym.details 
A N N 1 ? 
B N N 2 ? 
C N N 3 ? 
D N N 4 ? 
E N N 4 ? 
F N N 4 ? 
G N N 5 ? 
# 
_struct_biol.id        1 
_struct_biol.details   ? 
# 
loop_
_struct_conf.conf_type_id 
_struct_conf.id 
_struct_conf.pdbx_PDB_helix_id 
_struct_conf.beg_label_comp_id 
_struct_conf.beg_label_asym_id 
_struct_conf.beg_label_seq_id 
_struct_conf.pdbx_beg_PDB_ins_code 
_struct_conf.end_label_comp_id 
_struct_conf.end_label_asym_id 
_struct_conf.end_label_seq_id 
_struct_conf.pdbx_end_PDB_ins_code 
_struct_conf.beg_auth_comp_id 
_struct_conf.beg_auth_asym_id 
_struct_conf.beg_auth_seq_id 
_struct_conf.end_auth_comp_id 
_struct_conf.end_auth_asym_id 
_struct_conf.end_auth_seq_id 
_struct_conf.pdbx_PDB_helix_class 
_struct_conf.details 
_struct_conf.pdbx_PDB_helix_length 
HELX_P HELX_P1  1  ASN A 2   ? GLY A 12  ? ASN A 2   GLY A 12  1 ? 11 
HELX_P HELX_P2  2  ASP A 38  ? GLY A 51  ? ASP A 38  GLY A 51  1 ? 14 
HELX_P HELX_P3  3  THR A 59  ? ASN A 81  ? THR A 59  ASN A 81  1 ? 23 
HELX_P HELX_P4  4  LYS A 83  ? LEU A 91  ? LYS A 83  LEU A 91  1 ? 9  
HELX_P HELX_P5  5  ASP A 92  ? ALA A 112 ? ASP A 92  ALA A 112 1 ? 21 
HELX_P HELX_P6  6  PHE A 114 ? GLN A 123 ? PHE A 114 GLN A 123 1 ? 10 
HELX_P HELX_P7  7  ARG A 125 ? LYS A 135 ? ARG A 125 LYS A 135 1 ? 11 
HELX_P HELX_P8  8  SER A 136 ? THR A 142 ? SER A 136 THR A 142 1 ? 7  
HELX_P HELX_P9  9  THR A 142 ? GLY A 156 ? THR A 142 GLY A 156 1 ? 15 
HELX_P HELX_P10 10 TRP A 158 ? LYS A 162 ? TRP A 158 LYS A 162 5 ? 5  
# 
_struct_conf_type.id          HELX_P 
_struct_conf_type.criteria    ? 
_struct_conf_type.reference   ? 
# 
_struct_sheet.id               A 
_struct_sheet.type             ? 
_struct_sheet.number_strands   3 
_struct_sheet.details          ? 
# 
loop_
_struct_sheet_order.sheet_id 
_struct_sheet_order.range_id_1 
_struct_sheet_order.range_id_2 
_struct_sheet_order.offset 
_struct_sheet_order.sense 
A 1 2 ? anti-parallel 
A 2 3 ? anti-parallel 
# 
loop_
_struct_sheet_range.sheet_id 
_struct_sheet_range.id 
_struct_sheet_range.beg_label_comp_id 
_struct_sheet_range.beg_label_asym_id 
_struct_sheet_range.beg_label_seq_id 
_struct_sheet_range.pdbx_beg_PDB_ins_code 
_struct_sheet_range.end_label_comp_id 
_struct_sheet_range.end_label_asym_id 
_struct_sheet_range.end_label_seq_id 
_struct_sheet_range.pdbx_end_PDB_ins_code 
_struct_sheet_range.beg_auth_comp_id 
_struct_sheet_range.beg_auth_asym_id 
_struct_sheet_range.beg_auth_seq_id 
_struct_sheet_range.end_auth_comp_id 
_struct_sheet_range.end_auth_asym_id 
_struct_sheet_range.end_auth_seq_id 
A 1 ARG A 14 ? LYS A 19 ? ARG A 14 LYS A 19 
A 2 TYR A 25 ? GLY A 28 ? TYR A 25 GLY A 28 
A 3 HIS A 31 ? LEU A 32 ? HIS A 31 LEU A 32 
# 
loop_
_pdbx_struct_sheet_hbond.sheet_id 
_pdbx_struct_sheet_hbond.range_id_1 
_pdbx_struct_sheet_hbond.range_id_2 
_pdbx_struct_sheet_hbond.range_1_label_atom_id 
_pdbx_struct_sheet_hbond.range_1_label_comp_id 
_pdbx_struct_sheet_hbond.range_1_label_asym_id 
_pdbx_struct_sheet_hbond.range_1_label_seq_id 
_pdbx_struct_sheet_hbond.range_1_PDB_ins_code 
_pdbx_struct_sheet_hbond.range_1_auth_atom_id 
_pdbx_struct_sheet_hbond.range_1_auth_comp_id 
_pdbx_struct_sheet_hbond.range_1_auth_asym_id 
_pdbx_struct_sheet_hbond.range_1_auth_seq_id 
_pdbx_struct_sheet_hbond.range_2_label_atom_id 
_pdbx_struct_sheet_hbond.range_2_label_comp_id 
_pdbx_struct_sheet_hbond.range_2_label_asym_id 
_pdbx_struct_sheet_hbond.range_2_label_seq_id 
_pdbx_struct_sheet_hbond.range_2_PDB_ins_code 
_pdbx_struct_sheet_hbond.range_2_auth_atom_id 
_pdbx_struct_sheet_hbond.range_2_auth_comp_id 
_pdbx_struct_sheet_hbond.range_2_auth_asym_id 
_pdbx_struct_sheet_hbond.range_2_auth_seq_id 
A 1 2 N TYR A 18 ? N TYR A 18 O THR A 26 ? O THR A 26 
A 2 3 N ILE A 27 ? N ILE A 27 O HIS A 31 ? O HIS A 31 
# 
loop_
_struct_site.id 
_struct_site.pdbx_evidence_code 
_struct_site.pdbx_auth_asym_id 
_struct_site.pdbx_auth_comp_id 
_struct_site.pdbx_auth_seq_id 
_struct_site.pdbx_auth_ins_code 
_struct_site.pdbx_num_residues 
_struct_site.details 
AC1 Software A PO4 163 ? 10 'BINDING SITE FOR RESIDUE PO4 A 163' 
AC2 Software A J1Z 164 ? 8  'BINDING SITE FOR RESIDUE J1Z A 164' 
AC3 Software A BME 165 ? 6  'BINDING SITE FOR RESIDUE BME A 165' 
AC4 Software A BME 166 ? 6  'BINDING SITE FOR RESIDUE BME A 166' 
AC5 Software A BME 167 ? 8  'BINDING SITE FOR RESIDUE BME A 167' 
# 
loop_
_struct_site_gen.id 
_struct_site_gen.site_id 
_struct_site_gen.pdbx_num_res 
_struct_site_gen.label_comp_id 
_struct_site_gen.label_asym_id 
_struct_site_gen.label_seq_id 
_struct_site_gen.pdbx_auth_ins_code 
_struct_site_gen.auth_comp_id 
_struct_site_gen.auth_asym_id 
_struct_site_gen.auth_seq_id 
_struct_site_gen.label_atom_id 
_struct_site_gen.label_alt_id 
_struct_site_gen.symmetry 
_struct_site_gen.details 
1  AC1 10 LYS A 19  ? LYS A 19  . ? 1_555 ? 
2  AC1 10 ARG A 125 ? ARG A 125 . ? 6_664 ? 
3  AC1 10 TRP A 126 ? TRP A 126 . ? 6_664 ? 
4  AC1 10 ASP A 127 ? ASP A 127 . ? 6_664 ? 
5  AC1 10 GLU A 128 ? GLU A 128 . ? 6_664 ? 
6  AC1 10 HOH G .   ? HOH A 211 . ? 1_555 ? 
7  AC1 10 HOH G .   ? HOH A 218 . ? 1_555 ? 
8  AC1 10 HOH G .   ? HOH A 228 . ? 1_555 ? 
9  AC1 10 HOH G .   ? HOH A 314 . ? 1_555 ? 
10 AC1 10 HOH G .   ? HOH A 343 . ? 6_664 ? 
11 AC2 8  LEU A 84  ? LEU A 84  . ? 1_555 ? 
12 AC2 8  ALA A 99  ? ALA A 99  . ? 1_555 ? 
13 AC2 8  GLN A 102 ? GLN A 102 . ? 1_555 ? 
14 AC2 8  VAL A 103 ? VAL A 103 . ? 1_555 ? 
15 AC2 8  VAL A 111 ? VAL A 111 . ? 1_555 ? 
16 AC2 8  LEU A 118 ? LEU A 118 . ? 1_555 ? 
17 AC2 8  LEU A 121 ? LEU A 121 . ? 1_555 ? 
18 AC2 8  PHE A 153 ? PHE A 153 . ? 1_555 ? 
19 AC3 6  ASN A 68  ? ASN A 68  . ? 4_645 ? 
20 AC3 6  VAL A 75  ? VAL A 75  . ? 4_645 ? 
21 AC3 6  HOH G .   ? HOH A 213 . ? 4_645 ? 
22 AC3 6  HOH G .   ? HOH A 213 . ? 1_555 ? 
23 AC3 6  HOH G .   ? HOH A 381 . ? 1_555 ? 
24 AC3 6  HOH G .   ? HOH A 413 . ? 1_555 ? 
25 AC4 6  ASP A 72  ? ASP A 72  . ? 4_645 ? 
26 AC4 6  VAL A 75  ? VAL A 75  . ? 1_555 ? 
27 AC4 6  VAL A 75  ? VAL A 75  . ? 4_645 ? 
28 AC4 6  ARG A 76  ? ARG A 76  . ? 4_645 ? 
29 AC4 6  LEU A 79  ? LEU A 79  . ? 4_645 ? 
30 AC4 6  TYR A 88  ? TYR A 88  . ? 1_555 ? 
31 AC5 8  GLY A 30  ? GLY A 30  . ? 1_555 ? 
32 AC5 8  HIS A 31  ? HIS A 31  . ? 1_555 ? 
33 AC5 8  LEU A 32  ? LEU A 32  . ? 1_555 ? 
34 AC5 8  ASP A 70  ? ASP A 70  . ? 1_555 ? 
35 AC5 8  HOH G .   ? HOH A 198 . ? 3_655 ? 
36 AC5 8  HOH G .   ? HOH A 278 . ? 1_555 ? 
37 AC5 8  HOH G .   ? HOH A 279 . ? 1_555 ? 
38 AC5 8  HOH G .   ? HOH A 418 . ? 1_555 ? 
# 
_atom_sites.entry_id                    3HUQ 
_atom_sites.fract_transf_matrix[1][1]   0.00779178 
_atom_sites.fract_transf_matrix[1][2]   -0.01180011 
_atom_sites.fract_transf_matrix[1][3]   0.01302604 
_atom_sites.fract_transf_matrix[2][1]   0.00081899 
_atom_sites.fract_transf_matrix[2][2]   -0.01890099 
_atom_sites.fract_transf_matrix[2][3]   -0.00342358 
_atom_sites.fract_transf_matrix[3][1]   0.00923076 
_atom_sites.fract_transf_matrix[3][2]   0.00120275 
_atom_sites.fract_transf_matrix[3][3]   -0.00443200 
_atom_sites.fract_transf_vector[1]      0.461487 
_atom_sites.fract_transf_vector[2]      -0.321102 
_atom_sites.fract_transf_vector[3]      -0.066508 
# 
loop_
_atom_type.symbol 
C 
N 
O 
P 
S 
# 
loop_
_atom_site.group_PDB 
_atom_site.id 
_atom_site.type_symbol 
_atom_site.label_atom_id 
_atom_site.label_alt_id 
_atom_site.label_comp_id 
_atom_site.label_asym_id 
_atom_site.label_entity_id 
_atom_site.label_seq_id 
_atom_site.pdbx_PDB_ins_code 
_atom_site.Cartn_x 
_atom_site.Cartn_y 
_atom_site.Cartn_z 
_atom_site.occupancy 
_atom_site.B_iso_or_equiv 
_atom_site.pdbx_formal_charge 
_atom_site.auth_seq_id 
_atom_site.auth_comp_id 
_atom_site.auth_asym_id 
_atom_site.auth_atom_id 
_atom_site.pdbx_PDB_model_num 
ATOM   1    N N   . MET A 1 1   ? 7.091   -3.290  15.239  1.00 11.19 ? 1   MET A N   1 
ATOM   2    C CA  A MET A 1 1   ? 6.358   -3.035  13.961  0.50 10.44 ? 1   MET A CA  1 
ATOM   3    C CA  B MET A 1 1   ? 6.405   -3.060  13.943  0.50 10.33 ? 1   MET A CA  1 
ATOM   4    C C   . MET A 1 1   ? 6.603   -1.627  13.445  1.00 10.06 ? 1   MET A C   1 
ATOM   5    O O   . MET A 1 1   ? 6.703   -0.684  14.227  1.00 10.72 ? 1   MET A O   1 
ATOM   6    C CB  A MET A 1 1   ? 4.853   -3.231  14.154  0.50 10.76 ? 1   MET A CB  1 
ATOM   7    C CB  B MET A 1 1   ? 4.920   -3.402  14.089  0.50 10.54 ? 1   MET A CB  1 
ATOM   8    C CG  A MET A 1 1   ? 4.375   -4.673  14.224  0.50 11.21 ? 1   MET A CG  1 
ATOM   9    C CG  B MET A 1 1   ? 4.134   -3.472  12.795  0.50 10.63 ? 1   MET A CG  1 
ATOM   10   S SD  A MET A 1 1   ? 4.761   -5.658  12.763  0.50 12.10 ? 1   MET A SD  1 
ATOM   11   S SD  B MET A 1 1   ? 4.658   -4.678  11.568  0.50 10.17 ? 1   MET A SD  1 
ATOM   12   C CE  A MET A 1 1   ? 3.927   -4.737  11.478  0.50 12.42 ? 1   MET A CE  1 
ATOM   13   C CE  B MET A 1 1   ? 4.688   -6.186  12.532  0.50 11.78 ? 1   MET A CE  1 
ATOM   14   N N   . ASN A 1 2   ? 6.691   -1.490  12.127  1.00 8.90  ? 2   ASN A N   1 
ATOM   15   C CA  . ASN A 1 2   ? 6.802   -0.211  11.452  1.00 8.11  ? 2   ASN A CA  1 
ATOM   16   C C   . ASN A 1 2   ? 6.218   -0.404  10.057  1.00 7.56  ? 2   ASN A C   1 
ATOM   17   O O   . ASN A 1 2   ? 5.844   -1.519  9.703   1.00 7.04  ? 2   ASN A O   1 
ATOM   18   C CB  . ASN A 1 2   ? 8.267   0.259   11.412  1.00 8.17  ? 2   ASN A CB  1 
ATOM   19   C CG  . ASN A 1 2   ? 9.184   -0.733  10.728  1.00 8.01  ? 2   ASN A CG  1 
ATOM   20   O OD1 . ASN A 1 2   ? 8.953   -1.133  9.581   1.00 7.42  ? 2   ASN A OD1 1 
ATOM   21   N ND2 . ASN A 1 2   ? 10.243  -1.132  11.421  1.00 8.11  ? 2   ASN A ND2 1 
ATOM   22   N N   . ILE A 1 3   ? 6.153   0.660   9.275   1.00 7.19  ? 3   ILE A N   1 
ATOM   23   C CA  . ILE A 1 3   ? 5.521   0.594   7.962   1.00 6.83  ? 3   ILE A CA  1 
ATOM   24   C C   . ILE A 1 3   ? 6.182   -0.428  7.032   1.00 7.05  ? 3   ILE A C   1 
ATOM   25   O O   . ILE A 1 3   ? 5.494   -1.090  6.247   1.00 7.00  ? 3   ILE A O   1 
ATOM   26   C CB  . ILE A 1 3   ? 5.444   1.999   7.303   1.00 6.71  ? 3   ILE A CB  1 
ATOM   27   C CG1 . ILE A 1 3   ? 4.668   1.953   5.984   1.00 6.40  ? 3   ILE A CG1 1 
ATOM   28   C CG2 . ILE A 1 3   ? 6.839   2.598   7.101   1.00 7.53  ? 3   ILE A CG2 1 
ATOM   29   C CD1 . ILE A 1 3   ? 3.241   1.381   6.099   1.00 6.99  ? 3   ILE A CD1 1 
ATOM   30   N N   . PHE A 1 4   ? 7.503   -0.567  7.116   1.00 6.38  ? 4   PHE A N   1 
ATOM   31   C CA  . PHE A 1 4   ? 8.182   -1.554  6.273   1.00 6.65  ? 4   PHE A CA  1 
ATOM   32   C C   . PHE A 1 4   ? 7.803   -2.977  6.642   1.00 6.82  ? 4   PHE A C   1 
ATOM   33   O O   . PHE A 1 4   ? 7.489   -3.780  5.771   1.00 7.38  ? 4   PHE A O   1 
ATOM   34   C CB  . PHE A 1 4   ? 9.700   -1.345  6.291   1.00 7.21  ? 4   PHE A CB  1 
ATOM   35   C CG  . PHE A 1 4   ? 10.119  -0.080  5.608   1.00 7.25  ? 4   PHE A CG  1 
ATOM   36   C CD1 . PHE A 1 4   ? 10.214  1.107   6.318   1.00 8.74  ? 4   PHE A CD1 1 
ATOM   37   C CD2 . PHE A 1 4   ? 10.375  -0.063  4.239   1.00 9.60  ? 4   PHE A CD2 1 
ATOM   38   C CE1 . PHE A 1 4   ? 10.578  2.283   5.683   1.00 9.62  ? 4   PHE A CE1 1 
ATOM   39   C CE2 . PHE A 1 4   ? 10.750  1.114   3.606   1.00 10.87 ? 4   PHE A CE2 1 
ATOM   40   C CZ  . PHE A 1 4   ? 10.847  2.284   4.336   1.00 9.78  ? 4   PHE A CZ  1 
ATOM   41   N N   . GLU A 1 5   ? 7.824   -3.295  7.931   1.00 6.77  ? 5   GLU A N   1 
ATOM   42   C CA  A GLU A 1 5   ? 7.445   -4.631  8.386   0.50 6.98  ? 5   GLU A CA  1 
ATOM   43   C CA  B GLU A 1 5   ? 7.450   -4.631  8.382   0.50 7.30  ? 5   GLU A CA  1 
ATOM   44   C C   . GLU A 1 5   ? 5.981   -4.933  8.069   1.00 6.96  ? 5   GLU A C   1 
ATOM   45   O O   . GLU A 1 5   ? 5.640   -6.044  7.685   1.00 7.32  ? 5   GLU A O   1 
ATOM   46   C CB  A GLU A 1 5   ? 7.692   -4.782  9.884   0.50 7.29  ? 5   GLU A CB  1 
ATOM   47   C CB  B GLU A 1 5   ? 7.740   -4.795  9.877   0.50 7.41  ? 5   GLU A CB  1 
ATOM   48   C CG  A GLU A 1 5   ? 9.155   -4.925  10.265  0.50 7.79  ? 5   GLU A CG  1 
ATOM   49   C CG  B GLU A 1 5   ? 9.194   -4.502  10.237  0.50 8.05  ? 5   GLU A CG  1 
ATOM   50   C CD  A GLU A 1 5   ? 9.343   -5.082  11.759  0.50 9.66  ? 5   GLU A CD  1 
ATOM   51   C CD  B GLU A 1 5   ? 9.532   -4.789  11.687  0.50 8.75  ? 5   GLU A CD  1 
ATOM   52   O OE1 A GLU A 1 5   ? 8.496   -5.749  12.389  0.50 9.68  ? 5   GLU A OE1 1 
ATOM   53   O OE1 B GLU A 1 5   ? 8.647   -4.647  12.557  0.50 10.92 ? 5   GLU A OE1 1 
ATOM   54   O OE2 A GLU A 1 5   ? 10.333  -4.539  12.301  0.50 9.57  ? 5   GLU A OE2 1 
ATOM   55   O OE2 B GLU A 1 5   ? 10.699  -5.154  11.954  0.50 9.04  ? 5   GLU A OE2 1 
ATOM   56   N N   . MET A 1 6   ? 5.125   -3.928  8.223   1.00 6.34  ? 6   MET A N   1 
ATOM   57   C CA  . MET A 1 6   ? 3.694   -4.074  7.964   1.00 6.26  ? 6   MET A CA  1 
ATOM   58   C C   . MET A 1 6   ? 3.420   -4.369  6.493   1.00 6.56  ? 6   MET A C   1 
ATOM   59   O O   . MET A 1 6   ? 2.714   -5.328  6.153   1.00 6.75  ? 6   MET A O   1 
ATOM   60   C CB  . MET A 1 6   ? 2.986   -2.788  8.373   1.00 6.48  ? 6   MET A CB  1 
ATOM   61   C CG  . MET A 1 6   ? 1.481   -2.828  8.216   1.00 6.35  ? 6   MET A CG  1 
ATOM   62   S SD  . MET A 1 6   ? 0.879   -1.139  8.142   1.00 6.29  ? 6   MET A SD  1 
ATOM   63   C CE  . MET A 1 6   ? -0.839  -1.332  8.635   1.00 7.57  ? 6   MET A CE  1 
ATOM   64   N N   . LEU A 1 7   ? 3.965   -3.539  5.612   1.00 6.31  ? 7   LEU A N   1 
ATOM   65   C CA  . LEU A 1 7   ? 3.777   -3.783  4.184   1.00 6.16  ? 7   LEU A CA  1 
ATOM   66   C C   . LEU A 1 7   ? 4.474   -5.048  3.710   1.00 6.66  ? 7   LEU A C   1 
ATOM   67   O O   . LEU A 1 7   ? 3.988   -5.704  2.782   1.00 7.05  ? 7   LEU A O   1 
ATOM   68   C CB  . LEU A 1 7   ? 4.213   -2.573  3.360   1.00 6.18  ? 7   LEU A CB  1 
ATOM   69   C CG  . LEU A 1 7   ? 3.120   -1.513  3.238   1.00 5.50  ? 7   LEU A CG  1 
ATOM   70   C CD1 . LEU A 1 7   ? 3.693   -0.195  2.742   1.00 7.70  ? 7   LEU A CD1 1 
ATOM   71   C CD2 . LEU A 1 7   ? 2.005   -2.000  2.322   1.00 5.55  ? 7   LEU A CD2 1 
ATOM   72   N N   . ARG A 1 8   ? 5.600   -5.403  4.324   1.00 6.69  ? 8   ARG A N   1 
ATOM   73   C CA  . ARG A 1 8   ? 6.252   -6.666  3.986   1.00 7.30  ? 8   ARG A CA  1 
ATOM   74   C C   . ARG A 1 8   ? 5.338   -7.862  4.271   1.00 7.75  ? 8   ARG A C   1 
ATOM   75   O O   . ARG A 1 8   ? 5.280   -8.814  3.486   1.00 7.88  ? 8   ARG A O   1 
ATOM   76   C CB  . ARG A 1 8   ? 7.591   -6.795  4.717   1.00 7.66  ? 8   ARG A CB  1 
ATOM   77   C CG  . ARG A 1 8   ? 8.252   -8.154  4.614   1.00 8.65  ? 8   ARG A CG  1 
ATOM   78   C CD  . ARG A 1 8   ? 8.628   -8.546  3.192   1.00 10.01 ? 8   ARG A CD  1 
ATOM   79   N NE  . ARG A 1 8   ? 9.234   -9.878  3.175   1.00 10.92 ? 8   ARG A NE  1 
ATOM   80   C CZ  . ARG A 1 8   ? 8.542   -11.015 3.181   1.00 12.42 ? 8   ARG A CZ  1 
ATOM   81   N NH1 . ARG A 1 8   ? 7.215   -10.999 3.192   1.00 12.83 ? 8   ARG A NH1 1 
ATOM   82   N NH2 . ARG A 1 8   ? 9.180   -12.183 3.175   1.00 13.88 ? 8   ARG A NH2 1 
ATOM   83   N N   . ILE A 1 9   ? 4.608   -7.813  5.379   1.00 7.25  ? 9   ILE A N   1 
ATOM   84   C CA  . ILE A 1 9   ? 3.640   -8.869  5.678   1.00 7.63  ? 9   ILE A CA  1 
ATOM   85   C C   . ILE A 1 9   ? 2.510   -8.865  4.651   1.00 7.60  ? 9   ILE A C   1 
ATOM   86   O O   . ILE A 1 9   ? 2.126   -9.917  4.120   1.00 8.39  ? 9   ILE A O   1 
ATOM   87   C CB  . ILE A 1 9   ? 3.071   -8.693  7.103   1.00 7.96  ? 9   ILE A CB  1 
ATOM   88   C CG1 . ILE A 1 9   ? 4.125   -9.112  8.131   1.00 8.10  ? 9   ILE A CG1 1 
ATOM   89   C CG2 . ILE A 1 9   ? 1.759   -9.466  7.293   1.00 8.50  ? 9   ILE A CG2 1 
ATOM   90   C CD1 . ILE A 1 9   ? 3.870   -8.596  9.521   1.00 9.41  ? 9   ILE A CD1 1 
ATOM   91   N N   . ASP A 1 10  ? 1.970   -7.686  4.360   1.00 7.05  ? 10  ASP A N   1 
ATOM   92   C CA  . ASP A 1 10  ? 0.806   -7.607  3.487   1.00 7.35  ? 10  ASP A CA  1 
ATOM   93   C C   . ASP A 1 10  ? 1.104   -7.897  2.024   1.00 7.68  ? 10  ASP A C   1 
ATOM   94   O O   . ASP A 1 10  ? 0.241   -8.409  1.317   1.00 8.79  ? 10  ASP A O   1 
ATOM   95   C CB  . ASP A 1 10  ? 0.117   -6.249  3.616   1.00 6.69  ? 10  ASP A CB  1 
ATOM   96   C CG  . ASP A 1 10  ? -0.656  -6.115  4.902   1.00 7.24  ? 10  ASP A CG  1 
ATOM   97   O OD1 . ASP A 1 10  ? -1.039  -7.149  5.487   1.00 7.64  ? 10  ASP A OD1 1 
ATOM   98   O OD2 . ASP A 1 10  ? -0.876  -4.968  5.331   1.00 7.56  ? 10  ASP A OD2 1 
ATOM   99   N N   . GLU A 1 11  ? 2.306   -7.556  1.578   1.00 7.44  ? 11  GLU A N   1 
ATOM   100  C CA  . GLU A 1 11  ? 2.663   -7.671  0.163   1.00 7.37  ? 11  GLU A CA  1 
ATOM   101  C C   . GLU A 1 11  ? 3.478   -8.905  -0.188  1.00 7.56  ? 11  GLU A C   1 
ATOM   102  O O   . GLU A 1 11  ? 3.510   -9.295  -1.354  1.00 8.42  ? 11  GLU A O   1 
ATOM   103  C CB  . GLU A 1 11  ? 3.419   -6.421  -0.295  1.00 8.00  ? 11  GLU A CB  1 
ATOM   104  C CG  . GLU A 1 11  ? 2.601   -5.128  -0.241  1.00 7.39  ? 11  GLU A CG  1 
ATOM   105  C CD  . GLU A 1 11  ? 1.454   -5.078  -1.248  1.00 9.79  ? 11  GLU A CD  1 
ATOM   106  O OE1 . GLU A 1 11  ? 1.361   -5.965  -2.127  1.00 11.30 ? 11  GLU A OE1 1 
ATOM   107  O OE2 . GLU A 1 11  ? 0.638   -4.142  -1.163  1.00 9.81  ? 11  GLU A OE2 1 
ATOM   108  N N   . GLY A 1 12  ? 4.154   -9.499  0.799   1.00 7.67  ? 12  GLY A N   1 
ATOM   109  C CA  . GLY A 1 12  ? 5.046   -10.622 0.533   1.00 8.02  ? 12  GLY A CA  1 
ATOM   110  C C   . GLY A 1 12  ? 6.339   -10.178 -0.121  1.00 8.50  ? 12  GLY A C   1 
ATOM   111  O O   . GLY A 1 12  ? 6.589   -8.981  -0.310  1.00 8.40  ? 12  GLY A O   1 
ATOM   112  N N   . LEU A 1 13  ? 7.155   -11.157 -0.480  1.00 8.69  ? 13  LEU A N   1 
ATOM   113  C CA  . LEU A 1 13  ? 8.379   -10.905 -1.221  1.00 9.51  ? 13  LEU A CA  1 
ATOM   114  C C   . LEU A 1 13  ? 8.544   -12.005 -2.252  1.00 9.18  ? 13  LEU A C   1 
ATOM   115  O O   . LEU A 1 13  ? 8.663   -13.183 -1.906  1.00 9.78  ? 13  LEU A O   1 
ATOM   116  C CB  . LEU A 1 13  ? 9.592   -10.843 -0.279  1.00 9.40  ? 13  LEU A CB  1 
ATOM   117  C CG  . LEU A 1 13  ? 10.994  -10.877 -0.910  1.00 10.61 ? 13  LEU A CG  1 
ATOM   118  C CD1 . LEU A 1 13  ? 11.268  -9.624  -1.731  1.00 12.94 ? 13  LEU A CD1 1 
ATOM   119  C CD2 . LEU A 1 13  ? 12.074  -11.070 0.158   1.00 11.77 ? 13  LEU A CD2 1 
ATOM   120  N N   . ARG A 1 14  ? 8.529   -11.616 -3.519  1.00 9.26  ? 14  ARG A N   1 
ATOM   121  C CA  . ARG A 1 14  ? 8.741   -12.562 -4.609  1.00 9.73  ? 14  ARG A CA  1 
ATOM   122  C C   . ARG A 1 14  ? 9.758   -11.961 -5.571  1.00 9.19  ? 14  ARG A C   1 
ATOM   123  O O   . ARG A 1 14  ? 9.666   -10.787 -5.926  1.00 9.21  ? 14  ARG A O   1 
ATOM   124  C CB  . ARG A 1 14  ? 7.407   -12.896 -5.291  1.00 9.79  ? 14  ARG A CB  1 
ATOM   125  C CG  . ARG A 1 14  ? 6.370   -13.481 -4.292  1.00 11.32 ? 14  ARG A CG  1 
ATOM   126  C CD  . ARG A 1 14  ? 5.078   -13.930 -4.940  1.00 11.90 ? 14  ARG A CD  1 
ATOM   127  N NE  . ARG A 1 14  ? 5.302   -15.113 -5.763  1.00 14.77 ? 14  ARG A NE  1 
ATOM   128  C CZ  . ARG A 1 14  ? 4.381   -15.680 -6.535  1.00 16.13 ? 14  ARG A CZ  1 
ATOM   129  N NH1 . ARG A 1 14  ? 3.154   -15.181 -6.597  1.00 15.47 ? 14  ARG A NH1 1 
ATOM   130  N NH2 . ARG A 1 14  ? 4.701   -16.746 -7.252  1.00 18.04 ? 14  ARG A NH2 1 
ATOM   131  N N   . LEU A 1 15  ? 10.742  -12.761 -5.974  1.00 9.48  ? 15  LEU A N   1 
ATOM   132  C CA  . LEU A 1 15  ? 11.877  -12.247 -6.741  1.00 9.80  ? 15  LEU A CA  1 
ATOM   133  C C   . LEU A 1 15  ? 11.709  -12.386 -8.256  1.00 9.70  ? 15  LEU A C   1 
ATOM   134  O O   . LEU A 1 15  ? 12.509  -11.861 -9.023  1.00 10.25 ? 15  LEU A O   1 
ATOM   135  C CB  . LEU A 1 15  ? 13.185  -12.898 -6.262  1.00 10.00 ? 15  LEU A CB  1 
ATOM   136  C CG  . LEU A 1 15  ? 13.533  -12.674 -4.784  1.00 11.37 ? 15  LEU A CG  1 
ATOM   137  C CD1 . LEU A 1 15  ? 14.875  -13.315 -4.443  1.00 13.02 ? 15  LEU A CD1 1 
ATOM   138  C CD2 . LEU A 1 15  ? 13.543  -11.198 -4.411  1.00 13.01 ? 15  LEU A CD2 1 
ATOM   139  N N   . LYS A 1 16  ? 10.657  -13.081 -8.673  1.00 9.66  ? 16  LYS A N   1 
ATOM   140  C CA  . LYS A 1 16  ? 10.307  -13.220 -10.086 1.00 10.20 ? 16  LYS A CA  1 
ATOM   141  C C   . LYS A 1 16  ? 8.989   -12.507 -10.347 1.00 9.61  ? 16  LYS A C   1 
ATOM   142  O O   . LYS A 1 16  ? 8.129   -12.440 -9.464  1.00 9.60  ? 16  LYS A O   1 
ATOM   143  C CB  . LYS A 1 16  ? 10.143  -14.695 -10.461 1.00 10.40 ? 16  LYS A CB  1 
ATOM   144  C CG  . LYS A 1 16  ? 11.386  -15.563 -10.254 1.00 12.71 ? 16  LYS A CG  1 
ATOM   145  C CD  . LYS A 1 16  ? 11.120  -17.029 -10.599 0.50 11.68 ? 16  LYS A CD  1 
ATOM   146  C CE  . LYS A 1 16  ? 10.382  -17.754 -9.483  0.50 14.38 ? 16  LYS A CE  1 
ATOM   147  N NZ  . LYS A 1 16  ? 11.272  -18.038 -8.325  0.50 16.84 ? 16  LYS A NZ  1 
ATOM   148  N N   . ILE A 1 17  ? 8.819   -11.979 -11.554 1.00 8.76  ? 17  ILE A N   1 
ATOM   149  C CA  . ILE A 1 17  ? 7.561   -11.363 -11.938 1.00 8.64  ? 17  ILE A CA  1 
ATOM   150  C C   . ILE A 1 17  ? 6.398   -12.308 -11.633 1.00 8.70  ? 17  ILE A C   1 
ATOM   151  O O   . ILE A 1 17  ? 6.426   -13.487 -11.988 1.00 9.42  ? 17  ILE A O   1 
ATOM   152  C CB  . ILE A 1 17  ? 7.550   -10.942 -13.426 1.00 8.98  ? 17  ILE A CB  1 
ATOM   153  C CG1 . ILE A 1 17  ? 8.586   -9.833  -13.671 1.00 9.15  ? 17  ILE A CG1 1 
ATOM   154  C CG2 . ILE A 1 17  ? 6.163   -10.458 -13.850 1.00 8.62  ? 17  ILE A CG2 1 
ATOM   155  C CD1 . ILE A 1 17  ? 8.752   -9.446  -15.159 1.00 10.04 ? 17  ILE A CD1 1 
ATOM   156  N N   . TYR A 1 18  ? 5.394   -11.775 -10.950 1.00 8.10  ? 18  TYR A N   1 
ATOM   157  C CA  . TYR A 1 18  ? 4.170   -12.503 -10.639 1.00 8.44  ? 18  TYR A CA  1 
ATOM   158  C C   . TYR A 1 18  ? 2.993   -11.568 -10.868 1.00 7.91  ? 18  TYR A C   1 
ATOM   159  O O   . TYR A 1 18  ? 3.171   -10.360 -11.048 1.00 8.04  ? 18  TYR A O   1 
ATOM   160  C CB  . TYR A 1 18  ? 4.182   -13.003 -9.188  1.00 9.32  ? 18  TYR A CB  1 
ATOM   161  C CG  . TYR A 1 18  ? 4.121   -11.905 -8.136  1.00 9.68  ? 18  TYR A CG  1 
ATOM   162  C CD1 . TYR A 1 18  ? 2.912   -11.555 -7.522  1.00 10.40 ? 18  TYR A CD1 1 
ATOM   163  C CD2 . TYR A 1 18  ? 5.272   -11.229 -7.739  1.00 9.21  ? 18  TYR A CD2 1 
ATOM   164  C CE1 . TYR A 1 18  ? 2.862   -10.554 -6.554  1.00 12.19 ? 18  TYR A CE1 1 
ATOM   165  C CE2 . TYR A 1 18  ? 5.230   -10.227 -6.766  1.00 9.90  ? 18  TYR A CE2 1 
ATOM   166  C CZ  . TYR A 1 18  ? 4.022   -9.896  -6.180  1.00 11.37 ? 18  TYR A CZ  1 
ATOM   167  O OH  . TYR A 1 18  ? 3.998   -8.899  -5.219  1.00 13.64 ? 18  TYR A OH  1 
ATOM   168  N N   . LYS A 1 19  ? 1.787   -12.119 -10.864 1.00 7.37  ? 19  LYS A N   1 
ATOM   169  C CA  . LYS A 1 19  ? 0.598   -11.297 -10.971 1.00 7.41  ? 19  LYS A CA  1 
ATOM   170  C C   . LYS A 1 19  ? 0.035   -11.033 -9.581  1.00 7.55  ? 19  LYS A C   1 
ATOM   171  O O   . LYS A 1 19  ? -0.085  -11.953 -8.760  1.00 7.62  ? 19  LYS A O   1 
ATOM   172  C CB  . LYS A 1 19  ? -0.445  -11.972 -11.860 1.00 7.44  ? 19  LYS A CB  1 
ATOM   173  C CG  . LYS A 1 19  ? -0.065  -11.982 -13.332 1.00 8.47  ? 19  LYS A CG  1 
ATOM   174  C CD  . LYS A 1 19  ? -1.143  -12.672 -14.128 1.00 9.94  ? 19  LYS A CD  1 
ATOM   175  C CE  . LYS A 1 19  ? -0.784  -12.757 -15.599 1.00 10.21 ? 19  LYS A CE  1 
ATOM   176  N NZ  . LYS A 1 19  ? -1.938  -13.384 -16.322 1.00 11.89 ? 19  LYS A NZ  1 
ATOM   177  N N   . ASP A 1 20  ? -0.287  -9.769  -9.320  1.00 7.30  ? 20  ASP A N   1 
ATOM   178  C CA  . ASP A 1 20  ? -0.874  -9.368  -8.040  1.00 7.78  ? 20  ASP A CA  1 
ATOM   179  C C   . ASP A 1 20  ? -2.336  -9.820  -7.932  1.00 7.85  ? 20  ASP A C   1 
ATOM   180  O O   . ASP A 1 20  ? -2.831  -10.550 -8.800  1.00 7.67  ? 20  ASP A O   1 
ATOM   181  C CB  . ASP A 1 20  ? -0.691  -7.859  -7.784  1.00 8.11  ? 20  ASP A CB  1 
ATOM   182  C CG  . ASP A 1 20  ? -1.580  -6.977  -8.659  1.00 9.20  ? 20  ASP A CG  1 
ATOM   183  O OD1 . ASP A 1 20  ? -2.450  -7.476  -9.394  1.00 8.09  ? 20  ASP A OD1 1 
ATOM   184  O OD2 . ASP A 1 20  ? -1.411  -5.737  -8.617  1.00 10.87 ? 20  ASP A OD2 1 
ATOM   185  N N   . THR A 1 21  ? -3.023  -9.376  -6.882  1.00 7.70  ? 21  THR A N   1 
ATOM   186  C CA  . THR A 1 21  ? -4.393  -9.824  -6.617  1.00 8.47  ? 21  THR A CA  1 
ATOM   187  C C   . THR A 1 21  ? -5.341  -9.393  -7.721  1.00 8.19  ? 21  THR A C   1 
ATOM   188  O O   . THR A 1 21  ? -6.419  -9.970  -7.876  1.00 7.66  ? 21  THR A O   1 
ATOM   189  C CB  . THR A 1 21  ? -4.929  -9.293  -5.254  1.00 8.67  ? 21  THR A CB  1 
ATOM   190  O OG1 . THR A 1 21  ? -5.030  -7.863  -5.279  1.00 10.47 ? 21  THR A OG1 1 
ATOM   191  C CG2 . THR A 1 21  ? -4.036  -9.717  -4.099  1.00 9.47  ? 21  THR A CG2 1 
ATOM   192  N N   . GLU A 1 22  ? -4.952  -8.360  -8.464  1.00 8.05  ? 22  GLU A N   1 
ATOM   193  C CA  . GLU A 1 22  ? -5.764  -7.828  -9.563  1.00 8.30  ? 22  GLU A CA  1 
ATOM   194  C C   . GLU A 1 22  ? -5.355  -8.387  -10.928 1.00 8.42  ? 22  GLU A C   1 
ATOM   195  O O   . GLU A 1 22  ? -5.928  -8.008  -11.951 1.00 9.72  ? 22  GLU A O   1 
ATOM   196  C CB  . GLU A 1 22  ? -5.711  -6.292  -9.583  1.00 8.27  ? 22  GLU A CB  1 
ATOM   197  C CG  . GLU A 1 22  ? -6.328  -5.619  -8.358  1.00 10.12 ? 22  GLU A CG  1 
ATOM   198  C CD  . GLU A 1 22  ? -7.841  -5.776  -8.245  0.70 10.30 ? 22  GLU A CD  1 
ATOM   199  O OE1 . GLU A 1 22  ? -8.523  -6.044  -9.257  0.70 12.44 ? 22  GLU A OE1 1 
ATOM   200  O OE2 . GLU A 1 22  ? -8.355  -5.607  -7.121  0.50 10.49 ? 22  GLU A OE2 1 
ATOM   201  N N   . GLY A 1 23  ? -4.387  -9.303  -10.932 1.00 8.21  ? 23  GLY A N   1 
ATOM   202  C CA  . GLY A 1 23  ? -3.889  -9.893  -12.167 1.00 8.40  ? 23  GLY A CA  1 
ATOM   203  C C   . GLY A 1 23  ? -2.799  -9.104  -12.871 1.00 8.68  ? 23  GLY A C   1 
ATOM   204  O O   . GLY A 1 23  ? -2.482  -9.387  -14.030 1.00 9.69  ? 23  GLY A O   1 
ATOM   205  N N   . TYR A 1 24  ? -2.211  -8.130  -12.176 1.00 8.63  ? 24  TYR A N   1 
ATOM   206  C CA  . TYR A 1 24  ? -1.224  -7.243  -12.789 1.00 8.82  ? 24  TYR A CA  1 
ATOM   207  C C   . TYR A 1 24  ? 0.199   -7.631  -12.453 1.00 8.28  ? 24  TYR A C   1 
ATOM   208  O O   . TYR A 1 24  ? 0.513   -7.962  -11.312 1.00 7.59  ? 24  TYR A O   1 
ATOM   209  C CB  . TYR A 1 24  ? -1.446  -5.794  -12.363 1.00 10.27 ? 24  TYR A CB  1 
ATOM   210  C CG  . TYR A 1 24  ? -2.786  -5.225  -12.759 1.00 11.71 ? 24  TYR A CG  1 
ATOM   211  C CD1 . TYR A 1 24  ? -3.539  -4.484  -11.854 1.00 12.82 ? 24  TYR A CD1 1 
ATOM   212  C CD2 . TYR A 1 24  ? -3.308  -5.438  -14.035 1.00 14.18 ? 24  TYR A CD2 1 
ATOM   213  C CE1 . TYR A 1 24  ? -4.778  -3.951  -12.216 1.00 14.22 ? 24  TYR A CE1 1 
ATOM   214  C CE2 . TYR A 1 24  ? -4.550  -4.914  -14.407 1.00 15.10 ? 24  TYR A CE2 1 
ATOM   215  C CZ  . TYR A 1 24  ? -5.274  -4.179  -13.489 1.00 14.53 ? 24  TYR A CZ  1 
ATOM   216  O OH  . TYR A 1 24  ? -6.499  -3.651  -13.851 0.50 13.48 ? 24  TYR A OH  1 
ATOM   217  N N   . TYR A 1 25  ? 1.067   -7.562  -13.455 1.00 7.75  ? 25  TYR A N   1 
ATOM   218  C CA  . TYR A 1 25  ? 2.472   -7.910  -13.274 1.00 7.65  ? 25  TYR A CA  1 
ATOM   219  C C   . TYR A 1 25  ? 3.158   -7.033  -12.238 1.00 7.27  ? 25  TYR A C   1 
ATOM   220  O O   . TYR A 1 25  ? 3.114   -5.806  -12.311 1.00 7.52  ? 25  TYR A O   1 
ATOM   221  C CB  . TYR A 1 25  ? 3.215   -7.834  -14.598 1.00 8.39  ? 25  TYR A CB  1 
ATOM   222  C CG  . TYR A 1 25  ? 2.777   -8.891  -15.587 1.00 8.85  ? 25  TYR A CG  1 
ATOM   223  C CD1 . TYR A 1 25  ? 2.252   -8.532  -16.824 1.00 10.50 ? 25  TYR A CD1 1 
ATOM   224  C CD2 . TYR A 1 25  ? 2.894   -10.251 -15.286 1.00 10.15 ? 25  TYR A CD2 1 
ATOM   225  C CE1 . TYR A 1 25  ? 1.851   -9.508  -17.744 1.00 11.42 ? 25  TYR A CE1 1 
ATOM   226  C CE2 . TYR A 1 25  ? 2.509   -11.231 -16.198 1.00 10.19 ? 25  TYR A CE2 1 
ATOM   227  C CZ  . TYR A 1 25  ? 1.989   -10.847 -17.418 1.00 11.38 ? 25  TYR A CZ  1 
ATOM   228  O OH  . TYR A 1 25  ? 1.602   -11.820 -18.320 1.00 12.58 ? 25  TYR A OH  1 
ATOM   229  N N   . THR A 1 26  ? 3.806   -7.709  -11.297 1.00 6.22  ? 26  THR A N   1 
ATOM   230  C CA  . THR A 1 26  ? 4.348   -7.131  -10.079 1.00 6.51  ? 26  THR A CA  1 
ATOM   231  C C   . THR A 1 26  ? 5.631   -7.879  -9.759  1.00 6.39  ? 26  THR A C   1 
ATOM   232  O O   . THR A 1 26  ? 5.856   -8.984  -10.257 1.00 6.77  ? 26  THR A O   1 
ATOM   233  C CB  . THR A 1 26  ? 3.298   -7.310  -8.962  1.00 6.21  ? 26  THR A CB  1 
ATOM   234  O OG1 . THR A 1 26  ? 2.116   -6.610  -9.353  1.00 7.61  ? 26  THR A OG1 1 
ATOM   235  C CG2 . THR A 1 26  ? 3.756   -6.741  -7.626  1.00 6.43  ? 26  THR A CG2 1 
ATOM   236  N N   . ILE A 1 27  ? 6.489   -7.291  -8.936  1.00 6.55  ? 27  ILE A N   1 
ATOM   237  C CA  . ILE A 1 27  ? 7.666   -8.007  -8.467  1.00 6.75  ? 27  ILE A CA  1 
ATOM   238  C C   . ILE A 1 27  ? 8.049   -7.481  -7.091  1.00 6.67  ? 27  ILE A C   1 
ATOM   239  O O   . ILE A 1 27  ? 7.580   -6.424  -6.682  1.00 6.82  ? 27  ILE A O   1 
ATOM   240  C CB  . ILE A 1 27  ? 8.847   -7.869  -9.477  1.00 6.84  ? 27  ILE A CB  1 
ATOM   241  C CG1 . ILE A 1 27  ? 9.899   -8.958  -9.257  1.00 7.26  ? 27  ILE A CG1 1 
ATOM   242  C CG2 . ILE A 1 27  ? 9.460   -6.474  -9.413  1.00 7.51  ? 27  ILE A CG2 1 
ATOM   243  C CD1 . ILE A 1 27  ? 10.859  -9.136  -10.427 1.00 7.65  ? 27  ILE A CD1 1 
ATOM   244  N N   . GLY A 1 28  ? 8.894   -8.223  -6.385  1.00 6.59  ? 28  GLY A N   1 
ATOM   245  C CA  . GLY A 1 28  ? 9.468   -7.729  -5.140  1.00 6.96  ? 28  GLY A CA  1 
ATOM   246  C C   . GLY A 1 28  ? 8.453   -7.716  -4.019  1.00 7.00  ? 28  GLY A C   1 
ATOM   247  O O   . GLY A 1 28  ? 7.775   -8.721  -3.759  1.00 7.57  ? 28  GLY A O   1 
ATOM   248  N N   . ILE A 1 29  ? 8.360   -6.570  -3.354  1.00 6.41  ? 29  ILE A N   1 
ATOM   249  C CA  . ILE A 1 29  ? 7.423   -6.359  -2.251  1.00 7.01  ? 29  ILE A CA  1 
ATOM   250  C C   . ILE A 1 29  ? 6.315   -5.448  -2.759  1.00 6.53  ? 29  ILE A C   1 
ATOM   251  O O   . ILE A 1 29  ? 6.271   -4.254  -2.478  1.00 7.33  ? 29  ILE A O   1 
ATOM   252  C CB  . ILE A 1 29  ? 8.140   -5.791  -1.012  1.00 6.84  ? 29  ILE A CB  1 
ATOM   253  C CG1 . ILE A 1 29  ? 9.303   -6.713  -0.629  1.00 7.55  ? 29  ILE A CG1 1 
ATOM   254  C CG2 . ILE A 1 29  ? 7.161   -5.661  0.155   1.00 7.59  ? 29  ILE A CG2 1 
ATOM   255  C CD1 . ILE A 1 29  ? 10.331  -6.113  0.324   1.00 9.87  ? 29  ILE A CD1 1 
ATOM   256  N N   . GLY A 1 30  ? 5.435   -6.026  -3.572  1.00 6.68  ? 30  GLY A N   1 
ATOM   257  C CA  . GLY A 1 30  ? 4.314   -5.283  -4.114  1.00 6.92  ? 30  GLY A CA  1 
ATOM   258  C C   . GLY A 1 30  ? 4.681   -4.163  -5.073  1.00 6.60  ? 30  GLY A C   1 
ATOM   259  O O   . GLY A 1 30  ? 3.971   -3.165  -5.143  1.00 7.73  ? 30  GLY A O   1 
ATOM   260  N N   . HIS A 1 31  ? 5.781   -4.315  -5.812  1.00 6.66  ? 31  HIS A N   1 
ATOM   261  C CA  . HIS A 1 31  ? 6.117   -3.309  -6.814  1.00 6.91  ? 31  HIS A CA  1 
ATOM   262  C C   . HIS A 1 31  ? 5.377   -3.568  -8.122  1.00 7.09  ? 31  HIS A C   1 
ATOM   263  O O   . HIS A 1 31  ? 5.752   -4.458  -8.890  1.00 6.87  ? 31  HIS A O   1 
ATOM   264  C CB  . HIS A 1 31  ? 7.616   -3.226  -7.092  1.00 6.98  ? 31  HIS A CB  1 
ATOM   265  C CG  . HIS A 1 31  ? 7.948   -2.154  -8.079  1.00 7.28  ? 31  HIS A CG  1 
ATOM   266  N ND1 . HIS A 1 31  ? 8.048   -0.828  -7.720  1.00 8.02  ? 31  HIS A ND1 1 
ATOM   267  C CD2 . HIS A 1 31  ? 8.124   -2.194  -9.425  1.00 7.67  ? 31  HIS A CD2 1 
ATOM   268  C CE1 . HIS A 1 31  ? 8.309   -0.103  -8.794  1.00 8.41  ? 31  HIS A CE1 1 
ATOM   269  N NE2 . HIS A 1 31  ? 8.352   -0.906  -9.843  1.00 8.02  ? 31  HIS A NE2 1 
ATOM   270  N N   . LEU A 1 32  ? 4.330   -2.791  -8.366  1.00 7.50  ? 32  LEU A N   1 
ATOM   271  C CA  . LEU A 1 32  ? 3.562   -2.913  -9.598  1.00 8.26  ? 32  LEU A CA  1 
ATOM   272  C C   . LEU A 1 32  ? 4.424   -2.508  -10.785 1.00 8.24  ? 32  LEU A C   1 
ATOM   273  O O   . LEU A 1 32  ? 5.041   -1.442  -10.772 1.00 9.14  ? 32  LEU A O   1 
ATOM   274  C CB  . LEU A 1 32  ? 2.312   -2.038  -9.543  1.00 8.98  ? 32  LEU A CB  1 
ATOM   275  C CG  . LEU A 1 32  ? 1.487   -1.983  -10.827 1.00 9.40  ? 32  LEU A CG  1 
ATOM   276  C CD1 . LEU A 1 32  ? 0.754   -3.283  -11.011 1.00 11.86 ? 32  LEU A CD1 1 
ATOM   277  C CD2 . LEU A 1 32  ? 0.514   -0.815  -10.794 1.00 12.80 ? 32  LEU A CD2 1 
ATOM   278  N N   . LEU A 1 33  ? 4.477   -3.366  -11.800 1.00 8.82  ? 33  LEU A N   1 
ATOM   279  C CA  . LEU A 1 33  ? 5.254   -3.062  -12.994 1.00 9.38  ? 33  LEU A CA  1 
ATOM   280  C C   . LEU A 1 33  ? 4.406   -2.397  -14.059 1.00 10.55 ? 33  LEU A C   1 
ATOM   281  O O   . LEU A 1 33  ? 4.813   -1.384  -14.632 1.00 11.36 ? 33  LEU A O   1 
ATOM   282  C CB  . LEU A 1 33  ? 5.931   -4.321  -13.525 1.00 9.04  ? 33  LEU A CB  1 
ATOM   283  C CG  . LEU A 1 33  ? 7.045   -4.865  -12.635 1.00 8.54  ? 33  LEU A CG  1 
ATOM   284  C CD1 . LEU A 1 33  ? 7.400   -6.284  -13.029 1.00 8.47  ? 33  LEU A CD1 1 
ATOM   285  C CD2 . LEU A 1 33  ? 8.273   -3.966  -12.710 1.00 8.92  ? 33  LEU A CD2 1 
ATOM   286  N N   . THR A 1 34  ? 3.233   -2.961  -14.327 1.00 11.34 ? 34  THR A N   1 
ATOM   287  C CA  . THR A 1 34  ? 2.343   -2.427  -15.352 1.00 12.74 ? 34  THR A CA  1 
ATOM   288  C C   . THR A 1 34  ? 0.977   -3.071  -15.221 1.00 13.52 ? 34  THR A C   1 
ATOM   289  O O   . THR A 1 34  ? 0.854   -4.168  -14.671 1.00 13.22 ? 34  THR A O   1 
ATOM   290  C CB  . THR A 1 34  ? 2.887   -2.698  -16.772 1.00 13.36 ? 34  THR A CB  1 
ATOM   291  O OG1 . THR A 1 34  ? 1.990   -2.140  -17.733 1.00 14.06 ? 34  THR A OG1 1 
ATOM   292  C CG2 . THR A 1 34  ? 3.035   -4.190  -17.036 1.00 13.12 ? 34  THR A CG2 1 
ATOM   293  N N   . LYS A 1 35  ? -0.043  -2.391  -15.738 1.00 14.55 ? 35  LYS A N   1 
ATOM   294  C CA  . LYS A 1 35  ? -1.372  -2.979  -15.833 1.00 15.87 ? 35  LYS A CA  1 
ATOM   295  C C   . LYS A 1 35  ? -1.586  -3.656  -17.193 1.00 15.86 ? 35  LYS A C   1 
ATOM   296  O O   . LYS A 1 35  ? -2.633  -4.264  -17.426 1.00 16.53 ? 35  LYS A O   1 
ATOM   297  C CB  . LYS A 1 35  ? -2.461  -1.945  -15.510 1.00 16.00 ? 35  LYS A CB  1 
ATOM   298  C CG  . LYS A 1 35  ? -2.407  -1.482  -14.056 1.00 16.65 ? 35  LYS A CG  1 
ATOM   299  C CD  . LYS A 1 35  ? -3.579  -0.598  -13.669 1.00 17.42 ? 35  LYS A CD  1 
ATOM   300  C CE  . LYS A 1 35  ? -3.421  -0.126  -12.234 1.00 19.75 ? 35  LYS A CE  1 
ATOM   301  N NZ  . LYS A 1 35  ? -4.555  0.733   -11.796 0.50 19.38 ? 35  LYS A NZ  1 
ATOM   302  N N   . SER A 1 36  ? -0.576  -3.563  -18.064 1.00 15.88 ? 36  SER A N   1 
ATOM   303  C CA  . SER A 1 36  ? -0.577  -4.217  -19.378 1.00 16.13 ? 36  SER A CA  1 
ATOM   304  C C   . SER A 1 36  ? -0.571  -5.733  -19.235 1.00 16.10 ? 36  SER A C   1 
ATOM   305  O O   . SER A 1 36  ? 0.154   -6.264  -18.395 1.00 15.90 ? 36  SER A O   1 
ATOM   306  C CB  . SER A 1 36  ? 0.657   -3.792  -20.185 1.00 15.90 ? 36  SER A CB  1 
ATOM   307  O OG  . SER A 1 36  ? 0.790   -4.564  -21.375 1.00 16.56 ? 36  SER A OG  1 
ATOM   308  N N   . PRO A 1 37  ? -1.367  -6.436  -20.061 1.00 16.35 ? 37  PRO A N   1 
ATOM   309  C CA  . PRO A 1 37  ? -1.321  -7.899  -20.064 1.00 16.19 ? 37  PRO A CA  1 
ATOM   310  C C   . PRO A 1 37  ? -0.089  -8.462  -20.781 1.00 15.86 ? 37  PRO A C   1 
ATOM   311  O O   . PRO A 1 37  ? 0.107   -9.682  -20.813 1.00 16.08 ? 37  PRO A O   1 
ATOM   312  C CB  . PRO A 1 37  ? -2.596  -8.285  -20.817 1.00 16.50 ? 37  PRO A CB  1 
ATOM   313  C CG  . PRO A 1 37  ? -2.832  -7.147  -21.745 1.00 17.04 ? 37  PRO A CG  1 
ATOM   314  C CD  . PRO A 1 37  ? -2.354  -5.910  -21.024 1.00 16.63 ? 37  PRO A CD  1 
ATOM   315  N N   . ASP A 1 38  ? 0.742   -7.582  -21.344 1.00 15.29 ? 38  ASP A N   1 
ATOM   316  C CA  . ASP A 1 38  ? 1.930   -8.004  -22.073 1.00 15.19 ? 38  ASP A CA  1 
ATOM   317  C C   . ASP A 1 38  ? 3.105   -8.174  -21.114 1.00 14.66 ? 38  ASP A C   1 
ATOM   318  O O   . ASP A 1 38  ? 3.623   -7.191  -20.564 1.00 14.12 ? 38  ASP A O   1 
ATOM   319  C CB  . ASP A 1 38  ? 2.267   -6.984  -23.170 1.00 15.58 ? 38  ASP A CB  1 
ATOM   320  C CG  . ASP A 1 38  ? 3.388   -7.445  -24.100 0.50 15.31 ? 38  ASP A CG  1 
ATOM   321  O OD1 . ASP A 1 38  ? 3.990   -8.519  -23.882 0.50 15.15 ? 38  ASP A OD1 1 
ATOM   322  O OD2 . ASP A 1 38  ? 3.661   -6.714  -25.077 0.50 17.84 ? 38  ASP A OD2 1 
ATOM   323  N N   . LEU A 1 39  ? 3.528   -9.418  -20.928 1.00 14.11 ? 39  LEU A N   1 
ATOM   324  C CA  . LEU A 1 39  ? 4.675   -9.725  -20.084 1.00 13.81 ? 39  LEU A CA  1 
ATOM   325  C C   . LEU A 1 39  ? 5.938   -8.992  -20.526 1.00 13.52 ? 39  LEU A C   1 
ATOM   326  O O   . LEU A 1 39  ? 6.751   -8.598  -19.686 1.00 12.99 ? 39  LEU A O   1 
ATOM   327  C CB  . LEU A 1 39  ? 4.924   -11.238 -20.030 1.00 13.84 ? 39  LEU A CB  1 
ATOM   328  C CG  . LEU A 1 39  ? 6.076   -11.759 -19.163 1.00 13.97 ? 39  LEU A CG  1 
ATOM   329  C CD1 . LEU A 1 39  ? 5.952   -11.335 -17.690 1.00 14.17 ? 39  LEU A CD1 1 
ATOM   330  C CD2 . LEU A 1 39  ? 6.176   -13.274 -19.282 1.00 14.33 ? 39  LEU A CD2 1 
ATOM   331  N N   . ASN A 1 40  ? 6.104   -8.806  -21.833 1.00 13.02 ? 40  ASN A N   1 
ATOM   332  C CA  . ASN A 1 40  ? 7.269   -8.079  -22.339 1.00 12.48 ? 40  ASN A CA  1 
ATOM   333  C C   . ASN A 1 40  ? 7.271   -6.632  -21.868 1.00 12.04 ? 40  ASN A C   1 
ATOM   334  O O   . ASN A 1 40  ? 8.336   -6.078  -21.561 1.00 11.77 ? 40  ASN A O   1 
ATOM   335  C CB  . ASN A 1 40  ? 7.352   -8.145  -23.866 1.00 13.13 ? 40  ASN A CB  1 
ATOM   336  C CG  . ASN A 1 40  ? 7.649   -9.538  -24.368 0.50 12.78 ? 40  ASN A CG  1 
ATOM   337  O OD1 . ASN A 1 40  ? 8.436   -10.274 -23.769 0.50 12.00 ? 40  ASN A OD1 1 
ATOM   338  N ND2 . ASN A 1 40  ? 7.020   -9.911  -25.475 0.50 14.13 ? 40  ASN A ND2 1 
ATOM   339  N N   . ALA A 1 41  ? 6.088   -6.023  -21.811 1.00 11.71 ? 41  ALA A N   1 
ATOM   340  C CA  . ALA A 1 41  ? 5.954   -4.663  -21.291 1.00 11.19 ? 41  ALA A CA  1 
ATOM   341  C C   . ALA A 1 41  ? 6.356   -4.596  -19.821 1.00 10.61 ? 41  ALA A C   1 
ATOM   342  O O   . ALA A 1 41  ? 7.055   -3.667  -19.406 1.00 10.25 ? 41  ALA A O   1 
ATOM   343  C CB  . ALA A 1 41  ? 4.553   -4.136  -21.492 1.00 11.83 ? 41  ALA A CB  1 
ATOM   344  N N   . ALA A 1 42  ? 5.941   -5.597  -19.046 1.00 9.71  ? 42  ALA A N   1 
ATOM   345  C CA  . ALA A 1 42  ? 6.324   -5.710  -17.640 1.00 9.30  ? 42  ALA A CA  1 
ATOM   346  C C   . ALA A 1 42  ? 7.827   -5.879  -17.491 1.00 9.15  ? 42  ALA A C   1 
ATOM   347  O O   . ALA A 1 42  ? 8.440   -5.251  -16.633 1.00 9.10  ? 42  ALA A O   1 
ATOM   348  C CB  . ALA A 1 42  ? 5.590   -6.873  -16.987 1.00 9.27  ? 42  ALA A CB  1 
ATOM   349  N N   . LYS A 1 43  ? 8.429   -6.712  -18.337 1.00 9.06  ? 43  LYS A N   1 
ATOM   350  C CA  . LYS A 1 43  ? 9.877   -6.925  -18.300 1.00 9.04  ? 43  LYS A CA  1 
ATOM   351  C C   . LYS A 1 43  ? 10.648  -5.648  -18.628 1.00 8.68  ? 43  LYS A C   1 
ATOM   352  O O   . LYS A 1 43  ? 11.690  -5.378  -18.021 1.00 8.94  ? 43  LYS A O   1 
ATOM   353  C CB  . LYS A 1 43  ? 10.292  -8.069  -19.232 1.00 9.39  ? 43  LYS A CB  1 
ATOM   354  C CG  . LYS A 1 43  ? 9.928   -9.444  -18.677 1.00 10.52 ? 43  LYS A CG  1 
ATOM   355  C CD  . LYS A 1 43  ? 10.240  -10.548 -19.678 1.00 13.09 ? 43  LYS A CD  1 
ATOM   356  C CE  . LYS A 1 43  ? 10.043  -11.905 -19.039 1.00 13.96 ? 43  LYS A CE  1 
ATOM   357  N NZ  . LYS A 1 43  ? 10.277  -12.998 -20.024 0.50 13.38 ? 43  LYS A NZ  1 
ATOM   358  N N   . SER A 1 44  ? 10.130  -4.866  -19.573 1.00 8.78  ? 44  SER A N   1 
ATOM   359  C CA  A SER A 1 44  ? 10.742  -3.592  -19.913 0.50 8.58  ? 44  SER A CA  1 
ATOM   360  C CA  B SER A 1 44  ? 10.738  -3.581  -19.916 0.50 8.88  ? 44  SER A CA  1 
ATOM   361  C C   . SER A 1 44  ? 10.670  -2.635  -18.719 1.00 8.72  ? 44  SER A C   1 
ATOM   362  O O   . SER A 1 44  ? 11.659  -1.990  -18.366 1.00 8.31  ? 44  SER A O   1 
ATOM   363  C CB  A SER A 1 44  ? 10.055  -2.985  -21.136 0.50 8.82  ? 44  SER A CB  1 
ATOM   364  C CB  B SER A 1 44  ? 10.042  -2.948  -21.127 0.50 9.17  ? 44  SER A CB  1 
ATOM   365  O OG  A SER A 1 44  ? 10.737  -1.828  -21.568 0.50 9.01  ? 44  SER A OG  1 
ATOM   366  O OG  B SER A 1 44  ? 10.217  -3.734  -22.292 0.50 11.13 ? 44  SER A OG  1 
ATOM   367  N N   . GLU A 1 45  ? 9.503   -2.559  -18.087 1.00 7.86  ? 45  GLU A N   1 
ATOM   368  C CA  . GLU A 1 45  ? 9.345   -1.724  -16.899 1.00 7.70  ? 45  GLU A CA  1 
ATOM   369  C C   . GLU A 1 45  ? 10.311  -2.155  -15.800 1.00 7.80  ? 45  GLU A C   1 
ATOM   370  O O   . GLU A 1 45  ? 10.923  -1.321  -15.134 1.00 7.98  ? 45  GLU A O   1 
ATOM   371  C CB  . GLU A 1 45  ? 7.902   -1.754  -16.398 1.00 7.64  ? 45  GLU A CB  1 
ATOM   372  C CG  . GLU A 1 45  ? 6.935   -0.997  -17.301 1.00 7.81  ? 45  GLU A CG  1 
ATOM   373  C CD  . GLU A 1 45  ? 7.283   0.472   -17.451 0.50 5.44  ? 45  GLU A CD  1 
ATOM   374  O OE1 . GLU A 1 45  ? 7.483   1.166   -16.435 0.50 5.16  ? 45  GLU A OE1 1 
ATOM   375  O OE2 . GLU A 1 45  ? 7.354   0.940   -18.603 0.50 4.97  ? 45  GLU A OE2 1 
ATOM   376  N N   . LEU A 1 46  ? 10.468  -3.459  -15.620 1.00 7.36  ? 46  LEU A N   1 
ATOM   377  C CA  . LEU A 1 46  ? 11.397  -3.966  -14.623 1.00 8.03  ? 46  LEU A CA  1 
ATOM   378  C C   . LEU A 1 46  ? 12.825  -3.512  -14.907 1.00 8.49  ? 46  LEU A C   1 
ATOM   379  O O   . LEU A 1 46  ? 13.516  -3.004  -14.026 1.00 8.79  ? 46  LEU A O   1 
ATOM   380  C CB  . LEU A 1 46  ? 11.322  -5.492  -14.559 1.00 8.09  ? 46  LEU A CB  1 
ATOM   381  C CG  . LEU A 1 46  ? 12.275  -6.133  -13.555 1.00 7.84  ? 46  LEU A CG  1 
ATOM   382  C CD1 . LEU A 1 46  ? 12.012  -5.609  -12.143 1.00 9.01  ? 46  LEU A CD1 1 
ATOM   383  C CD2 . LEU A 1 46  ? 12.163  -7.650  -13.600 1.00 8.27  ? 46  LEU A CD2 1 
ATOM   384  N N   . ASP A 1 47  ? 13.269  -3.713  -16.138 1.00 8.66  ? 47  ASP A N   1 
ATOM   385  C CA  . ASP A 1 47  ? 14.617  -3.342  -16.526 1.00 9.48  ? 47  ASP A CA  1 
ATOM   386  C C   . ASP A 1 47  ? 14.882  -1.853  -16.325 1.00 9.02  ? 47  ASP A C   1 
ATOM   387  O O   . ASP A 1 47  ? 15.960  -1.469  -15.871 1.00 9.43  ? 47  ASP A O   1 
ATOM   388  C CB  . ASP A 1 47  ? 14.843  -3.729  -17.982 1.00 9.83  ? 47  ASP A CB  1 
ATOM   389  C CG  . ASP A 1 47  ? 14.865  -5.227  -18.186 1.00 12.00 ? 47  ASP A CG  1 
ATOM   390  O OD1 . ASP A 1 47  ? 14.895  -5.989  -17.187 1.00 12.44 ? 47  ASP A OD1 1 
ATOM   391  O OD2 . ASP A 1 47  ? 14.876  -5.643  -19.366 1.00 14.75 ? 47  ASP A OD2 1 
ATOM   392  N N   . LYS A 1 48  ? 13.890  -1.033  -16.650 1.00 8.90  ? 48  LYS A N   1 
ATOM   393  C CA  . LYS A 1 48  ? 13.957  0.414   -16.441 1.00 8.91  ? 48  LYS A CA  1 
ATOM   394  C C   . LYS A 1 48  ? 14.062  0.745   -14.949 1.00 8.69  ? 48  LYS A C   1 
ATOM   395  O O   . LYS A 1 48  ? 14.830  1.633   -14.545 1.00 8.18  ? 48  LYS A O   1 
ATOM   396  C CB  . LYS A 1 48  ? 12.723  1.064   -17.071 1.00 8.94  ? 48  LYS A CB  1 
ATOM   397  C CG  . LYS A 1 48  ? 12.591  2.577   -16.927 1.00 9.11  ? 48  LYS A CG  1 
ATOM   398  C CD  . LYS A 1 48  ? 11.572  3.167   -17.918 1.00 9.09  ? 48  LYS A CD  1 
ATOM   399  C CE  . LYS A 1 48  ? 10.192  2.549   -17.836 1.00 11.08 ? 48  LYS A CE  1 
ATOM   400  N NZ  . LYS A 1 48  ? 9.406   3.134   -16.729 1.00 9.76  ? 48  LYS A NZ  1 
ATOM   401  N N   . ALA A 1 49  ? 13.301  0.024   -14.130 1.00 7.91  ? 49  ALA A N   1 
ATOM   402  C CA  . ALA A 1 49  ? 13.280  0.274   -12.687 1.00 8.10  ? 49  ALA A CA  1 
ATOM   403  C C   . ALA A 1 49  ? 14.594  -0.101  -12.019 1.00 8.05  ? 49  ALA A C   1 
ATOM   404  O O   . ALA A 1 49  ? 15.045  0.590   -11.115 1.00 7.65  ? 49  ALA A O   1 
ATOM   405  C CB  . ALA A 1 49  ? 12.124  -0.485  -12.045 1.00 8.36  ? 49  ALA A CB  1 
ATOM   406  N N   . ILE A 1 50  ? 15.216  -1.177  -12.484 1.00 7.84  ? 50  ILE A N   1 
ATOM   407  C CA  . ILE A 1 50  ? 16.427  -1.703  -11.852 1.00 8.96  ? 50  ILE A CA  1 
ATOM   408  C C   . ILE A 1 50  ? 17.702  -1.149  -12.493 1.00 9.47  ? 50  ILE A C   1 
ATOM   409  O O   . ILE A 1 50  ? 18.750  -1.069  -11.845 1.00 9.53  ? 50  ILE A O   1 
ATOM   410  C CB  . ILE A 1 50  ? 16.423  -3.257  -11.895 1.00 9.21  ? 50  ILE A CB  1 
ATOM   411  C CG1 . ILE A 1 50  ? 15.160  -3.801  -11.213 1.00 10.17 ? 50  ILE A CG1 1 
ATOM   412  C CG2 . ILE A 1 50  ? 17.695  -3.843  -11.296 1.00 10.53 ? 50  ILE A CG2 1 
ATOM   413  C CD1 . ILE A 1 50  ? 15.038  -3.441  -9.753  1.00 11.14 ? 50  ILE A CD1 1 
ATOM   414  N N   . GLY A 1 51  ? 17.610  -0.767  -13.762 1.00 10.36 ? 51  GLY A N   1 
ATOM   415  C CA  . GLY A 1 51  ? 18.765  -0.238  -14.488 1.00 11.68 ? 51  GLY A CA  1 
ATOM   416  C C   . GLY A 1 51  ? 19.667  -1.299  -15.089 1.00 13.19 ? 51  GLY A C   1 
ATOM   417  O O   . GLY A 1 51  ? 20.850  -1.047  -15.340 1.00 14.54 ? 51  GLY A O   1 
ATOM   418  N N   . ARG A 1 52  ? 19.118  -2.491  -15.311 1.00 13.35 ? 52  ARG A N   1 
ATOM   419  C CA  . ARG A 1 52  ? 19.846  -3.578  -15.967 1.00 13.84 ? 52  ARG A CA  1 
ATOM   420  C C   . ARG A 1 52  ? 18.840  -4.511  -16.620 1.00 13.91 ? 52  ARG A C   1 
ATOM   421  O O   . ARG A 1 52  ? 17.642  -4.420  -16.356 1.00 13.78 ? 52  ARG A O   1 
ATOM   422  C CB  . ARG A 1 52  ? 20.733  -4.340  -14.975 1.00 13.85 ? 52  ARG A CB  1 
ATOM   423  C CG  . ARG A 1 52  ? 19.966  -5.109  -13.906 1.00 13.85 ? 52  ARG A CG  1 
ATOM   424  C CD  . ARG A 1 52  ? 20.876  -5.900  -12.975 1.00 14.37 ? 52  ARG A CD  1 
ATOM   425  N NE  . ARG A 1 52  ? 20.074  -6.653  -12.013 1.00 15.35 ? 52  ARG A NE  1 
ATOM   426  C CZ  . ARG A 1 52  ? 19.610  -7.883  -12.213 1.00 16.77 ? 52  ARG A CZ  1 
ATOM   427  N NH1 . ARG A 1 52  ? 19.894  -8.536  -13.337 1.00 16.56 ? 52  ARG A NH1 1 
ATOM   428  N NH2 . ARG A 1 52  ? 18.865  -8.473  -11.286 1.00 16.47 ? 52  ARG A NH2 1 
ATOM   429  N N   . ASN A 1 53  ? 19.330  -5.397  -17.481 1.00 14.18 ? 53  ASN A N   1 
ATOM   430  C CA  . ASN A 1 53  ? 18.487  -6.385  -18.118 1.00 14.22 ? 53  ASN A CA  1 
ATOM   431  C C   . ASN A 1 53  ? 18.284  -7.530  -17.134 1.00 13.94 ? 53  ASN A C   1 
ATOM   432  O O   . ASN A 1 53  ? 19.198  -8.311  -16.881 1.00 14.53 ? 53  ASN A O   1 
ATOM   433  C CB  . ASN A 1 53  ? 19.142  -6.873  -19.414 0.50 13.95 ? 53  ASN A CB  1 
ATOM   434  C CG  . ASN A 1 53  ? 18.178  -7.619  -20.309 0.50 14.93 ? 53  ASN A CG  1 
ATOM   435  O OD1 . ASN A 1 53  ? 17.705  -8.697  -19.964 0.50 15.28 ? 53  ASN A OD1 1 
ATOM   436  N ND2 . ASN A 1 53  ? 17.886  -7.048  -21.474 0.50 16.43 ? 53  ASN A ND2 1 
ATOM   437  N N   . CYS A 1 54  ? 17.084  -7.603  -16.557 1.00 13.41 ? 54  CYS A N   1 
ATOM   438  C CA  . CYS A 1 54  ? 16.810  -8.537  -15.462 1.00 13.37 ? 54  CYS A CA  1 
ATOM   439  C C   . CYS A 1 54  ? 16.209  -9.859  -15.906 1.00 13.58 ? 54  CYS A C   1 
ATOM   440  O O   . CYS A 1 54  ? 16.209  -10.822 -15.136 1.00 14.17 ? 54  CYS A O   1 
ATOM   441  C CB  . CYS A 1 54  ? 15.842  -7.911  -14.456 1.00 12.38 ? 54  CYS A CB  1 
ATOM   442  S SG  . CYS A 1 54  ? 16.442  -6.441  -13.611 1.00 12.39 ? 54  CYS A SG  1 
ATOM   443  N N   . ASN A 1 55  ? 15.665  -9.876  -17.121 1.00 14.53 ? 55  ASN A N   1 
ATOM   444  C CA  . ASN A 1 55  ? 14.860  -10.992 -17.621 1.00 14.80 ? 55  ASN A CA  1 
ATOM   445  C C   . ASN A 1 55  ? 13.904  -11.549 -16.561 1.00 14.53 ? 55  ASN A C   1 
ATOM   446  O O   . ASN A 1 55  ? 13.879  -12.754 -16.276 1.00 15.39 ? 55  ASN A O   1 
ATOM   447  C CB  . ASN A 1 55  ? 15.745  -12.092 -18.216 1.00 15.54 ? 55  ASN A CB  1 
ATOM   448  C CG  . ASN A 1 55  ? 14.955  -13.108 -19.034 0.50 16.19 ? 55  ASN A CG  1 
ATOM   449  O OD1 . ASN A 1 55  ? 15.302  -14.284 -19.069 0.50 17.93 ? 55  ASN A OD1 1 
ATOM   450  N ND2 . ASN A 1 55  ? 13.882  -12.656 -19.683 0.50 17.36 ? 55  ASN A ND2 1 
ATOM   451  N N   . GLY A 1 56  ? 13.153  -10.638 -15.954 1.00 13.64 ? 56  GLY A N   1 
ATOM   452  C CA  . GLY A 1 56  ? 12.059  -11.002 -15.066 1.00 12.81 ? 56  GLY A CA  1 
ATOM   453  C C   . GLY A 1 56  ? 12.414  -11.454 -13.664 1.00 11.99 ? 56  GLY A C   1 
ATOM   454  O O   . GLY A 1 56  ? 11.538  -11.913 -12.940 1.00 11.92 ? 56  GLY A O   1 
ATOM   455  N N   . VAL A 1 57  ? 13.682  -11.336 -13.274 1.00 11.62 ? 57  VAL A N   1 
ATOM   456  C CA  . VAL A 1 57  ? 14.139  -11.786 -11.958 1.00 11.68 ? 57  VAL A CA  1 
ATOM   457  C C   . VAL A 1 57  ? 15.026  -10.725 -11.313 1.00 10.82 ? 57  VAL A C   1 
ATOM   458  O O   . VAL A 1 57  ? 15.865  -10.131 -11.974 1.00 10.84 ? 57  VAL A O   1 
ATOM   459  C CB  . VAL A 1 57  ? 14.912  -13.142 -12.044 1.00 12.62 ? 57  VAL A CB  1 
ATOM   460  C CG1 . VAL A 1 57  ? 15.345  -13.610 -10.669 1.00 14.13 ? 57  VAL A CG1 1 
ATOM   461  C CG2 . VAL A 1 57  ? 14.050  -14.198 -12.689 1.00 13.71 ? 57  VAL A CG2 1 
ATOM   462  N N   . ILE A 1 58  ? 14.822  -10.491 -10.022 1.00 9.69  ? 58  ILE A N   1 
ATOM   463  C CA  . ILE A 1 58  ? 15.667  -9.566  -9.257  1.00 9.18  ? 58  ILE A CA  1 
ATOM   464  C C   . ILE A 1 58  ? 16.177  -10.218 -7.972  1.00 9.28  ? 58  ILE A C   1 
ATOM   465  O O   . ILE A 1 58  ? 15.732  -11.302 -7.587  1.00 9.85  ? 58  ILE A O   1 
ATOM   466  C CB  . ILE A 1 58  ? 14.934  -8.228  -8.921  1.00 8.77  ? 58  ILE A CB  1 
ATOM   467  C CG1 . ILE A 1 58  ? 13.722  -8.494  -8.005  1.00 8.76  ? 58  ILE A CG1 1 
ATOM   468  C CG2 . ILE A 1 58  ? 14.575  -7.480  -10.205 1.00 9.35  ? 58  ILE A CG2 1 
ATOM   469  C CD1 . ILE A 1 58  ? 12.973  -7.243  -7.563  1.00 9.24  ? 58  ILE A CD1 1 
ATOM   470  N N   . THR A 1 59  ? 17.117  -9.545  -7.313  1.00 9.52  ? 59  THR A N   1 
ATOM   471  C CA  . THR A 1 59  ? 17.638  -9.996  -6.030  1.00 10.33 ? 59  THR A CA  1 
ATOM   472  C C   . THR A 1 59  ? 16.836  -9.389  -4.881  1.00 10.15 ? 59  THR A C   1 
ATOM   473  O O   . THR A 1 59  ? 16.083  -8.432  -5.080  1.00 9.91  ? 59  THR A O   1 
ATOM   474  C CB  . THR A 1 59  ? 19.105  -9.577  -5.855  1.00 10.55 ? 59  THR A CB  1 
ATOM   475  O OG1 . THR A 1 59  ? 19.174  -8.148  -5.766  1.00 11.50 ? 59  THR A OG1 1 
ATOM   476  C CG2 . THR A 1 59  ? 19.958  -10.071 -7.023  1.00 12.31 ? 59  THR A CG2 1 
ATOM   477  N N   . LYS A 1 60  ? 17.008  -9.937  -3.683  1.00 9.95  ? 60  LYS A N   1 
ATOM   478  C CA  . LYS A 1 60  ? 16.360  -9.395  -2.496  1.00 10.07 ? 60  LYS A CA  1 
ATOM   479  C C   . LYS A 1 60  ? 16.738  -7.937  -2.259  1.00 9.90  ? 60  LYS A C   1 
ATOM   480  O O   . LYS A 1 60  ? 15.880  -7.114  -1.938  1.00 9.41  ? 60  LYS A O   1 
ATOM   481  C CB  . LYS A 1 60  ? 16.684  -10.243 -1.268  1.00 10.52 ? 60  LYS A CB  1 
ATOM   482  C CG  . LYS A 1 60  ? 15.904  -9.861  -0.021  1.00 11.69 ? 60  LYS A CG  1 
ATOM   483  C CD  . LYS A 1 60  ? 16.205  -10.817 1.117   1.00 14.31 ? 60  LYS A CD  1 
ATOM   484  C CE  . LYS A 1 60  ? 15.445  -10.454 2.378   1.00 16.23 ? 60  LYS A CE  1 
ATOM   485  N NZ  . LYS A 1 60  ? 15.672  -11.477 3.442   0.50 16.79 ? 60  LYS A NZ  1 
ATOM   486  N N   . ASP A 1 61  ? 18.018  -7.613  -2.438  1.00 9.34  ? 61  ASP A N   1 
ATOM   487  C CA  . ASP A 1 61  ? 18.486  -6.246  -2.255  1.00 9.49  ? 61  ASP A CA  1 
ATOM   488  C C   . ASP A 1 61  ? 17.757  -5.316  -3.219  1.00 8.72  ? 61  ASP A C   1 
ATOM   489  O O   . ASP A 1 61  ? 17.354  -4.216  -2.841  1.00 8.78  ? 61  ASP A O   1 
ATOM   490  C CB  . ASP A 1 61  ? 20.000  -6.133  -2.473  1.00 10.19 ? 61  ASP A CB  1 
ATOM   491  C CG  . ASP A 1 61  ? 20.811  -6.701  -1.319  0.50 10.49 ? 61  ASP A CG  1 
ATOM   492  O OD1 . ASP A 1 61  ? 20.228  -7.180  -0.324  0.50 11.45 ? 61  ASP A OD1 1 
ATOM   493  O OD2 . ASP A 1 61  ? 22.055  -6.664  -1.416  0.50 11.57 ? 61  ASP A OD2 1 
ATOM   494  N N   . GLU A 1 62  ? 17.607  -5.753  -4.469  1.00 8.23  ? 62  GLU A N   1 
ATOM   495  C CA  . GLU A 1 62  ? 16.918  -4.943  -5.476  1.00 7.54  ? 62  GLU A CA  1 
ATOM   496  C C   . GLU A 1 62  ? 15.442  -4.756  -5.128  1.00 7.48  ? 62  GLU A C   1 
ATOM   497  O O   . GLU A 1 62  ? 14.892  -3.658  -5.258  1.00 7.50  ? 62  GLU A O   1 
ATOM   498  C CB  . GLU A 1 62  ? 17.077  -5.562  -6.866  1.00 7.55  ? 62  GLU A CB  1 
ATOM   499  C CG  . GLU A 1 62  ? 18.493  -5.406  -7.400  1.00 9.43  ? 62  GLU A CG  1 
ATOM   500  C CD  . GLU A 1 62  ? 18.783  -6.232  -8.642  1.00 12.16 ? 62  GLU A CD  1 
ATOM   501  O OE1 . GLU A 1 62  ? 18.045  -7.206  -8.934  1.00 11.39 ? 62  GLU A OE1 1 
ATOM   502  O OE2 . GLU A 1 62  ? 19.770  -5.893  -9.330  1.00 11.85 ? 62  GLU A OE2 1 
ATOM   503  N N   . ALA A 1 63  ? 14.807  -5.830  -4.671  1.00 7.21  ? 63  ALA A N   1 
ATOM   504  C CA  . ALA A 1 63  ? 13.418  -5.753  -4.218  1.00 7.22  ? 63  ALA A CA  1 
ATOM   505  C C   . ALA A 1 63  ? 13.270  -4.755  -3.080  1.00 7.21  ? 63  ALA A C   1 
ATOM   506  O O   . ALA A 1 63  ? 12.323  -3.964  -3.046  1.00 7.21  ? 63  ALA A O   1 
ATOM   507  C CB  . ALA A 1 63  ? 12.933  -7.110  -3.776  1.00 7.38  ? 63  ALA A CB  1 
ATOM   508  N N   . GLU A 1 64  ? 14.206  -4.798  -2.135  1.00 6.86  ? 64  GLU A N   1 
ATOM   509  C CA  . GLU A 1 64  ? 14.151  -3.906  -0.991  1.00 7.32  ? 64  GLU A CA  1 
ATOM   510  C C   . GLU A 1 64  ? 14.410  -2.460  -1.399  1.00 7.02  ? 64  GLU A C   1 
ATOM   511  O O   . GLU A 1 64  ? 13.840  -1.542  -0.821  1.00 7.28  ? 64  GLU A O   1 
ATOM   512  C CB  . GLU A 1 64  ? 15.108  -4.375  0.103   1.00 7.80  ? 64  GLU A CB  1 
ATOM   513  C CG  . GLU A 1 64  ? 14.599  -5.647  0.788   1.00 9.32  ? 64  GLU A CG  1 
ATOM   514  C CD  . GLU A 1 64  ? 15.613  -6.286  1.713   1.00 12.11 ? 64  GLU A CD  1 
ATOM   515  O OE1 . GLU A 1 64  ? 16.815  -5.953  1.620   1.00 13.12 ? 64  GLU A OE1 1 
ATOM   516  O OE2 . GLU A 1 64  ? 15.193  -7.141  2.524   1.00 14.39 ? 64  GLU A OE2 1 
ATOM   517  N N   . LYS A 1 65  ? 15.234  -2.259  -2.426  1.00 6.88  ? 65  LYS A N   1 
ATOM   518  C CA  . LYS A 1 65  ? 15.455  -0.921  -2.948  1.00 7.39  ? 65  LYS A CA  1 
ATOM   519  C C   . LYS A 1 65  ? 14.182  -0.333  -3.569  1.00 6.76  ? 65  LYS A C   1 
ATOM   520  O O   . LYS A 1 65  ? 13.814  0.808   -3.280  1.00 7.13  ? 65  LYS A O   1 
ATOM   521  C CB  . LYS A 1 65  ? 16.617  -0.897  -3.946  1.00 7.46  ? 65  LYS A CB  1 
ATOM   522  C CG  . LYS A 1 65  ? 16.995  0.503   -4.350  1.00 9.95  ? 65  LYS A CG  1 
ATOM   523  C CD  . LYS A 1 65  ? 18.276  0.565   -5.146  1.00 12.81 ? 65  LYS A CD  1 
ATOM   524  C CE  . LYS A 1 65  ? 18.685  2.028   -5.306  1.00 16.15 ? 65  LYS A CE  1 
ATOM   525  N NZ  . LYS A 1 65  ? 20.014  2.154   -5.936  1.00 17.39 ? 65  LYS A NZ  1 
ATOM   526  N N   . LEU A 1 66  ? 13.493  -1.122  -4.394  1.00 6.96  ? 66  LEU A N   1 
ATOM   527  C CA  . LEU A 1 66  ? 12.220  -0.673  -4.958  1.00 6.78  ? 66  LEU A CA  1 
ATOM   528  C C   . LEU A 1 66  ? 11.222  -0.383  -3.850  1.00 6.40  ? 66  LEU A C   1 
ATOM   529  O O   . LEU A 1 66  ? 10.475  0.585   -3.914  1.00 6.43  ? 66  LEU A O   1 
ATOM   530  C CB  . LEU A 1 66  ? 11.636  -1.720  -5.916  1.00 7.47  ? 66  LEU A CB  1 
ATOM   531  C CG  . LEU A 1 66  ? 12.433  -2.009  -7.196  1.00 8.12  ? 66  LEU A CG  1 
ATOM   532  C CD1 . LEU A 1 66  ? 11.682  -3.037  -8.046  1.00 10.59 ? 66  LEU A CD1 1 
ATOM   533  C CD2 . LEU A 1 66  ? 12.736  -0.730  -7.996  1.00 10.38 ? 66  LEU A CD2 1 
ATOM   534  N N   . PHE A 1 67  ? 11.236  -1.223  -2.816  1.00 6.48  ? 67  PHE A N   1 
ATOM   535  C CA  . PHE A 1 67  ? 10.314  -1.071  -1.694  1.00 6.76  ? 67  PHE A CA  1 
ATOM   536  C C   . PHE A 1 67  ? 10.578  0.241   -0.957  1.00 6.95  ? 67  PHE A C   1 
ATOM   537  O O   . PHE A 1 67  ? 9.640   0.985   -0.658  1.00 7.05  ? 67  PHE A O   1 
ATOM   538  C CB  . PHE A 1 67  ? 10.453  -2.291  -0.787  1.00 6.56  ? 67  PHE A CB  1 
ATOM   539  C CG  . PHE A 1 67  ? 9.465   -2.364  0.355   1.00 7.04  ? 67  PHE A CG  1 
ATOM   540  C CD1 . PHE A 1 67  ? 8.123   -2.019  0.192   1.00 6.85  ? 67  PHE A CD1 1 
ATOM   541  C CD2 . PHE A 1 67  ? 9.884   -2.851  1.588   1.00 7.21  ? 67  PHE A CD2 1 
ATOM   542  C CE1 . PHE A 1 67  ? 7.220   -2.134  1.265   1.00 7.37  ? 67  PHE A CE1 1 
ATOM   543  C CE2 . PHE A 1 67  ? 8.993   -2.976  2.660   1.00 7.93  ? 67  PHE A CE2 1 
ATOM   544  C CZ  . PHE A 1 67  ? 7.660   -2.620  2.495   1.00 7.60  ? 67  PHE A CZ  1 
ATOM   545  N N   . ASN A 1 68  ? 11.847  0.555   -0.702  1.00 6.84  ? 68  ASN A N   1 
ATOM   546  C CA  A ASN A 1 68  ? 12.200  1.827   -0.074  0.50 6.80  ? 68  ASN A CA  1 
ATOM   547  C CA  B ASN A 1 68  ? 12.160  1.821   -0.054  0.50 7.34  ? 68  ASN A CA  1 
ATOM   548  C C   . ASN A 1 68  ? 11.683  3.001   -0.899  1.00 6.78  ? 68  ASN A C   1 
ATOM   549  O O   . ASN A 1 68  ? 11.087  3.948   -0.376  1.00 6.98  ? 68  ASN A O   1 
ATOM   550  C CB  A ASN A 1 68  ? 13.719  1.938   0.106   0.50 6.78  ? 68  ASN A CB  1 
ATOM   551  C CB  B ASN A 1 68  ? 13.654  1.931   0.240   0.50 7.74  ? 68  ASN A CB  1 
ATOM   552  C CG  A ASN A 1 68  ? 14.229  1.162   1.306   0.50 6.62  ? 68  ASN A CG  1 
ATOM   553  C CG  B ASN A 1 68  ? 13.975  3.021   1.252   0.50 10.04 ? 68  ASN A CG  1 
ATOM   554  O OD1 A ASN A 1 68  ? 13.558  1.074   2.331   0.50 6.72  ? 68  ASN A OD1 1 
ATOM   555  O OD1 B ASN A 1 68  ? 13.221  3.981   1.426   0.50 13.34 ? 68  ASN A OD1 1 
ATOM   556  N ND2 A ASN A 1 68  ? 15.421  0.598   1.188   0.50 6.01  ? 68  ASN A ND2 1 
ATOM   557  N ND2 B ASN A 1 68  ? 15.103  2.870   1.928   0.50 11.37 ? 68  ASN A ND2 1 
ATOM   558  N N   . GLN A 1 69  ? 11.918  2.939   -2.210  1.00 6.65  ? 69  GLN A N   1 
ATOM   559  C CA  . GLN A 1 69  ? 11.474  4.000   -3.088  1.00 6.68  ? 69  GLN A CA  1 
ATOM   560  C C   . GLN A 1 69  ? 9.963   4.109   -3.071  1.00 6.76  ? 69  GLN A C   1 
ATOM   561  O O   . GLN A 1 69  ? 9.426   5.202   -3.021  1.00 7.65  ? 69  GLN A O   1 
ATOM   562  C CB  . GLN A 1 69  ? 11.958  3.745   -4.515  1.00 6.43  ? 69  GLN A CB  1 
ATOM   563  C CG  . GLN A 1 69  ? 13.464  3.840   -4.612  1.00 6.82  ? 69  GLN A CG  1 
ATOM   564  C CD  . GLN A 1 69  ? 14.031  3.537   -5.977  1.00 6.81  ? 69  GLN A CD  1 
ATOM   565  O OE1 . GLN A 1 69  ? 15.198  3.820   -6.226  1.00 7.43  ? 69  GLN A OE1 1 
ATOM   566  N NE2 . GLN A 1 69  ? 13.231  2.949   -6.865  1.00 7.32  ? 69  GLN A NE2 1 
ATOM   567  N N   . ASP A 1 70  ? 9.282   2.965   -3.109  1.00 7.08  ? 70  ASP A N   1 
ATOM   568  C CA  . ASP A 1 70  ? 7.820   2.948   -3.206  1.00 7.22  ? 70  ASP A CA  1 
ATOM   569  C C   . ASP A 1 70  ? 7.168   3.468   -1.927  1.00 7.46  ? 70  ASP A C   1 
ATOM   570  O O   . ASP A 1 70  ? 6.183   4.208   -1.995  1.00 8.27  ? 70  ASP A O   1 
ATOM   571  C CB  . ASP A 1 70  ? 7.295   1.543   -3.532  1.00 6.87  ? 70  ASP A CB  1 
ATOM   572  C CG  . ASP A 1 70  ? 7.655   1.081   -4.937  1.00 6.71  ? 70  ASP A CG  1 
ATOM   573  O OD1 . ASP A 1 70  ? 8.062   1.905   -5.780  1.00 8.20  ? 70  ASP A OD1 1 
ATOM   574  O OD2 . ASP A 1 70  ? 7.532   -0.135  -5.174  1.00 7.18  ? 70  ASP A OD2 1 
ATOM   575  N N   . VAL A 1 71  ? 7.705   3.084   -0.773  1.00 7.71  ? 71  VAL A N   1 
ATOM   576  C CA  . VAL A 1 71  ? 7.162   3.595   0.496   1.00 7.95  ? 71  VAL A CA  1 
ATOM   577  C C   . VAL A 1 71  ? 7.371   5.107   0.587   1.00 8.48  ? 71  VAL A C   1 
ATOM   578  O O   . VAL A 1 71  ? 6.437   5.848   0.898   1.00 8.56  ? 71  VAL A O   1 
ATOM   579  C CB  . VAL A 1 71  ? 7.769   2.878   1.715   1.00 8.10  ? 71  VAL A CB  1 
ATOM   580  C CG1 . VAL A 1 71  ? 7.345   3.579   3.025   1.00 7.43  ? 71  VAL A CG1 1 
ATOM   581  C CG2 . VAL A 1 71  ? 7.363   1.409   1.728   1.00 8.51  ? 71  VAL A CG2 1 
ATOM   582  N N   . ASP A 1 72  ? 8.586   5.554   0.275   1.00 8.74  ? 72  ASP A N   1 
ATOM   583  C CA  A ASP A 1 72  ? 8.939   7.000   0.294   0.50 9.39  ? 72  ASP A CA  1 
ATOM   584  C CA  B ASP A 1 72  ? 8.897   6.947   0.303   0.50 9.38  ? 72  ASP A CA  1 
ATOM   585  C C   . ASP A 1 72  ? 7.969   7.752   -0.615  1.00 9.54  ? 72  ASP A C   1 
ATOM   586  O O   . ASP A 1 72  ? 7.372   8.752   -0.209  1.00 9.78  ? 72  ASP A O   1 
ATOM   587  C CB  A ASP A 1 72  ? 10.417  7.223   -0.138  0.50 9.54  ? 72  ASP A CB  1 
ATOM   588  C CB  B ASP A 1 72  ? 10.342  7.091   -0.128  0.50 9.39  ? 72  ASP A CB  1 
ATOM   589  C CG  A ASP A 1 72  ? 10.939  8.696   0.043   0.70 10.71 ? 72  ASP A CG  1 
ATOM   590  C CG  B ASP A 1 72  ? 10.884  8.490   0.119   0.30 10.78 ? 72  ASP A CG  1 
ATOM   591  O OD1 A ASP A 1 72  ? 10.207  9.592   0.511   0.70 14.39 ? 72  ASP A OD1 1 
ATOM   592  O OD1 B ASP A 1 72  ? 11.771  8.639   0.988   0.30 13.39 ? 72  ASP A OD1 1 
ATOM   593  O OD2 A ASP A 1 72  ? 12.122  8.915   -0.311  0.70 14.09 ? 72  ASP A OD2 1 
ATOM   594  O OD2 B ASP A 1 72  ? 10.415  9.445   -0.544  0.30 10.66 ? 72  ASP A OD2 1 
ATOM   595  N N   . ALA A 1 73  ? 7.813   7.284   -1.850  1.00 9.79  ? 73  ALA A N   1 
ATOM   596  C CA  . ALA A 1 73  ? 6.925   7.951   -2.797  1.00 10.26 ? 73  ALA A CA  1 
ATOM   597  C C   . ALA A 1 73  ? 5.456   7.949   -2.349  1.00 10.40 ? 73  ALA A C   1 
ATOM   598  O O   . ALA A 1 73  ? 4.736   8.933   -2.583  1.00 10.69 ? 73  ALA A O   1 
ATOM   599  C CB  . ALA A 1 73  ? 7.071   7.342   -4.188  1.00 11.21 ? 73  ALA A CB  1 
ATOM   600  N N   . ALA A 1 74  ? 5.017   6.869   -1.704  1.00 10.01 ? 74  ALA A N   1 
ATOM   601  C CA  . ALA A 1 74  ? 3.648   6.792   -1.181  1.00 10.02 ? 74  ALA A CA  1 
ATOM   602  C C   . ALA A 1 74  ? 3.402   7.875   -0.128  1.00 10.24 ? 74  ALA A C   1 
ATOM   603  O O   . ALA A 1 74  ? 2.420   8.611   -0.220  1.00 10.20 ? 74  ALA A O   1 
ATOM   604  C CB  . ALA A 1 74  ? 3.349   5.406   -0.621  1.00 10.42 ? 74  ALA A CB  1 
ATOM   605  N N   . VAL A 1 75  ? 4.304   7.964   0.853   1.00 9.82  ? 75  VAL A N   1 
ATOM   606  C CA  A VAL A 1 75  ? 4.153   8.950   1.917   0.50 10.52 ? 75  VAL A CA  1 
ATOM   607  C CA  B VAL A 1 75  ? 4.227   8.961   1.934   0.50 10.31 ? 75  VAL A CA  1 
ATOM   608  C C   . VAL A 1 75  ? 4.248   10.371  1.360   1.00 10.32 ? 75  VAL A C   1 
ATOM   609  O O   . VAL A 1 75  ? 3.433   11.225  1.721   1.00 9.95  ? 75  VAL A O   1 
ATOM   610  C CB  A VAL A 1 75  ? 5.133   8.718   3.110   0.50 11.03 ? 75  VAL A CB  1 
ATOM   611  C CB  B VAL A 1 75  ? 5.421   8.844   2.926   0.50 10.59 ? 75  VAL A CB  1 
ATOM   612  C CG1 A VAL A 1 75  ? 4.982   7.333   3.655   0.50 11.78 ? 75  VAL A CG1 1 
ATOM   613  C CG1 B VAL A 1 75  ? 5.276   9.862   4.056   0.50 10.51 ? 75  VAL A CG1 1 
ATOM   614  C CG2 A VAL A 1 75  ? 6.569   8.933   2.714   0.50 11.42 ? 75  VAL A CG2 1 
ATOM   615  C CG2 B VAL A 1 75  ? 5.521   7.453   3.506   0.50 11.06 ? 75  VAL A CG2 1 
ATOM   616  N N   . ARG A 1 76  ? 5.205   10.622  0.468   1.00 10.29 ? 76  ARG A N   1 
ATOM   617  C CA  A ARG A 1 76  ? 5.363   11.953  -0.100  0.60 10.26 ? 76  ARG A CA  1 
ATOM   618  C CA  B ARG A 1 76  ? 5.358   11.954  -0.114  0.40 10.43 ? 76  ARG A CA  1 
ATOM   619  C C   . ARG A 1 76  ? 4.134   12.341  -0.922  1.00 10.48 ? 76  ARG A C   1 
ATOM   620  O O   . ARG A 1 76  ? 3.712   13.500  -0.909  1.00 10.86 ? 76  ARG A O   1 
ATOM   621  C CB  A ARG A 1 76  ? 6.640   12.040  -0.937  0.60 10.39 ? 76  ARG A CB  1 
ATOM   622  C CB  B ARG A 1 76  ? 6.614   12.044  -0.980  0.40 10.54 ? 76  ARG A CB  1 
ATOM   623  C CG  A ARG A 1 76  ? 7.101   13.461  -1.204  0.60 10.11 ? 76  ARG A CG  1 
ATOM   624  C CG  B ARG A 1 76  ? 7.904   11.997  -0.194  0.40 10.97 ? 76  ARG A CG  1 
ATOM   625  C CD  A ARG A 1 76  ? 7.542   14.167  0.068   0.60 11.23 ? 76  ARG A CD  1 
ATOM   626  C CD  B ARG A 1 76  ? 8.063   13.169  0.782   0.40 11.45 ? 76  ARG A CD  1 
ATOM   627  N NE  A ARG A 1 76  ? 8.053   15.504  -0.206  0.60 10.27 ? 76  ARG A NE  1 
ATOM   628  N NE  B ARG A 1 76  ? 8.238   14.462  0.115   0.40 12.46 ? 76  ARG A NE  1 
ATOM   629  C CZ  A ARG A 1 76  ? 9.322   15.774  -0.514  0.60 9.55  ? 76  ARG A CZ  1 
ATOM   630  C CZ  B ARG A 1 76  ? 9.404   14.944  -0.317  0.40 12.51 ? 76  ARG A CZ  1 
ATOM   631  N NH1 A ARG A 1 76  ? 10.213  14.794  -0.603  0.60 9.73  ? 76  ARG A NH1 1 
ATOM   632  N NH1 B ARG A 1 76  ? 10.522  14.246  -0.172  0.40 12.88 ? 76  ARG A NH1 1 
ATOM   633  N NH2 A ARG A 1 76  ? 9.700   17.022  -0.746  0.60 9.44  ? 76  ARG A NH2 1 
ATOM   634  N NH2 B ARG A 1 76  ? 9.450   16.133  -0.900  0.40 12.64 ? 76  ARG A NH2 1 
ATOM   635  N N   . GLY A 1 77  ? 3.557   11.365  -1.618  1.00 10.23 ? 77  GLY A N   1 
ATOM   636  C CA  . GLY A 1 77  ? 2.326   11.595  -2.367  1.00 10.52 ? 77  GLY A CA  1 
ATOM   637  C C   . GLY A 1 77  ? 1.190   12.032  -1.456  1.00 10.43 ? 77  GLY A C   1 
ATOM   638  O O   . GLY A 1 77  ? 0.449   12.963  -1.782  1.00 11.17 ? 77  GLY A O   1 
ATOM   639  N N   . ILE A 1 78  ? 1.058   11.368  -0.309  1.00 10.00 ? 78  ILE A N   1 
ATOM   640  C CA  . ILE A 1 78  ? 0.064   11.769  0.687   1.00 10.20 ? 78  ILE A CA  1 
ATOM   641  C C   . ILE A 1 78  ? 0.258   13.237  1.070   1.00 10.58 ? 78  ILE A C   1 
ATOM   642  O O   . ILE A 1 78  ? -0.697  14.016  1.064   1.00 10.29 ? 78  ILE A O   1 
ATOM   643  C CB  . ILE A 1 78  ? 0.118   10.865  1.937   1.00 9.89  ? 78  ILE A CB  1 
ATOM   644  C CG1 . ILE A 1 78  ? -0.437  9.476   1.610   1.00 10.38 ? 78  ILE A CG1 1 
ATOM   645  C CG2 . ILE A 1 78  ? -0.660  11.488  3.102   1.00 10.10 ? 78  ILE A CG2 1 
ATOM   646  C CD1 . ILE A 1 78  ? -0.113  8.419   2.658   1.00 10.35 ? 78  ILE A CD1 1 
ATOM   647  N N   . LEU A 1 79  ? 1.493   13.615  1.383   1.00 10.53 ? 79  LEU A N   1 
ATOM   648  C CA  . LEU A 1 79  ? 1.765   14.995  1.798   1.00 11.61 ? 79  LEU A CA  1 
ATOM   649  C C   . LEU A 1 79  ? 1.482   16.011  0.702   1.00 12.44 ? 79  LEU A C   1 
ATOM   650  O O   . LEU A 1 79  ? 1.151   17.161  0.992   1.00 12.78 ? 79  LEU A O   1 
ATOM   651  C CB  . LEU A 1 79  ? 3.202   15.146  2.297   1.00 11.22 ? 79  LEU A CB  1 
ATOM   652  C CG  . LEU A 1 79  ? 3.589   14.303  3.516   1.00 12.07 ? 79  LEU A CG  1 
ATOM   653  C CD1 . LEU A 1 79  ? 4.986   14.684  3.951   1.00 14.08 ? 79  LEU A CD1 1 
ATOM   654  C CD2 . LEU A 1 79  ? 2.590   14.457  4.684   1.00 12.14 ? 79  LEU A CD2 1 
ATOM   655  N N   . ARG A 1 80  ? 1.610   15.585  -0.552  1.00 13.20 ? 80  ARG A N   1 
ATOM   656  C CA  . ARG A 1 80  ? 1.355   16.459  -1.700  1.00 14.43 ? 80  ARG A CA  1 
ATOM   657  C C   . ARG A 1 80  ? -0.117  16.506  -2.111  1.00 14.70 ? 80  ARG A C   1 
ATOM   658  O O   . ARG A 1 80  ? -0.500  17.297  -2.977  1.00 15.75 ? 80  ARG A O   1 
ATOM   659  C CB  . ARG A 1 80  ? 2.238   16.044  -2.885  1.00 14.75 ? 80  ARG A CB  1 
ATOM   660  C CG  . ARG A 1 80  ? 3.672   16.512  -2.733  1.00 15.97 ? 80  ARG A CG  1 
ATOM   661  C CD  . ARG A 1 80  ? 4.622   15.886  -3.741  1.00 18.06 ? 80  ARG A CD  1 
ATOM   662  N NE  . ARG A 1 80  ? 5.976   16.403  -3.550  0.50 16.98 ? 80  ARG A NE  1 
ATOM   663  C CZ  . ARG A 1 80  ? 7.089   15.751  -3.870  0.50 16.80 ? 80  ARG A CZ  1 
ATOM   664  N NH1 . ARG A 1 80  ? 7.027   14.533  -4.393  0.50 16.80 ? 80  ARG A NH1 1 
ATOM   665  N NH2 . ARG A 1 80  ? 8.268   16.318  -3.652  0.50 17.54 ? 80  ARG A NH2 1 
ATOM   666  N N   . ASN A 1 81  ? -0.937  15.668  -1.482  1.00 14.86 ? 81  ASN A N   1 
ATOM   667  C CA  . ASN A 1 81  ? -2.358  15.587  -1.792  1.00 15.02 ? 81  ASN A CA  1 
ATOM   668  C C   . ASN A 1 81  ? -3.165  16.424  -0.812  1.00 15.27 ? 81  ASN A C   1 
ATOM   669  O O   . ASN A 1 81  ? -3.150  16.167  0.391   1.00 14.81 ? 81  ASN A O   1 
ATOM   670  C CB  . ASN A 1 81  ? -2.805  14.123  -1.771  1.00 15.11 ? 81  ASN A CB  1 
ATOM   671  C CG  . ASN A 1 81  ? -4.215  13.928  -2.296  1.00 16.35 ? 81  ASN A CG  1 
ATOM   672  O OD1 . ASN A 1 81  ? -5.172  14.514  -1.787  1.00 18.96 ? 81  ASN A OD1 1 
ATOM   673  N ND2 . ASN A 1 81  ? -4.354  13.074  -3.301  1.00 16.80 ? 81  ASN A ND2 1 
ATOM   674  N N   . ALA A 1 82  ? -3.870  17.429  -1.327  1.00 15.69 ? 82  ALA A N   1 
ATOM   675  C CA  . ALA A 1 82  ? -4.588  18.382  -0.479  1.00 16.28 ? 82  ALA A CA  1 
ATOM   676  C C   . ALA A 1 82  ? -5.719  17.751  0.329   1.00 16.23 ? 82  ALA A C   1 
ATOM   677  O O   . ALA A 1 82  ? -6.071  18.257  1.398   1.00 16.73 ? 82  ALA A O   1 
ATOM   678  C CB  . ALA A 1 82  ? -5.107  19.549  -1.308  1.00 16.59 ? 82  ALA A CB  1 
ATOM   679  N N   . LYS A 1 83  ? -6.287  16.658  -0.173  1.00 16.09 ? 83  LYS A N   1 
ATOM   680  C CA  . LYS A 1 83  ? -7.332  15.943  0.558   1.00 16.03 ? 83  LYS A CA  1 
ATOM   681  C C   . LYS A 1 83  ? -6.756  15.032  1.633   1.00 15.23 ? 83  LYS A C   1 
ATOM   682  O O   . LYS A 1 83  ? -7.345  14.871  2.702   1.00 16.87 ? 83  LYS A O   1 
ATOM   683  C CB  . LYS A 1 83  ? -8.210  15.117  -0.382  1.00 16.57 ? 83  LYS A CB  1 
ATOM   684  C CG  . LYS A 1 83  ? -9.152  15.932  -1.252  0.50 17.27 ? 83  LYS A CG  1 
ATOM   685  C CD  . LYS A 1 83  ? -10.100 15.018  -2.008  0.50 19.02 ? 83  LYS A CD  1 
ATOM   686  C CE  . LYS A 1 83  ? -10.990 15.798  -2.959  0.50 20.11 ? 83  LYS A CE  1 
ATOM   687  N NZ  . LYS A 1 83  ? -10.236 16.337  -4.126  0.50 21.05 ? 83  LYS A NZ  1 
ATOM   688  N N   . LEU A 1 84  ? -5.606  14.435  1.352   1.00 13.51 ? 84  LEU A N   1 
ATOM   689  C CA  . LEU A 1 84  ? -5.048  13.441  2.255   1.00 11.86 ? 84  LEU A CA  1 
ATOM   690  C C   . LEU A 1 84  ? -4.158  14.031  3.341   1.00 10.63 ? 84  LEU A C   1 
ATOM   691  O O   . LEU A 1 84  ? -4.162  13.541  4.467   1.00 9.99  ? 84  LEU A O   1 
ATOM   692  C CB  . LEU A 1 84  ? -4.279  12.367  1.481   1.00 12.00 ? 84  LEU A CB  1 
ATOM   693  C CG  . LEU A 1 84  ? -5.049  11.544  0.445   1.00 13.36 ? 84  LEU A CG  1 
ATOM   694  C CD1 . LEU A 1 84  ? -4.090  10.575  -0.216  1.00 13.43 ? 84  LEU A CD1 1 
ATOM   695  C CD2 . LEU A 1 84  ? -6.230  10.810  1.063   1.00 14.44 ? 84  LEU A CD2 1 
ATOM   696  N N   . LYS A 1 85  ? -3.397  15.069  3.011   1.00 9.70  ? 85  LYS A N   1 
ATOM   697  C CA  . LYS A 1 85  ? -2.453  15.640  3.972   1.00 9.19  ? 85  LYS A CA  1 
ATOM   698  C C   . LYS A 1 85  ? -3.066  16.014  5.338   1.00 8.85  ? 85  LYS A C   1 
ATOM   699  O O   . LYS A 1 85  ? -2.540  15.599  6.364   1.00 8.50  ? 85  LYS A O   1 
ATOM   700  C CB  . LYS A 1 85  ? -1.677  16.825  3.387   1.00 9.39  ? 85  LYS A CB  1 
ATOM   701  C CG  . LYS A 1 85  ? -0.575  17.318  4.303   1.00 10.53 ? 85  LYS A CG  1 
ATOM   702  C CD  . LYS A 1 85  ? 0.021   18.603  3.781   1.00 12.09 ? 85  LYS A CD  1 
ATOM   703  C CE  . LYS A 1 85  ? 1.218   19.016  4.602   1.00 13.96 ? 85  LYS A CE  1 
ATOM   704  N NZ  . LYS A 1 85  ? 1.866   20.243  4.046   0.50 13.54 ? 85  LYS A NZ  1 
ATOM   705  N N   . PRO A 1 86  ? -4.164  16.796  5.362   1.00 9.12  ? 86  PRO A N   1 
ATOM   706  C CA  . PRO A 1 86  ? -4.699  17.142  6.693   1.00 9.34  ? 86  PRO A CA  1 
ATOM   707  C C   . PRO A 1 86  ? -5.153  15.932  7.501   1.00 8.81  ? 86  PRO A C   1 
ATOM   708  O O   . PRO A 1 86  ? -5.009  15.919  8.719   1.00 8.46  ? 86  PRO A O   1 
ATOM   709  C CB  . PRO A 1 86  ? -5.888  18.055  6.379   1.00 9.73  ? 86  PRO A CB  1 
ATOM   710  C CG  . PRO A 1 86  ? -6.220  17.813  4.942   1.00 10.53 ? 86  PRO A CG  1 
ATOM   711  C CD  . PRO A 1 86  ? -4.941  17.420  4.273   1.00 9.79  ? 86  PRO A CD  1 
ATOM   712  N N   . VAL A 1 87  ? -5.686  14.912  6.832   1.00 8.15  ? 87  VAL A N   1 
ATOM   713  C CA  . VAL A 1 87  ? -6.118  13.712  7.533   1.00 8.14  ? 87  VAL A CA  1 
ATOM   714  C C   . VAL A 1 87  ? -4.894  12.966  8.072   1.00 7.35  ? 87  VAL A C   1 
ATOM   715  O O   . VAL A 1 87  ? -4.828  12.602  9.242   1.00 7.15  ? 87  VAL A O   1 
ATOM   716  C CB  . VAL A 1 87  ? -6.974  12.796  6.623   1.00 8.20  ? 87  VAL A CB  1 
ATOM   717  C CG1 . VAL A 1 87  ? -7.508  11.608  7.418   1.00 8.78  ? 87  VAL A CG1 1 
ATOM   718  C CG2 . VAL A 1 87  ? -8.132  13.599  6.023   1.00 9.99  ? 87  VAL A CG2 1 
ATOM   719  N N   . TYR A 1 88  ? -3.896  12.775  7.216   1.00 7.10  ? 88  TYR A N   1 
ATOM   720  C CA  . TYR A 1 88  ? -2.667  12.117  7.619   1.00 7.37  ? 88  TYR A CA  1 
ATOM   721  C C   . TYR A 1 88  ? -2.026  12.827  8.806   1.00 7.22  ? 88  TYR A C   1 
ATOM   722  O O   . TYR A 1 88  ? -1.666  12.193  9.794   1.00 7.00  ? 88  TYR A O   1 
ATOM   723  C CB  . TYR A 1 88  ? -1.708  12.081  6.428   1.00 8.09  ? 88  TYR A CB  1 
ATOM   724  C CG  . TYR A 1 88  ? -0.418  11.353  6.690   1.00 8.67  ? 88  TYR A CG  1 
ATOM   725  C CD1 . TYR A 1 88  ? -0.340  9.966   6.552   1.00 7.48  ? 88  TYR A CD1 1 
ATOM   726  C CD2 . TYR A 1 88  ? 0.724   12.041  7.076   1.00 8.92  ? 88  TYR A CD2 1 
ATOM   727  C CE1 . TYR A 1 88  ? 0.844   9.291   6.776   1.00 8.85  ? 88  TYR A CE1 1 
ATOM   728  C CE2 . TYR A 1 88  ? 1.916   11.374  7.317   1.00 9.48  ? 88  TYR A CE2 1 
ATOM   729  C CZ  . TYR A 1 88  ? 1.966   9.995   7.170   1.00 9.90  ? 88  TYR A CZ  1 
ATOM   730  O OH  . TYR A 1 88  ? 3.137   9.316   7.403   1.00 12.04 ? 88  TYR A OH  1 
ATOM   731  N N   . ASP A 1 89  ? -1.908  14.149  8.713   1.00 7.10  ? 89  ASP A N   1 
ATOM   732  C CA  . ASP A 1 89  ? -1.256  14.905  9.775   1.00 7.82  ? 89  ASP A CA  1 
ATOM   733  C C   . ASP A 1 89  ? -2.045  14.881  11.081  1.00 7.53  ? 89  ASP A C   1 
ATOM   734  O O   . ASP A 1 89  ? -1.474  15.079  12.146  1.00 8.11  ? 89  ASP A O   1 
ATOM   735  C CB  . ASP A 1 89  ? -0.960  16.329  9.316   1.00 8.09  ? 89  ASP A CB  1 
ATOM   736  C CG  . ASP A 1 89  ? 0.277   16.407  8.437   1.00 10.83 ? 89  ASP A CG  1 
ATOM   737  O OD1 . ASP A 1 89  ? 1.019   15.405  8.329   1.00 13.91 ? 89  ASP A OD1 1 
ATOM   738  O OD2 . ASP A 1 89  ? 0.501   17.476  7.853   1.00 13.42 ? 89  ASP A OD2 1 
ATOM   739  N N   . SER A 1 90  ? -3.344  14.598  10.998  1.00 6.77  ? 90  SER A N   1 
ATOM   740  C CA  . SER A 1 90  ? -4.174  14.503  12.201  1.00 6.45  ? 90  SER A CA  1 
ATOM   741  C C   . SER A 1 90  ? -3.965  13.196  12.951  1.00 6.70  ? 90  SER A C   1 
ATOM   742  O O   . SER A 1 90  ? -4.333  13.084  14.119  1.00 6.42  ? 90  SER A O   1 
ATOM   743  C CB  . SER A 1 90  ? -5.657  14.664  11.868  1.00 6.67  ? 90  SER A CB  1 
ATOM   744  O OG  . SER A 1 90  ? -6.211  13.467  11.312  1.00 6.31  ? 90  SER A OG  1 
ATOM   745  N N   . LEU A 1 91  ? -3.406  12.198  12.269  1.00 6.38  ? 91  LEU A N   1 
ATOM   746  C CA  . LEU A 1 91  ? -3.279  10.856  12.831  1.00 7.10  ? 91  LEU A CA  1 
ATOM   747  C C   . LEU A 1 91  ? -2.038  10.682  13.685  1.00 6.90  ? 91  LEU A C   1 
ATOM   748  O O   . LEU A 1 91  ? -1.030  11.366  13.489  1.00 7.24  ? 91  LEU A O   1 
ATOM   749  C CB  . LEU A 1 91  ? -3.261  9.807   11.710  1.00 7.20  ? 91  LEU A CB  1 
ATOM   750  C CG  . LEU A 1 91  ? -4.508  9.702   10.833  1.00 7.20  ? 91  LEU A CG  1 
ATOM   751  C CD1 . LEU A 1 91  ? -4.204  8.800   9.645   1.00 8.38  ? 91  LEU A CD1 1 
ATOM   752  C CD2 . LEU A 1 91  ? -5.686  9.172   11.617  1.00 8.68  ? 91  LEU A CD2 1 
ATOM   753  N N   . ASP A 1 92  ? -2.123  9.749   14.627  1.00 7.00  ? 92  ASP A N   1 
ATOM   754  C CA  . ASP A 1 92  ? -0.966  9.241   15.353  1.00 7.27  ? 92  ASP A CA  1 
ATOM   755  C C   . ASP A 1 92  ? -0.097  8.369   14.439  1.00 7.84  ? 92  ASP A C   1 
ATOM   756  O O   . ASP A 1 92  ? -0.516  7.989   13.343  1.00 7.57  ? 92  ASP A O   1 
ATOM   757  C CB  . ASP A 1 92  ? -1.455  8.400   16.521  1.00 7.37  ? 92  ASP A CB  1 
ATOM   758  C CG  . ASP A 1 92  ? -2.343  7.271   16.060  1.00 7.47  ? 92  ASP A CG  1 
ATOM   759  O OD1 . ASP A 1 92  ? -1.788  6.173   15.803  1.00 9.24  ? 92  ASP A OD1 1 
ATOM   760  O OD2 . ASP A 1 92  ? -3.549  7.521   15.861  1.00 7.75  ? 92  ASP A OD2 1 
ATOM   761  N N   . ALA A 1 93  ? 1.095   8.016   14.913  1.00 8.54  ? 93  ALA A N   1 
ATOM   762  C CA  . ALA A 1 93  ? 2.072   7.297   14.095  1.00 9.07  ? 93  ALA A CA  1 
ATOM   763  C C   . ALA A 1 93  ? 1.590   5.939   13.595  1.00 8.83  ? 93  ALA A C   1 
ATOM   764  O O   . ALA A 1 93  ? 1.892   5.560   12.463  1.00 10.09 ? 93  ALA A O   1 
ATOM   765  C CB  . ALA A 1 93  ? 3.386   7.136   14.855  1.00 10.16 ? 93  ALA A CB  1 
ATOM   766  N N   . VAL A 1 94  ? 0.873   5.193   14.421  1.00 8.23  ? 94  VAL A N   1 
ATOM   767  C CA  . VAL A 1 94  ? 0.431   3.864   14.001  1.00 8.19  ? 94  VAL A CA  1 
ATOM   768  C C   . VAL A 1 94  ? -0.641  3.985   12.915  1.00 7.39  ? 94  VAL A C   1 
ATOM   769  O O   . VAL A 1 94  ? -0.582  3.308   11.880  1.00 6.64  ? 94  VAL A O   1 
ATOM   770  C CB  . VAL A 1 94  ? -0.064  3.037   15.192  1.00 8.16  ? 94  VAL A CB  1 
ATOM   771  C CG1 . VAL A 1 94  ? -0.562  1.672   14.732  1.00 9.07  ? 94  VAL A CG1 1 
ATOM   772  C CG2 . VAL A 1 94  ? 1.060   2.854   16.210  1.00 9.88  ? 94  VAL A CG2 1 
ATOM   773  N N   . ARG A 1 95  ? -1.613  4.866   13.124  1.00 6.36  ? 95  ARG A N   1 
ATOM   774  C CA  . ARG A 1 95  ? -2.653  5.045   12.122  1.00 6.04  ? 95  ARG A CA  1 
ATOM   775  C C   . ARG A 1 95  ? -2.089  5.643   10.834  1.00 6.19  ? 95  ARG A C   1 
ATOM   776  O O   . ARG A 1 95  ? -2.586  5.332   9.751   1.00 6.04  ? 95  ARG A O   1 
ATOM   777  C CB  . ARG A 1 95  ? -3.822  5.867   12.677  1.00 5.87  ? 95  ARG A CB  1 
ATOM   778  C CG  . ARG A 1 95  ? -4.549  5.145   13.788  1.00 5.46  ? 95  ARG A CG  1 
ATOM   779  C CD  . ARG A 1 95  ? -5.783  5.906   14.197  1.00 6.61  ? 95  ARG A CD  1 
ATOM   780  N NE  . ARG A 1 95  ? -6.633  5.186   15.136  1.00 6.53  ? 95  ARG A NE  1 
ATOM   781  C CZ  . ARG A 1 95  ? -6.529  5.260   16.460  1.00 6.78  ? 95  ARG A CZ  1 
ATOM   782  N NH1 . ARG A 1 95  ? -5.573  5.987   17.036  1.00 7.27  ? 95  ARG A NH1 1 
ATOM   783  N NH2 . ARG A 1 95  ? -7.379  4.583   17.209  1.00 6.83  ? 95  ARG A NH2 1 
ATOM   784  N N   . ARG A 1 96  ? -1.037  6.461   10.926  1.00 6.06  ? 96  ARG A N   1 
ATOM   785  C CA  . ARG A 1 96  ? -0.367  6.938   9.712   1.00 6.46  ? 96  ARG A CA  1 
ATOM   786  C C   . ARG A 1 96  ? 0.132   5.758   8.879   1.00 6.02  ? 96  ARG A C   1 
ATOM   787  O O   . ARG A 1 96  ? 0.068   5.807   7.647   1.00 6.21  ? 96  ARG A O   1 
ATOM   788  C CB  . ARG A 1 96  ? 0.794   7.875   10.044  1.00 6.45  ? 96  ARG A CB  1 
ATOM   789  C CG  . ARG A 1 96  ? 0.335   9.245   10.449  1.00 6.96  ? 96  ARG A CG  1 
ATOM   790  C CD  . ARG A 1 96  ? 1.499   10.116  10.856  1.00 8.30  ? 96  ARG A CD  1 
ATOM   791  N NE  . ARG A 1 96  ? 0.966   11.374  11.350  0.50 5.19  ? 96  ARG A NE  1 
ATOM   792  C CZ  . ARG A 1 96  ? 1.706   12.407  11.713  0.50 5.85  ? 96  ARG A CZ  1 
ATOM   793  N NH1 . ARG A 1 96  ? 3.025   12.346  11.605  0.50 7.41  ? 96  ARG A NH1 1 
ATOM   794  N NH2 . ARG A 1 96  ? 1.115   13.507  12.151  0.50 4.20  ? 96  ARG A NH2 1 
ATOM   795  N N   . CYS A 1 97  ? 0.626   4.715   9.549   1.00 6.02  ? 97  CYS A N   1 
ATOM   796  C CA  . CYS A 1 97  ? 1.066   3.507   8.847   1.00 6.40  ? 97  CYS A CA  1 
ATOM   797  C C   . CYS A 1 97  ? -0.075  2.841   8.113   1.00 5.99  ? 97  CYS A C   1 
ATOM   798  O O   . CYS A 1 97  ? 0.105   2.393   6.984   1.00 6.28  ? 97  CYS A O   1 
ATOM   799  C CB  . CYS A 1 97  ? 1.694   2.514   9.802   1.00 6.31  ? 97  CYS A CB  1 
ATOM   800  S SG  . CYS A 1 97  ? 3.294   3.036   10.428  1.00 8.27  ? 97  CYS A SG  1 
ATOM   801  N N   . ALA A 1 98  ? -1.255  2.785   8.726   1.00 5.58  ? 98  ALA A N   1 
ATOM   802  C CA  . ALA A 1 98  ? -2.418  2.248   8.025   1.00 5.44  ? 98  ALA A CA  1 
ATOM   803  C C   . ALA A 1 98  ? -2.731  3.050   6.762   1.00 5.90  ? 98  ALA A C   1 
ATOM   804  O O   . ALA A 1 98  ? -3.049  2.469   5.715   1.00 6.06  ? 98  ALA A O   1 
ATOM   805  C CB  . ALA A 1 98  ? -3.626  2.201   8.960   1.00 5.78  ? 98  ALA A CB  1 
ATOM   806  N N   . ALA A 1 99  ? -2.620  4.372   6.854   1.00 5.63  ? 99  ALA A N   1 
ATOM   807  C CA  . ALA A 1 99  ? -2.856  5.253   5.718   1.00 6.13  ? 99  ALA A CA  1 
ATOM   808  C C   . ALA A 1 99  ? -1.858  4.997   4.591   1.00 6.31  ? 99  ALA A C   1 
ATOM   809  O O   . ALA A 1 99  ? -2.243  4.904   3.407   1.00 6.45  ? 99  ALA A O   1 
ATOM   810  C CB  . ALA A 1 99  ? -2.795  6.716   6.170   1.00 6.66  ? 99  ALA A CB  1 
ATOM   811  N N   . ILE A 1 100 ? -0.581  4.878   4.949   1.00 6.11  ? 100 ILE A N   1 
ATOM   812  C CA  . ILE A 1 100 ? 0.447   4.585   3.948   1.00 6.33  ? 100 ILE A CA  1 
ATOM   813  C C   . ILE A 1 100 ? 0.181   3.246   3.280   1.00 6.29  ? 100 ILE A C   1 
ATOM   814  O O   . ILE A 1 100 ? 0.287   3.125   2.049   1.00 6.94  ? 100 ILE A O   1 
ATOM   815  C CB  . ILE A 1 100 ? 1.866   4.623   4.552   1.00 6.34  ? 100 ILE A CB  1 
ATOM   816  C CG1 . ILE A 1 100 ? 2.174   6.025   5.081   1.00 6.84  ? 100 ILE A CG1 1 
ATOM   817  C CG2 . ILE A 1 100 ? 2.912   4.214   3.505   1.00 6.45  ? 100 ILE A CG2 1 
ATOM   818  C CD1 . ILE A 1 100 ? 3.265   6.047   6.123   1.00 9.11  ? 100 ILE A CD1 1 
ATOM   819  N N   . ASN A 1 101 ? -0.183  2.254   4.087   1.00 5.99  ? 101 ASN A N   1 
ATOM   820  C CA  . ASN A 1 101 ? -0.481  0.920   3.589   1.00 6.02  ? 101 ASN A CA  1 
ATOM   821  C C   . ASN A 1 101 ? -1.606  0.974   2.555   1.00 6.03  ? 101 ASN A C   1 
ATOM   822  O O   . ASN A 1 101 ? -1.467  0.440   1.444   1.00 5.81  ? 101 ASN A O   1 
ATOM   823  C CB  . ASN A 1 101 ? -0.838  0.013   4.770   1.00 5.81  ? 101 ASN A CB  1 
ATOM   824  C CG  . ASN A 1 101 ? -0.919  -1.446  4.399   1.00 5.68  ? 101 ASN A CG  1 
ATOM   825  O OD1 . ASN A 1 101 ? -1.609  -1.822  3.444   1.00 6.67  ? 101 ASN A OD1 1 
ATOM   826  N ND2 . ASN A 1 101 ? -0.242  -2.285  5.171   1.00 5.91  ? 101 ASN A ND2 1 
ATOM   827  N N   . GLN A 1 102 ? -2.698  1.650   2.897   1.00 6.40  ? 102 GLN A N   1 
ATOM   828  C CA  . GLN A 1 102 ? -3.827  1.742   1.987   1.00 6.89  ? 102 GLN A CA  1 
ATOM   829  C C   . GLN A 1 102 ? -3.441  2.429   0.673   1.00 6.99  ? 102 GLN A C   1 
ATOM   830  O O   . GLN A 1 102 ? -3.781  1.944   -0.403  1.00 7.01  ? 102 GLN A O   1 
ATOM   831  C CB  . GLN A 1 102 ? -5.012  2.435   2.654   1.00 7.57  ? 102 GLN A CB  1 
ATOM   832  C CG  . GLN A 1 102 ? -6.300  2.277   1.875   1.00 9.71  ? 102 GLN A CG  1 
ATOM   833  C CD  . GLN A 1 102 ? -7.488  2.898   2.571   1.00 13.13 ? 102 GLN A CD  1 
ATOM   834  O OE1 . GLN A 1 102 ? -7.409  3.304   3.729   1.00 13.91 ? 102 GLN A OE1 1 
ATOM   835  N NE2 . GLN A 1 102 ? -8.605  2.977   1.863   1.00 15.34 ? 102 GLN A NE2 1 
ATOM   836  N N   . VAL A 1 103 ? -2.707  3.533   0.757   1.00 6.85  ? 103 VAL A N   1 
ATOM   837  C CA  . VAL A 1 103 ? -2.276  4.259   -0.441  1.00 7.68  ? 103 VAL A CA  1 
ATOM   838  C C   . VAL A 1 103 ? -1.310  3.410   -1.269  1.00 7.55  ? 103 VAL A C   1 
ATOM   839  O O   . VAL A 1 103 ? -1.371  3.409   -2.502  1.00 8.23  ? 103 VAL A O   1 
ATOM   840  C CB  . VAL A 1 103 ? -1.636  5.612   -0.063  1.00 7.83  ? 103 VAL A CB  1 
ATOM   841  C CG1 . VAL A 1 103 ? -0.878  6.226   -1.236  1.00 9.68  ? 103 VAL A CG1 1 
ATOM   842  C CG2 . VAL A 1 103 ? -2.704  6.568   0.439   1.00 10.02 ? 103 VAL A CG2 1 
ATOM   843  N N   . PHE A 1 104 ? -0.414  2.693   -0.599  1.00 7.57  ? 104 PHE A N   1 
ATOM   844  C CA  . PHE A 1 104 ? 0.510   1.782   -1.277  1.00 7.38  ? 104 PHE A CA  1 
ATOM   845  C C   . PHE A 1 104 ? -0.266  0.762   -2.105  1.00 7.67  ? 104 PHE A C   1 
ATOM   846  O O   . PHE A 1 104 ? 0.077   0.495   -3.261  1.00 8.56  ? 104 PHE A O   1 
ATOM   847  C CB  . PHE A 1 104 ? 1.400   1.093   -0.233  1.00 7.23  ? 104 PHE A CB  1 
ATOM   848  C CG  . PHE A 1 104 ? 2.534   0.284   -0.804  1.00 6.72  ? 104 PHE A CG  1 
ATOM   849  C CD1 . PHE A 1 104 ? 3.838   0.795   -0.807  1.00 6.74  ? 104 PHE A CD1 1 
ATOM   850  C CD2 . PHE A 1 104 ? 2.323   -1.003  -1.269  1.00 8.43  ? 104 PHE A CD2 1 
ATOM   851  C CE1 . PHE A 1 104 ? 4.896   0.044   -1.301  1.00 8.37  ? 104 PHE A CE1 1 
ATOM   852  C CE2 . PHE A 1 104 ? 3.382   -1.760  -1.771  1.00 9.62  ? 104 PHE A CE2 1 
ATOM   853  C CZ  . PHE A 1 104 ? 4.659   -1.231  -1.789  1.00 9.35  ? 104 PHE A CZ  1 
ATOM   854  N N   . GLN A 1 105 ? -1.332  0.214   -1.531  1.00 7.43  ? 105 GLN A N   1 
ATOM   855  C CA  . GLN A 1 105 ? -2.101  -0.812  -2.231  1.00 7.77  ? 105 GLN A CA  1 
ATOM   856  C C   . GLN A 1 105 ? -2.966  -0.244  -3.356  1.00 8.89  ? 105 GLN A C   1 
ATOM   857  O O   . GLN A 1 105 ? -2.988  -0.795  -4.470  1.00 9.34  ? 105 GLN A O   1 
ATOM   858  C CB  . GLN A 1 105 ? -2.999  -1.573  -1.247  1.00 7.37  ? 105 GLN A CB  1 
ATOM   859  C CG  . GLN A 1 105 ? -3.770  -2.715  -1.912  1.00 7.39  ? 105 GLN A CG  1 
ATOM   860  C CD  . GLN A 1 105 ? -4.725  -3.424  -0.970  1.00 7.78  ? 105 GLN A CD  1 
ATOM   861  O OE1 . GLN A 1 105 ? -4.809  -3.109  0.216   1.00 7.35  ? 105 GLN A OE1 1 
ATOM   862  N NE2 . GLN A 1 105 ? -5.446  -4.402  -1.499  1.00 9.24  ? 105 GLN A NE2 1 
ATOM   863  N N   . MET A 1 106 ? -3.672  0.850   -3.073  1.00 9.89  ? 106 MET A N   1 
ATOM   864  C CA  A MET A 1 106 ? -4.761  1.361   -3.912  0.50 11.00 ? 106 MET A CA  1 
ATOM   865  C CA  B MET A 1 106 ? -4.710  1.282   -4.009  0.50 10.81 ? 106 MET A CA  1 
ATOM   866  C C   . MET A 1 106 ? -4.395  2.575   -4.746  1.00 11.40 ? 106 MET A C   1 
ATOM   867  O O   . MET A 1 106 ? -5.128  2.953   -5.667  1.00 11.95 ? 106 MET A O   1 
ATOM   868  C CB  A MET A 1 106 ? -5.937  1.767   -3.026  0.50 11.04 ? 106 MET A CB  1 
ATOM   869  C CB  B MET A 1 106 ? -6.098  1.323   -3.344  0.50 11.02 ? 106 MET A CB  1 
ATOM   870  C CG  A MET A 1 106 ? -6.579  0.635   -2.271  0.50 11.44 ? 106 MET A CG  1 
ATOM   871  C CG  B MET A 1 106 ? -6.302  2.433   -2.327  0.50 10.35 ? 106 MET A CG  1 
ATOM   872  S SD  A MET A 1 106 ? -8.078  1.216   -1.464  0.50 11.75 ? 106 MET A SD  1 
ATOM   873  S SD  B MET A 1 106 ? -7.996  2.533   -1.716  0.50 11.03 ? 106 MET A SD  1 
ATOM   874  C CE  A MET A 1 106 ? -9.198  1.241   -2.854  0.50 12.55 ? 106 MET A CE  1 
ATOM   875  C CE  B MET A 1 106 ? -8.125  0.995   -0.831  0.50 12.02 ? 106 MET A CE  1 
ATOM   876  N N   . GLY A 1 107 ? -3.296  3.227   -4.380  1.00 11.70 ? 107 GLY A N   1 
ATOM   877  C CA  . GLY A 1 107 ? -2.932  4.502   -5.001  1.00 12.66 ? 107 GLY A CA  1 
ATOM   878  C C   . GLY A 1 107 ? -3.836  5.621   -4.507  1.00 13.61 ? 107 GLY A C   1 
ATOM   879  O O   . GLY A 1 107 ? -4.795  5.388   -3.765  1.00 13.72 ? 107 GLY A O   1 
ATOM   880  N N   . GLU A 1 108 ? -3.536  6.847   -4.921  1.00 14.57 ? 108 GLU A N   1 
ATOM   881  C CA  . GLU A 1 108 ? -4.361  7.997   -4.538  1.00 15.19 ? 108 GLU A CA  1 
ATOM   882  C C   . GLU A 1 108 ? -5.694  8.039   -5.283  0.50 14.86 ? 108 GLU A C   1 
ATOM   883  O O   . GLU A 1 108 ? -6.681  8.553   -4.766  0.50 15.14 ? 108 GLU A O   1 
ATOM   884  C CB  . GLU A 1 108 ? -3.588  9.301   -4.717  1.00 15.53 ? 108 GLU A CB  1 
ATOM   885  C CG  . GLU A 1 108 ? -2.398  9.407   -3.782  1.00 16.60 ? 108 GLU A CG  1 
ATOM   886  C CD  . GLU A 1 108 ? -1.553  10.637  -4.018  1.00 19.15 ? 108 GLU A CD  1 
ATOM   887  O OE1 . GLU A 1 108 ? -0.338  10.551  -3.755  1.00 20.51 ? 108 GLU A OE1 1 
ATOM   888  O OE2 . GLU A 1 108 ? -2.079  11.681  -4.461  1.00 18.99 ? 108 GLU A OE2 1 
ATOM   889  N N   . THR A 1 109 ? -5.734  7.491   -6.493  0.50 14.62 ? 109 THR A N   1 
ATOM   890  C CA  . THR A 1 109 ? -7.001  7.360   -7.193  0.50 14.50 ? 109 THR A CA  1 
ATOM   891  C C   . THR A 1 109 ? -7.920  6.466   -6.366  0.50 14.06 ? 109 THR A C   1 
ATOM   892  O O   . THR A 1 109 ? -9.098  6.760   -6.204  0.50 13.52 ? 109 THR A O   1 
ATOM   893  C CB  . THR A 1 109 ? -6.836  6.758   -8.600  0.50 14.76 ? 109 THR A CB  1 
ATOM   894  O OG1 . THR A 1 109 ? -6.202  5.478   -8.503  0.50 15.97 ? 109 THR A OG1 1 
ATOM   895  C CG2 . THR A 1 109 ? -5.999  7.677   -9.486  0.50 14.88 ? 109 THR A CG2 1 
ATOM   896  N N   . GLY A 1 110 ? -7.364  5.383   -5.829  0.50 13.81 ? 110 GLY A N   1 
ATOM   897  C CA  . GLY A 1 110 ? -8.128  4.455   -5.005  0.50 13.37 ? 110 GLY A CA  1 
ATOM   898  C C   . GLY A 1 110 ? -8.669  5.095   -3.740  0.50 13.22 ? 110 GLY A C   1 
ATOM   899  O O   . GLY A 1 110 ? -9.843  4.930   -3.407  0.50 13.27 ? 110 GLY A O   1 
ATOM   900  N N   . VAL A 1 111 ? -7.813  5.827   -3.031  0.50 12.51 ? 111 VAL A N   1 
ATOM   901  C CA  . VAL A 1 111 ? -8.207  6.430   -1.757  0.50 12.34 ? 111 VAL A CA  1 
ATOM   902  C C   . VAL A 1 111 ? -9.148  7.631   -1.968  0.50 12.38 ? 111 VAL A C   1 
ATOM   903  O O   . VAL A 1 111 ? -9.824  8.061   -1.037  0.50 12.34 ? 111 VAL A O   1 
ATOM   904  C CB  . VAL A 1 111 ? -6.969  6.750   -0.855  0.50 12.18 ? 111 VAL A CB  1 
ATOM   905  C CG1 . VAL A 1 111 ? -7.385  7.364   0.482   0.50 12.58 ? 111 VAL A CG1 1 
ATOM   906  C CG2 . VAL A 1 111 ? -6.175  5.476   -0.597  0.50 10.63 ? 111 VAL A CG2 1 
ATOM   907  N N   . ALA A 1 112 ? -9.220  8.151   -3.191  0.50 12.46 ? 112 ALA A N   1 
ATOM   908  C CA  . ALA A 1 112 ? -10.142 9.245   -3.473  0.50 12.62 ? 112 ALA A CA  1 
ATOM   909  C C   . ALA A 1 112 ? -11.600 8.835   -3.257  0.50 12.61 ? 112 ALA A C   1 
ATOM   910  O O   . ALA A 1 112 ? -12.456 9.677   -2.990  0.50 12.93 ? 112 ALA A O   1 
ATOM   911  C CB  . ALA A 1 112 ? -9.941  9.769   -4.888  0.50 12.73 ? 112 ALA A CB  1 
ATOM   912  N N   . GLY A 1 113 ? -11.881 7.540   -3.380  0.50 12.73 ? 113 GLY A N   1 
ATOM   913  C CA  . GLY A 1 113 ? -13.240 7.044   -3.157  0.50 12.19 ? 113 GLY A CA  1 
ATOM   914  C C   . GLY A 1 113 ? -13.644 7.050   -1.688  0.50 12.41 ? 113 GLY A C   1 
ATOM   915  O O   . GLY A 1 113 ? -14.778 6.726   -1.338  0.50 11.81 ? 113 GLY A O   1 
ATOM   916  N N   . PHE A 1 114 ? -12.715 7.454   -0.828  0.50 12.29 ? 114 PHE A N   1 
ATOM   917  C CA  . PHE A 1 114 ? -12.885 7.299   0.616   1.00 12.85 ? 114 PHE A CA  1 
ATOM   918  C C   . PHE A 1 114 ? -13.162 8.595   1.403   1.00 12.98 ? 114 PHE A C   1 
ATOM   919  O O   . PHE A 1 114 ? -12.892 8.664   2.610   1.00 12.80 ? 114 PHE A O   1 
ATOM   920  C CB  . PHE A 1 114 ? -11.691 6.532   1.180   1.00 12.65 ? 114 PHE A CB  1 
ATOM   921  C CG  . PHE A 1 114 ? -11.685 5.069   0.813   1.00 12.30 ? 114 PHE A CG  1 
ATOM   922  C CD1 . PHE A 1 114 ? -11.375 4.653   -0.483  1.00 13.27 ? 114 PHE A CD1 1 
ATOM   923  C CD2 . PHE A 1 114 ? -12.004 4.104   1.758   1.00 11.46 ? 114 PHE A CD2 1 
ATOM   924  C CE1 . PHE A 1 114 ? -11.385 3.296   -0.808  1.00 13.50 ? 114 PHE A CE1 1 
ATOM   925  C CE2 . PHE A 1 114 ? -12.009 2.751   1.437   1.00 11.70 ? 114 PHE A CE2 1 
ATOM   926  C CZ  . PHE A 1 114 ? -11.697 2.347   0.151   1.00 12.10 ? 114 PHE A CZ  1 
ATOM   927  N N   . THR A 1 115 ? -13.760 9.592   0.752   1.00 13.47 ? 115 THR A N   1 
ATOM   928  C CA  . THR A 1 115 ? -14.075 10.882  1.390   1.00 14.31 ? 115 THR A CA  1 
ATOM   929  C C   . THR A 1 115 ? -14.719 10.730  2.765   1.00 13.50 ? 115 THR A C   1 
ATOM   930  O O   . THR A 1 115 ? -14.291 11.361  3.738   1.00 13.59 ? 115 THR A O   1 
ATOM   931  C CB  . THR A 1 115 ? -15.015 11.744  0.506   1.00 14.86 ? 115 THR A CB  1 
ATOM   932  O OG1 . THR A 1 115 ? -14.398 11.968  -0.765  1.00 17.48 ? 115 THR A OG1 1 
ATOM   933  C CG2 . THR A 1 115 ? -15.314 13.095  1.157   1.00 16.33 ? 115 THR A CG2 1 
ATOM   934  N N   . ASN A 1 116 ? -15.751 9.891   2.852   1.00 12.39 ? 116 ASN A N   1 
ATOM   935  C CA  . ASN A 1 116 ? -16.491 9.753   4.090   1.00 11.64 ? 116 ASN A CA  1 
ATOM   936  C C   . ASN A 1 116 ? -15.658 9.068   5.181   1.00 10.44 ? 116 ASN A C   1 
ATOM   937  O O   . ASN A 1 116 ? -15.689 9.489   6.333   1.00 9.92  ? 116 ASN A O   1 
ATOM   938  C CB  . ASN A 1 116 ? -17.835 9.044   3.851   1.00 12.09 ? 116 ASN A CB  1 
ATOM   939  C CG  . ASN A 1 116 ? -18.696 9.748   2.802   1.00 13.82 ? 116 ASN A CG  1 
ATOM   940  O OD1 . ASN A 1 116 ? -19.397 9.098   2.019   1.00 13.75 ? 116 ASN A OD1 1 
ATOM   941  N ND2 . ASN A 1 116 ? -18.655 11.076  2.788   1.00 15.40 ? 116 ASN A ND2 1 
ATOM   942  N N   . SER A 1 117 ? -14.882 8.052   4.806   1.00 9.95  ? 117 SER A N   1 
ATOM   943  C CA  . SER A 1 117 ? -13.977 7.375   5.753   1.00 9.85  ? 117 SER A CA  1 
ATOM   944  C C   . SER A 1 117 ? -12.931 8.351   6.275   1.00 9.33  ? 117 SER A C   1 
ATOM   945  O O   . SER A 1 117 ? -12.641 8.380   7.472   1.00 8.74  ? 117 SER A O   1 
ATOM   946  C CB  . SER A 1 117 ? -13.232 6.212   5.094   1.00 9.86  ? 117 SER A CB  1 
ATOM   947  O OG  . SER A 1 117 ? -14.100 5.239   4.537   1.00 13.51 ? 117 SER A OG  1 
ATOM   948  N N   . LEU A 1 118 ? -12.368 9.133   5.358   1.00 9.53  ? 118 LEU A N   1 
ATOM   949  C CA  . LEU A 1 118 ? -11.343 10.125  5.689   1.00 9.86  ? 118 LEU A CA  1 
ATOM   950  C C   . LEU A 1 118 ? -11.844 11.136  6.697   1.00 9.53  ? 118 LEU A C   1 
ATOM   951  O O   . LEU A 1 118 ? -11.128 11.469  7.645   1.00 9.48  ? 118 LEU A O   1 
ATOM   952  C CB  . LEU A 1 118 ? -10.884 10.860  4.431   1.00 10.36 ? 118 LEU A CB  1 
ATOM   953  C CG  . LEU A 1 118 ? -10.090 10.034  3.434   1.00 11.89 ? 118 LEU A CG  1 
ATOM   954  C CD1 . LEU A 1 118 ? -9.943  10.791  2.127   1.00 13.64 ? 118 LEU A CD1 1 
ATOM   955  C CD2 . LEU A 1 118 ? -8.737  9.675   4.008   1.00 12.78 ? 118 LEU A CD2 1 
ATOM   956  N N   . ARG A 1 119 ? -13.066 11.622  6.495   1.00 9.17  ? 119 ARG A N   1 
ATOM   957  C CA  . ARG A 1 119 ? -13.674 12.581  7.413   1.00 9.60  ? 119 ARG A CA  1 
ATOM   958  C C   . ARG A 1 119 ? -13.818 11.953  8.791   1.00 9.07  ? 119 ARG A C   1 
ATOM   959  O O   . ARG A 1 119 ? -13.469 12.554  9.804   1.00 8.61  ? 119 ARG A O   1 
ATOM   960  C CB  . ARG A 1 119 ? -15.040 13.056  6.902   1.00 9.75  ? 119 ARG A CB  1 
ATOM   961  C CG  . ARG A 1 119 ? -15.692 14.114  7.795   1.00 11.63 ? 119 ARG A CG  1 
ATOM   962  C CD  . ARG A 1 119 ? -17.063 14.539  7.296   0.50 10.74 ? 119 ARG A CD  1 
ATOM   963  N NE  . ARG A 1 119 ? -18.051 13.471  7.442   0.25 12.61 ? 119 ARG A NE  1 
ATOM   964  C CZ  . ARG A 1 119 ? -18.568 12.769  6.435   0.50 13.57 ? 119 ARG A CZ  1 
ATOM   965  N NH1 . ARG A 1 119 ? -18.214 13.015  5.177   0.50 14.00 ? 119 ARG A NH1 1 
ATOM   966  N NH2 . ARG A 1 119 ? -19.454 11.817  6.691   0.50 15.18 ? 119 ARG A NH2 1 
ATOM   967  N N   . MET A 1 120 ? -14.318 10.724  8.841   1.00 7.88  ? 120 MET A N   1 
ATOM   968  C CA  . MET A 1 120 ? -14.465 10.038  10.124  1.00 7.99  ? 120 MET A CA  1 
ATOM   969  C C   . MET A 1 120 ? -13.129 9.808   10.825  1.00 7.19  ? 120 MET A C   1 
ATOM   970  O O   . MET A 1 120 ? -13.028 9.941   12.046  1.00 7.14  ? 120 MET A O   1 
ATOM   971  C CB  . MET A 1 120 ? -15.203 8.715   9.955   1.00 7.91  ? 120 MET A CB  1 
ATOM   972  C CG  . MET A 1 120 ? -16.627 8.874   9.461   1.00 8.13  ? 120 MET A CG  1 
ATOM   973  S SD  . MET A 1 120 ? -17.379 7.284   9.136   1.00 9.84  ? 120 MET A SD  1 
ATOM   974  C CE  . MET A 1 120 ? -18.781 7.757   8.128   1.00 11.04 ? 120 MET A CE  1 
ATOM   975  N N   . LEU A 1 121 ? -12.103 9.462   10.052  1.00 6.83  ? 121 LEU A N   1 
ATOM   976  C CA  . LEU A 1 121 ? -10.759 9.326   10.602  1.00 6.58  ? 121 LEU A CA  1 
ATOM   977  C C   . LEU A 1 121 ? -10.262 10.658  11.159  1.00 6.33  ? 121 LEU A C   1 
ATOM   978  O O   . LEU A 1 121 ? -9.739  10.701  12.271  1.00 6.31  ? 121 LEU A O   1 
ATOM   979  C CB  . LEU A 1 121 ? -9.780  8.781   9.554   1.00 6.52  ? 121 LEU A CB  1 
ATOM   980  C CG  . LEU A 1 121 ? -10.003 7.319   9.149   1.00 6.39  ? 121 LEU A CG  1 
ATOM   981  C CD1 . LEU A 1 121 ? -9.169  6.987   7.930   1.00 8.35  ? 121 LEU A CD1 1 
ATOM   982  C CD2 . LEU A 1 121 ? -9.682  6.355   10.282  1.00 7.36  ? 121 LEU A CD2 1 
ATOM   983  N N   . GLN A 1 122 ? -10.456 11.740  10.412  1.00 6.60  ? 122 GLN A N   1 
ATOM   984  C CA  . GLN A 1 122 ? -10.021 13.051  10.901  1.00 7.97  ? 122 GLN A CA  1 
ATOM   985  C C   . GLN A 1 122 ? -10.774 13.461  12.174  1.00 8.24  ? 122 GLN A C   1 
ATOM   986  O O   . GLN A 1 122 ? -10.206 14.102  13.065  1.00 8.42  ? 122 GLN A O   1 
ATOM   987  C CB  . GLN A 1 122 ? -10.135 14.121  9.818   1.00 8.35  ? 122 GLN A CB  1 
ATOM   988  C CG  . GLN A 1 122 ? -9.486  15.443  10.246  1.00 10.98 ? 122 GLN A CG  1 
ATOM   989  C CD  . GLN A 1 122 ? -9.237  16.425  9.119   0.50 10.74 ? 122 GLN A CD  1 
ATOM   990  O OE1 . GLN A 1 122 ? -9.580  16.181  7.964   0.50 12.62 ? 122 GLN A OE1 1 
ATOM   991  N NE2 . GLN A 1 122 ? -8.637  17.558  9.463   0.50 12.48 ? 122 GLN A NE2 1 
ATOM   992  N N   . GLN A 1 123 ? -12.039 13.064  12.265  1.00 8.07  ? 123 GLN A N   1 
ATOM   993  C CA  . GLN A 1 123 ? -12.855 13.314  13.455  1.00 8.27  ? 123 GLN A CA  1 
ATOM   994  C C   . GLN A 1 123 ? -12.517 12.374  14.612  1.00 7.65  ? 123 GLN A C   1 
ATOM   995  O O   . GLN A 1 123 ? -13.038 12.533  15.721  1.00 8.13  ? 123 GLN A O   1 
ATOM   996  C CB  . GLN A 1 123 ? -14.339 13.145  13.124  1.00 8.91  ? 123 GLN A CB  1 
ATOM   997  C CG  . GLN A 1 123 ? -14.912 14.163  12.167  1.00 10.62 ? 123 GLN A CG  1 
ATOM   998  C CD  . GLN A 1 123 ? -16.323 13.799  11.749  1.00 12.66 ? 123 GLN A CD  1 
ATOM   999  O OE1 . GLN A 1 123 ? -16.585 12.681  11.303  1.00 14.80 ? 123 GLN A OE1 1 
ATOM   1000 N NE2 . GLN A 1 123 ? -17.240 14.741  11.896  1.00 16.39 ? 123 GLN A NE2 1 
ATOM   1001 N N   . LYS A 1 124 ? -11.670 11.375  14.355  1.00 6.73  ? 124 LYS A N   1 
ATOM   1002 C CA  . LYS A 1 124 ? -11.298 10.368  15.357  1.00 6.60  ? 124 LYS A CA  1 
ATOM   1003 C C   . LYS A 1 124 ? -12.507 9.575   15.847  1.00 6.42  ? 124 LYS A C   1 
ATOM   1004 O O   . LYS A 1 124 ? -12.585 9.164   17.011  1.00 6.57  ? 124 LYS A O   1 
ATOM   1005 C CB  . LYS A 1 124 ? -10.490 10.984  16.514  1.00 6.81  ? 124 LYS A CB  1 
ATOM   1006 C CG  . LYS A 1 124 ? -9.247  11.713  16.012  1.00 6.40  ? 124 LYS A CG  1 
ATOM   1007 C CD  . LYS A 1 124 ? -8.253  11.974  17.137  1.00 6.94  ? 124 LYS A CD  1 
ATOM   1008 C CE  . LYS A 1 124 ? -6.991  12.636  16.621  0.50 3.73  ? 124 LYS A CE  1 
ATOM   1009 N NZ  . LYS A 1 124 ? -6.248  11.803  15.660  0.50 3.12  ? 124 LYS A NZ  1 
ATOM   1010 N N   . ARG A 1 125 ? -13.433 9.339   14.921  1.00 6.41  ? 125 ARG A N   1 
ATOM   1011 C CA  . ARG A 1 125 ? -14.583 8.477   15.158  1.00 6.41  ? 125 ARG A CA  1 
ATOM   1012 C C   . ARG A 1 125 ? -14.192 7.089   14.683  1.00 6.15  ? 125 ARG A C   1 
ATOM   1013 O O   . ARG A 1 125 ? -14.588 6.653   13.599  1.00 6.73  ? 125 ARG A O   1 
ATOM   1014 C CB  . ARG A 1 125 ? -15.803 9.018   14.423  1.00 7.06  ? 125 ARG A CB  1 
ATOM   1015 C CG  . ARG A 1 125 ? -16.231 10.353  15.019  1.00 7.61  ? 125 ARG A CG  1 
ATOM   1016 C CD  . ARG A 1 125 ? -17.407 10.968  14.333  1.00 10.32 ? 125 ARG A CD  1 
ATOM   1017 N NE  . ARG A 1 125 ? -17.712 12.244  14.980  0.50 7.67  ? 125 ARG A NE  1 
ATOM   1018 C CZ  . ARG A 1 125 ? -18.792 12.975  14.734  0.50 9.32  ? 125 ARG A CZ  1 
ATOM   1019 N NH1 . ARG A 1 125 ? -19.695 12.562  13.856  0.50 9.19  ? 125 ARG A NH1 1 
ATOM   1020 N NH2 . ARG A 1 125 ? -18.967 14.118  15.382  0.50 9.45  ? 125 ARG A NH2 1 
ATOM   1021 N N   . TRP A 1 126 ? -13.377 6.414   15.486  1.00 6.13  ? 126 TRP A N   1 
ATOM   1022 C CA  . TRP A 1 126 ? -12.664 5.240   14.991  1.00 6.49  ? 126 TRP A CA  1 
ATOM   1023 C C   . TRP A 1 126 ? -13.544 4.064   14.607  1.00 7.12  ? 126 TRP A C   1 
ATOM   1024 O O   . TRP A 1 126 ? -13.297 3.427   13.587  1.00 7.72  ? 126 TRP A O   1 
ATOM   1025 C CB  . TRP A 1 126 ? -11.626 4.788   15.998  1.00 6.64  ? 126 TRP A CB  1 
ATOM   1026 C CG  . TRP A 1 126 ? -10.654 5.848   16.426  1.00 5.93  ? 126 TRP A CG  1 
ATOM   1027 C CD1 . TRP A 1 126 ? -10.366 6.210   17.715  1.00 6.02  ? 126 TRP A CD1 1 
ATOM   1028 C CD2 . TRP A 1 126 ? -9.810  6.658   15.588  1.00 5.90  ? 126 TRP A CD2 1 
ATOM   1029 N NE1 . TRP A 1 126 ? -9.410  7.188   17.730  1.00 6.18  ? 126 TRP A NE1 1 
ATOM   1030 C CE2 . TRP A 1 126 ? -9.048  7.487   16.444  1.00 5.39  ? 126 TRP A CE2 1 
ATOM   1031 C CE3 . TRP A 1 126 ? -9.621  6.768   14.202  1.00 5.97  ? 126 TRP A CE3 1 
ATOM   1032 C CZ2 . TRP A 1 126 ? -8.112  8.405   15.965  1.00 6.48  ? 126 TRP A CZ2 1 
ATOM   1033 C CZ3 . TRP A 1 126 ? -8.696  7.698   13.729  1.00 6.82  ? 126 TRP A CZ3 1 
ATOM   1034 C CH2 . TRP A 1 126 ? -7.952  8.501   14.609  1.00 6.84  ? 126 TRP A CH2 1 
ATOM   1035 N N   . ASP A 1 127 ? -14.540 3.750   15.426  1.00 7.25  ? 127 ASP A N   1 
ATOM   1036 C CA  . ASP A 1 127 ? -15.391 2.608   15.115  1.00 7.57  ? 127 ASP A CA  1 
ATOM   1037 C C   . ASP A 1 127 ? -16.250 2.906   13.896  1.00 7.57  ? 127 ASP A C   1 
ATOM   1038 O O   . ASP A 1 127 ? -16.432 2.045   13.028  1.00 7.52  ? 127 ASP A O   1 
ATOM   1039 C CB  . ASP A 1 127 ? -16.267 2.231   16.306  1.00 7.93  ? 127 ASP A CB  1 
ATOM   1040 C CG  . ASP A 1 127 ? -15.521 1.438   17.361  1.00 9.21  ? 127 ASP A CG  1 
ATOM   1041 O OD1 . ASP A 1 127 ? -14.280 1.529   17.454  1.00 10.38 ? 127 ASP A OD1 1 
ATOM   1042 O OD2 . ASP A 1 127 ? -16.205 0.724   18.127  1.00 11.09 ? 127 ASP A OD2 1 
ATOM   1043 N N   . GLU A 1 128 ? -16.748 4.135   13.803  1.00 7.34  ? 128 GLU A N   1 
ATOM   1044 C CA  . GLU A 1 128 ? -17.526 4.546   12.645  1.00 7.42  ? 128 GLU A CA  1 
ATOM   1045 C C   . GLU A 1 128 ? -16.694 4.510   11.367  1.00 7.23  ? 128 GLU A C   1 
ATOM   1046 O O   . GLU A 1 128 ? -17.153 4.025   10.322  1.00 6.96  ? 128 GLU A O   1 
ATOM   1047 C CB  . GLU A 1 128 ? -18.122 5.933   12.865  1.00 7.59  ? 128 GLU A CB  1 
ATOM   1048 C CG  . GLU A 1 128 ? -19.272 5.942   13.853  1.00 9.12  ? 128 GLU A CG  1 
ATOM   1049 C CD  . GLU A 1 128 ? -19.630 7.334   14.282  0.50 10.12 ? 128 GLU A CD  1 
ATOM   1050 O OE1 . GLU A 1 128 ? -20.452 7.965   13.594  0.50 12.43 ? 128 GLU A OE1 1 
ATOM   1051 O OE2 . GLU A 1 128 ? -19.088 7.794   15.306  0.50 8.89  ? 128 GLU A OE2 1 
ATOM   1052 N N   . ALA A 1 129 ? -15.459 4.996   11.452  1.00 6.49  ? 129 ALA A N   1 
ATOM   1053 C CA  . ALA A 1 129 ? -14.559 4.984   10.304  1.00 6.75  ? 129 ALA A CA  1 
ATOM   1054 C C   . ALA A 1 129 ? -14.320 3.557   9.851   1.00 6.44  ? 129 ALA A C   1 
ATOM   1055 O O   . ALA A 1 129 ? -14.347 3.272   8.648   1.00 6.22  ? 129 ALA A O   1 
ATOM   1056 C CB  . ALA A 1 129 ? -13.241 5.651   10.654  1.00 7.29  ? 129 ALA A CB  1 
ATOM   1057 N N   . ALA A 1 130 ? -14.094 2.665   10.810  1.00 6.50  ? 130 ALA A N   1 
ATOM   1058 C CA  . ALA A 1 130 ? -13.828 1.266   10.497  1.00 6.92  ? 130 ALA A CA  1 
ATOM   1059 C C   . ALA A 1 130 ? -15.018 0.616   9.796   1.00 7.08  ? 130 ALA A C   1 
ATOM   1060 O O   . ALA A 1 130 ? -14.839 -0.125  8.826   1.00 7.04  ? 130 ALA A O   1 
ATOM   1061 C CB  . ALA A 1 130 ? -13.444 0.508   11.748  1.00 6.97  ? 130 ALA A CB  1 
ATOM   1062 N N   . VAL A 1 131 ? -16.233 0.909   10.258  1.00 6.65  ? 131 VAL A N   1 
ATOM   1063 C CA  . VAL A 1 131 ? -17.430 0.392   9.591   1.00 7.10  ? 131 VAL A CA  1 
ATOM   1064 C C   . VAL A 1 131 ? -17.505 0.913   8.157   1.00 7.05  ? 131 VAL A C   1 
ATOM   1065 O O   . VAL A 1 131 ? -17.749 0.158   7.217   1.00 7.33  ? 131 VAL A O   1 
ATOM   1066 C CB  . VAL A 1 131 ? -18.706 0.758   10.381  1.00 7.45  ? 131 VAL A CB  1 
ATOM   1067 C CG1 . VAL A 1 131 ? -19.968 0.554   9.541   1.00 7.66  ? 131 VAL A CG1 1 
ATOM   1068 C CG2 . VAL A 1 131 ? -18.786 -0.055  11.666  1.00 8.56  ? 131 VAL A CG2 1 
ATOM   1069 N N   . ASN A 1 132 ? -17.265 2.202   7.975   1.00 6.61  ? 132 ASN A N   1 
ATOM   1070 C CA  . ASN A 1 132 ? -17.353 2.799   6.660   1.00 6.19  ? 132 ASN A CA  1 
ATOM   1071 C C   . ASN A 1 132 ? -16.270 2.257   5.706   1.00 6.13  ? 132 ASN A C   1 
ATOM   1072 O O   . ASN A 1 132 ? -16.532 2.036   4.521   1.00 6.47  ? 132 ASN A O   1 
ATOM   1073 C CB  . ASN A 1 132 ? -17.255 4.322   6.789   1.00 6.64  ? 132 ASN A CB  1 
ATOM   1074 C CG  . ASN A 1 132 ? -17.548 5.023   5.500   1.00 8.06  ? 132 ASN A CG  1 
ATOM   1075 O OD1 . ASN A 1 132 ? -16.640 5.403   4.769   1.00 9.44  ? 132 ASN A OD1 1 
ATOM   1076 N ND2 . ASN A 1 132 ? -18.821 5.168   5.188   1.00 9.00  ? 132 ASN A ND2 1 
ATOM   1077 N N   . LEU A 1 133 ? -15.057 2.061   6.223   1.00 6.25  ? 133 LEU A N   1 
ATOM   1078 C CA  . LEU A 1 133 ? -13.928 1.571   5.413   1.00 6.66  ? 133 LEU A CA  1 
ATOM   1079 C C   . LEU A 1 133 ? -14.221 0.206   4.795   1.00 6.73  ? 133 LEU A C   1 
ATOM   1080 O O   . LEU A 1 133 ? -13.782 -0.073  3.683   1.00 7.03  ? 133 LEU A O   1 
ATOM   1081 C CB  . LEU A 1 133 ? -12.649 1.499   6.260   1.00 7.03  ? 133 LEU A CB  1 
ATOM   1082 C CG  . LEU A 1 133 ? -11.927 2.834   6.479   1.00 6.74  ? 133 LEU A CG  1 
ATOM   1083 C CD1 . LEU A 1 133 ? -10.982 2.735   7.657   1.00 7.73  ? 133 LEU A CD1 1 
ATOM   1084 C CD2 . LEU A 1 133 ? -11.191 3.294   5.227   1.00 7.55  ? 133 LEU A CD2 1 
ATOM   1085 N N   . ALA A 1 134 ? -14.951 -0.629  5.526   1.00 6.88  ? 134 ALA A N   1 
ATOM   1086 C CA  . ALA A 1 134 ? -15.269 -1.986  5.083   1.00 6.83  ? 134 ALA A CA  1 
ATOM   1087 C C   . ALA A 1 134 ? -16.348 -2.036  4.002   1.00 6.93  ? 134 ALA A C   1 
ATOM   1088 O O   . ALA A 1 134 ? -16.494 -3.061  3.335   1.00 7.57  ? 134 ALA A O   1 
ATOM   1089 C CB  . ALA A 1 134 ? -15.650 -2.849  6.274   1.00 7.04  ? 134 ALA A CB  1 
ATOM   1090 N N   . LYS A 1 135 ? -17.089 -0.946  3.814   1.00 6.84  ? 135 LYS A N   1 
ATOM   1091 C CA  . LYS A 1 135 ? -18.114 -0.860  2.765   1.00 6.86  ? 135 LYS A CA  1 
ATOM   1092 C C   . LYS A 1 135 ? -17.437 -0.424  1.483   1.00 6.54  ? 135 LYS A C   1 
ATOM   1093 O O   . LYS A 1 135 ? -17.607 0.700   0.997   1.00 7.01  ? 135 LYS A O   1 
ATOM   1094 C CB  . LYS A 1 135 ? -19.214 0.128   3.165   1.00 7.47  ? 135 LYS A CB  1 
ATOM   1095 C CG  . LYS A 1 135 ? -20.004 -0.303  4.383   1.00 8.84  ? 135 LYS A CG  1 
ATOM   1096 C CD  . LYS A 1 135 ? -21.036 0.744   4.769   1.00 12.35 ? 135 LYS A CD  1 
ATOM   1097 C CE  . LYS A 1 135 ? -21.777 0.318   6.025   1.00 13.91 ? 135 LYS A CE  1 
ATOM   1098 N NZ  . LYS A 1 135 ? -22.681 1.387   6.555   1.00 16.25 ? 135 LYS A NZ  1 
ATOM   1099 N N   . SER A 1 136 ? -16.620 -1.315  0.941   1.00 5.75  ? 136 SER A N   1 
ATOM   1100 C CA  . SER A 1 136 ? -15.773 -0.940  -0.176  1.00 5.60  ? 136 SER A CA  1 
ATOM   1101 C C   . SER A 1 136 ? -15.398 -2.139  -1.027  1.00 5.73  ? 136 SER A C   1 
ATOM   1102 O O   . SER A 1 136 ? -15.312 -3.268  -0.532  1.00 6.06  ? 136 SER A O   1 
ATOM   1103 C CB  . SER A 1 136 ? -14.480 -0.293  0.339   1.00 5.66  ? 136 SER A CB  1 
ATOM   1104 O OG  . SER A 1 136 ? -13.746 -1.190  1.163   1.00 5.46  ? 136 SER A OG  1 
ATOM   1105 N N   . ARG A 1 137 ? -15.139 -1.871  -2.307  1.00 5.41  ? 137 ARG A N   1 
ATOM   1106 C CA  . ARG A 1 137 ? -14.547 -2.881  -3.176  1.00 6.12  ? 137 ARG A CA  1 
ATOM   1107 C C   . ARG A 1 137 ? -13.251 -3.398  -2.560  1.00 6.35  ? 137 ARG A C   1 
ATOM   1108 O O   . ARG A 1 137 ? -12.992 -4.597  -2.541  1.00 6.64  ? 137 ARG A O   1 
ATOM   1109 C CB  . ARG A 1 137 ? -14.278 -2.330  -4.574  1.00 6.65  ? 137 ARG A CB  1 
ATOM   1110 C CG  . ARG A 1 137 ? -13.635 -3.392  -5.454  1.00 7.27  ? 137 ARG A CG  1 
ATOM   1111 C CD  . ARG A 1 137 ? -13.312 -2.938  -6.868  1.00 9.51  ? 137 ARG A CD  1 
ATOM   1112 N NE  . ARG A 1 137 ? -12.851 -4.082  -7.654  1.00 10.76 ? 137 ARG A NE  1 
ATOM   1113 C CZ  . ARG A 1 137 ? -11.603 -4.544  -7.654  1.00 12.64 ? 137 ARG A CZ  1 
ATOM   1114 N NH1 . ARG A 1 137 ? -10.659 -3.946  -6.940  1.00 12.88 ? 137 ARG A NH1 1 
ATOM   1115 N NH2 . ARG A 1 137 ? -11.294 -5.604  -8.392  1.00 12.50 ? 137 ARG A NH2 1 
ATOM   1116 N N   . TRP A 1 138 ? -12.446 -2.479  -2.027  1.00 5.92  ? 138 TRP A N   1 
ATOM   1117 C CA  . TRP A 1 138 ? -11.186 -2.823  -1.385  1.00 6.46  ? 138 TRP A CA  1 
ATOM   1118 C C   . TRP A 1 138 ? -11.367 -3.953  -0.393  1.00 6.80  ? 138 TRP A C   1 
ATOM   1119 O O   . TRP A 1 138 ? -10.689 -4.991  -0.474  1.00 7.11  ? 138 TRP A O   1 
ATOM   1120 C CB  . TRP A 1 138 ? -10.665 -1.583  -0.674  1.00 6.62  ? 138 TRP A CB  1 
ATOM   1121 C CG  . TRP A 1 138 ? -9.467  -1.788  0.198   1.00 6.82  ? 138 TRP A CG  1 
ATOM   1122 C CD1 . TRP A 1 138 ? -8.267  -2.342  -0.152  1.00 7.55  ? 138 TRP A CD1 1 
ATOM   1123 C CD2 . TRP A 1 138 ? -9.339  -1.365  1.556   1.00 5.51  ? 138 TRP A CD2 1 
ATOM   1124 N NE1 . TRP A 1 138 ? -7.398  -2.314  0.926   1.00 6.97  ? 138 TRP A NE1 1 
ATOM   1125 C CE2 . TRP A 1 138 ? -8.035  -1.711  1.982   1.00 6.19  ? 138 TRP A CE2 1 
ATOM   1126 C CE3 . TRP A 1 138 ? -10.205 -0.730  2.459   1.00 6.54  ? 138 TRP A CE3 1 
ATOM   1127 C CZ2 . TRP A 1 138 ? -7.572  -1.428  3.269   1.00 6.29  ? 138 TRP A CZ2 1 
ATOM   1128 C CZ3 . TRP A 1 138 ? -9.748  -0.462  3.734   1.00 7.21  ? 138 TRP A CZ3 1 
ATOM   1129 C CH2 . TRP A 1 138 ? -8.443  -0.818  4.130   1.00 6.76  ? 138 TRP A CH2 1 
ATOM   1130 N N   . TYR A 1 139 ? -12.280 -3.766  0.552   1.00 6.81  ? 139 TYR A N   1 
ATOM   1131 C CA  A TYR A 1 139 ? -12.562 -4.760  1.598   0.50 7.77  ? 139 TYR A CA  1 
ATOM   1132 C CA  B TYR A 1 139 ? -12.446 -4.785  1.549   0.50 8.13  ? 139 TYR A CA  1 
ATOM   1133 C C   . TYR A 1 139 ? -13.001 -6.082  0.965   1.00 7.55  ? 139 TYR A C   1 
ATOM   1134 O O   . TYR A 1 139 ? -12.532 -7.164  1.327   1.00 7.79  ? 139 TYR A O   1 
ATOM   1135 C CB  A TYR A 1 139 ? -13.639 -4.230  2.584   0.50 7.69  ? 139 TYR A CB  1 
ATOM   1136 C CB  B TYR A 1 139 ? -13.355 -4.290  2.679   0.50 7.93  ? 139 TYR A CB  1 
ATOM   1137 C CG  A TYR A 1 139 ? -14.036 -5.217  3.668   0.50 8.16  ? 139 TYR A CG  1 
ATOM   1138 C CG  B TYR A 1 139 ? -13.494 -5.307  3.780   0.50 8.31  ? 139 TYR A CG  1 
ATOM   1139 C CD1 A TYR A 1 139 ? -13.329 -5.285  4.867   0.50 7.76  ? 139 TYR A CD1 1 
ATOM   1140 C CD1 B TYR A 1 139 ? -12.717 -5.228  4.931   0.50 8.56  ? 139 TYR A CD1 1 
ATOM   1141 C CD2 A TYR A 1 139 ? -15.117 -6.082  3.485   0.50 8.52  ? 139 TYR A CD2 1 
ATOM   1142 C CD2 B TYR A 1 139 ? -14.372 -6.382  3.649   0.50 8.42  ? 139 TYR A CD2 1 
ATOM   1143 C CE1 A TYR A 1 139 ? -13.686 -6.186  5.856   0.50 8.56  ? 139 TYR A CE1 1 
ATOM   1144 C CE1 B TYR A 1 139 ? -12.824 -6.186  5.933   0.50 9.70  ? 139 TYR A CE1 1 
ATOM   1145 C CE2 A TYR A 1 139 ? -15.480 -6.994  4.468   0.50 8.47  ? 139 TYR A CE2 1 
ATOM   1146 C CE2 B TYR A 1 139 ? -14.487 -7.339  4.636   0.50 9.36  ? 139 TYR A CE2 1 
ATOM   1147 C CZ  A TYR A 1 139 ? -14.756 -7.041  5.652   0.50 8.61  ? 139 TYR A CZ  1 
ATOM   1148 C CZ  B TYR A 1 139 ? -13.716 -7.240  5.775   0.50 9.48  ? 139 TYR A CZ  1 
ATOM   1149 O OH  A TYR A 1 139 ? -15.109 -7.940  6.635   0.50 10.68 ? 139 TYR A OH  1 
ATOM   1150 O OH  B TYR A 1 139 ? -13.841 -8.199  6.755   0.50 10.55 ? 139 TYR A OH  1 
ATOM   1151 N N   . ASN A 1 140 ? -13.951 -5.991  0.041   1.00 7.24  ? 140 ASN A N   1 
ATOM   1152 C CA  . ASN A 1 140 ? -14.522 -7.202  -0.526  1.00 7.23  ? 140 ASN A CA  1 
ATOM   1153 C C   . ASN A 1 140 ? -13.523 -8.021  -1.332  1.00 6.88  ? 140 ASN A C   1 
ATOM   1154 O O   . ASN A 1 140 ? -13.570 -9.245  -1.296  1.00 7.07  ? 140 ASN A O   1 
ATOM   1155 C CB  . ASN A 1 140 ? -15.764 -6.882  -1.340  1.00 7.21  ? 140 ASN A CB  1 
ATOM   1156 C CG  . ASN A 1 140 ? -16.980 -6.665  -0.469  1.00 9.16  ? 140 ASN A CG  1 
ATOM   1157 O OD1 . ASN A 1 140 ? -17.603 -7.621  -0.001  1.00 11.85 ? 140 ASN A OD1 1 
ATOM   1158 N ND2 . ASN A 1 140 ? -17.333 -5.407  -0.247  1.00 8.68  ? 140 ASN A ND2 1 
ATOM   1159 N N   . GLN A 1 141 ? -12.594 -7.354  -2.009  1.00 6.01  ? 141 GLN A N   1 
ATOM   1160 C CA  . GLN A 1 141 ? -11.619 -8.054  -2.848  1.00 6.20  ? 141 GLN A CA  1 
ATOM   1161 C C   . GLN A 1 141 ? -10.418 -8.566  -2.062  1.00 6.79  ? 141 GLN A C   1 
ATOM   1162 O O   . GLN A 1 141 ? -9.890  -9.629  -2.359  1.00 7.39  ? 141 GLN A O   1 
ATOM   1163 C CB  . GLN A 1 141 ? -11.172 -7.185  -4.023  1.00 6.56  ? 141 GLN A CB  1 
ATOM   1164 C CG  . GLN A 1 141 ? -12.315 -6.689  -4.926  1.00 6.82  ? 141 GLN A CG  1 
ATOM   1165 C CD  . GLN A 1 141 ? -13.154 -7.798  -5.550  1.00 7.53  ? 141 GLN A CD  1 
ATOM   1166 O OE1 . GLN A 1 141 ? -14.381 -7.777  -5.476  1.00 8.14  ? 141 GLN A OE1 1 
ATOM   1167 N NE2 . GLN A 1 141 ? -12.494 -8.763  -6.181  1.00 9.50  ? 141 GLN A NE2 1 
ATOM   1168 N N   . THR A 1 142 ? -9.984  -7.819  -1.050  1.00 6.24  ? 142 THR A N   1 
ATOM   1169 C CA  . THR A 1 142 ? -8.894  -8.261  -0.180  1.00 6.08  ? 142 THR A CA  1 
ATOM   1170 C C   . THR A 1 142 ? -9.308  -8.143  1.281   1.00 5.92  ? 142 THR A C   1 
ATOM   1171 O O   . THR A 1 142 ? -8.792  -7.292  2.010   1.00 5.77  ? 142 THR A O   1 
ATOM   1172 C CB  . THR A 1 142 ? -7.555  -7.501  -0.428  1.00 6.06  ? 142 THR A CB  1 
ATOM   1173 O OG1 . THR A 1 142 ? -7.779  -6.088  -0.380  1.00 6.74  ? 142 THR A OG1 1 
ATOM   1174 C CG2 . THR A 1 142 ? -6.998  -7.824  -1.795  1.00 6.57  ? 142 THR A CG2 1 
ATOM   1175 N N   . PRO A 1 143 ? -10.250 -8.986  1.721   1.00 5.46  ? 143 PRO A N   1 
ATOM   1176 C CA  . PRO A 1 143 ? -10.802 -8.827  3.069   1.00 5.55  ? 143 PRO A CA  1 
ATOM   1177 C C   . PRO A 1 143 ? -9.836  -9.109  4.203   1.00 5.76  ? 143 PRO A C   1 
ATOM   1178 O O   . PRO A 1 143 ? -9.893  -8.439  5.226   1.00 6.21  ? 143 PRO A O   1 
ATOM   1179 C CB  . PRO A 1 143 ? -11.984 -9.811  3.091   1.00 5.48  ? 143 PRO A CB  1 
ATOM   1180 C CG  . PRO A 1 143 ? -11.630 -10.857 2.052   1.00 5.73  ? 143 PRO A CG  1 
ATOM   1181 C CD  . PRO A 1 143 ? -10.888 -10.096 0.982   1.00 6.02  ? 143 PRO A CD  1 
ATOM   1182 N N   . ASP A 1 144 ? -8.954  -10.084 4.067   1.00 6.22  ? 144 ASP A N   1 
ATOM   1183 C CA  . ASP A 1 144 ? -8.086  -10.365 5.201   1.00 6.91  ? 144 ASP A CA  1 
ATOM   1184 C C   . ASP A 1 144 ? -7.066  -9.244  5.415   1.00 6.44  ? 144 ASP A C   1 
ATOM   1185 O O   . ASP A 1 144 ? -6.833  -8.830  6.548   1.00 6.35  ? 144 ASP A O   1 
ATOM   1186 C CB  . ASP A 1 144 ? -7.489  -11.767 5.100   1.00 8.26  ? 144 ASP A CB  1 
ATOM   1187 C CG  . ASP A 1 144 ? -8.549  -12.846 5.332   1.00 10.13 ? 144 ASP A CG  1 
ATOM   1188 O OD1 . ASP A 1 144 ? -9.561  -12.561 6.013   1.00 13.51 ? 144 ASP A OD1 1 
ATOM   1189 O OD2 . ASP A 1 144 ? -8.367  -13.969 4.856   1.00 16.44 ? 144 ASP A OD2 1 
ATOM   1190 N N   . ARG A 1 145 ? -6.507  -8.723  4.330   1.00 6.07  ? 145 ARG A N   1 
ATOM   1191 C CA  . ARG A 1 145 ? -5.606  -7.591  4.430   1.00 6.67  ? 145 ARG A CA  1 
ATOM   1192 C C   . ARG A 1 145 ? -6.358  -6.333  4.870   1.00 6.14  ? 145 ARG A C   1 
ATOM   1193 O O   . ARG A 1 145 ? -5.886  -5.606  5.762   1.00 6.08  ? 145 ARG A O   1 
ATOM   1194 C CB  . ARG A 1 145 ? -4.895  -7.348  3.110   1.00 6.81  ? 145 ARG A CB  1 
ATOM   1195 C CG  . ARG A 1 145 ? -3.922  -6.191  3.242   1.00 7.94  ? 145 ARG A CG  1 
ATOM   1196 C CD  . ARG A 1 145 ? -3.484  -5.727  1.937   1.00 9.62  ? 145 ARG A CD  1 
ATOM   1197 N NE  . ARG A 1 145 ? -2.546  -4.615  2.027   1.00 8.10  ? 145 ARG A NE  1 
ATOM   1198 C CZ  . ARG A 1 145 ? -1.699  -4.356  1.047   1.00 7.98  ? 145 ARG A CZ  1 
ATOM   1199 N NH1 . ARG A 1 145 ? -1.696  -5.134  -0.032  1.00 8.47  ? 145 ARG A NH1 1 
ATOM   1200 N NH2 . ARG A 1 145 ? -0.854  -3.344  1.121   1.00 7.26  ? 145 ARG A NH2 1 
ATOM   1201 N N   . ALA A 1 146 ? -7.511  -6.059  4.264   1.00 6.17  ? 146 ALA A N   1 
ATOM   1202 C CA  . ALA A 1 146 ? -8.272  -4.866  4.638   1.00 6.10  ? 146 ALA A CA  1 
ATOM   1203 C C   . ALA A 1 146 ? -8.654  -4.928  6.112   1.00 6.56  ? 146 ALA A C   1 
ATOM   1204 O O   . ALA A 1 146 ? -8.612  -3.910  6.804   1.00 7.36  ? 146 ALA A O   1 
ATOM   1205 C CB  . ALA A 1 146 ? -9.495  -4.690  3.757   1.00 6.61  ? 146 ALA A CB  1 
ATOM   1206 N N   . LYS A 1 147 ? -9.025  -6.104  6.612   1.00 6.55  ? 147 LYS A N   1 
ATOM   1207 C CA  A LYS A 1 147 ? -9.355  -6.250  8.034   0.50 6.56  ? 147 LYS A CA  1 
ATOM   1208 C CA  B LYS A 1 147 ? -9.357  -6.244  8.028   0.50 6.85  ? 147 LYS A CA  1 
ATOM   1209 C C   . LYS A 1 147 ? -8.184  -5.838  8.923   1.00 6.72  ? 147 LYS A C   1 
ATOM   1210 O O   . LYS A 1 147 ? -8.376  -5.168  9.937   1.00 6.41  ? 147 LYS A O   1 
ATOM   1211 C CB  A LYS A 1 147 ? -9.794  -7.680  8.366   0.50 6.96  ? 147 LYS A CB  1 
ATOM   1212 C CB  B LYS A 1 147 ? -9.801  -7.671  8.345   0.50 7.35  ? 147 LYS A CB  1 
ATOM   1213 C CG  A LYS A 1 147 ? -11.241 -7.992  8.029   0.50 6.88  ? 147 LYS A CG  1 
ATOM   1214 C CG  B LYS A 1 147 ? -10.375 -7.837  9.739   0.50 8.89  ? 147 LYS A CG  1 
ATOM   1215 C CD  A LYS A 1 147 ? -11.529 -9.478  8.173   0.50 8.45  ? 147 LYS A CD  1 
ATOM   1216 C CD  B LYS A 1 147 ? -10.547 -9.293  10.110  0.50 10.54 ? 147 LYS A CD  1 
ATOM   1217 C CE  A LYS A 1 147 ? -12.941 -9.789  7.728   0.50 10.54 ? 147 LYS A CE  1 
ATOM   1218 C CE  B LYS A 1 147 ? -11.642 -9.958  9.297   0.50 11.82 ? 147 LYS A CE  1 
ATOM   1219 N NZ  A LYS A 1 147 ? -13.092 -11.230 7.424   0.50 12.65 ? 147 LYS A NZ  1 
ATOM   1220 N NZ  B LYS A 1 147 ? -11.738 -11.415 9.612   0.50 13.85 ? 147 LYS A NZ  1 
ATOM   1221 N N   . ARG A 1 148 ? -6.969  -6.236  8.548   1.00 6.24  ? 148 ARG A N   1 
ATOM   1222 C CA  . ARG A 1 148 ? -5.780  -5.849  9.319   1.00 5.99  ? 148 ARG A CA  1 
ATOM   1223 C C   . ARG A 1 148 ? -5.585  -4.345  9.300   1.00 6.12  ? 148 ARG A C   1 
ATOM   1224 O O   . ARG A 1 148 ? -5.347  -3.718  10.336  1.00 5.94  ? 148 ARG A O   1 
ATOM   1225 C CB  . ARG A 1 148 ? -4.527  -6.521  8.767   1.00 6.03  ? 148 ARG A CB  1 
ATOM   1226 C CG  . ARG A 1 148 ? -4.447  -8.003  9.063   1.00 5.89  ? 148 ARG A CG  1 
ATOM   1227 C CD  . ARG A 1 148 ? -3.051  -8.548  8.786   1.00 6.86  ? 148 ARG A CD  1 
ATOM   1228 N NE  . ARG A 1 148 ? -2.691  -8.530  7.368   1.00 7.04  ? 148 ARG A NE  1 
ATOM   1229 C CZ  . ARG A 1 148 ? -2.987  -9.506  6.510   1.00 7.71  ? 148 ARG A CZ  1 
ATOM   1230 N NH1 . ARG A 1 148 ? -3.670  -10.576 6.913   1.00 8.89  ? 148 ARG A NH1 1 
ATOM   1231 N NH2 . ARG A 1 148 ? -2.610  -9.403  5.246   1.00 8.29  ? 148 ARG A NH2 1 
ATOM   1232 N N   . VAL A 1 149 ? -5.713  -3.748  8.126   1.00 5.81  ? 149 VAL A N   1 
ATOM   1233 C CA  . VAL A 1 149 ? -5.493  -2.318  7.988   1.00 5.65  ? 149 VAL A CA  1 
ATOM   1234 C C   . VAL A 1 149 ? -6.585  -1.566  8.745   1.00 5.99  ? 149 VAL A C   1 
ATOM   1235 O O   . VAL A 1 149 ? -6.305  -0.600  9.483   1.00 5.65  ? 149 VAL A O   1 
ATOM   1236 C CB  . VAL A 1 149 ? -5.434  -1.926  6.499   1.00 4.96  ? 149 VAL A CB  1 
ATOM   1237 C CG1 . VAL A 1 149 ? -5.334  -0.412  6.330   1.00 7.06  ? 149 VAL A CG1 1 
ATOM   1238 C CG2 . VAL A 1 149 ? -4.242  -2.629  5.832   1.00 5.96  ? 149 VAL A CG2 1 
ATOM   1239 N N   . ILE A 1 150 ? -7.822  -2.018  8.609   1.00 6.02  ? 150 ILE A N   1 
ATOM   1240 C CA  . ILE A 1 150 ? -8.932  -1.396  9.327   1.00 6.45  ? 150 ILE A CA  1 
ATOM   1241 C C   . ILE A 1 150 ? -8.785  -1.510  10.844  1.00 7.06  ? 150 ILE A C   1 
ATOM   1242 O O   . ILE A 1 150 ? -9.044  -0.538  11.558  1.00 6.93  ? 150 ILE A O   1 
ATOM   1243 C CB  . ILE A 1 150 ? -10.302 -1.933  8.840   1.00 6.67  ? 150 ILE A CB  1 
ATOM   1244 C CG1 . ILE A 1 150 ? -10.535 -1.491  7.388   1.00 6.58  ? 150 ILE A CG1 1 
ATOM   1245 C CG2 . ILE A 1 150 ? -11.413 -1.443  9.748   1.00 6.80  ? 150 ILE A CG2 1 
ATOM   1246 C CD1 . ILE A 1 150 ? -11.703 -2.171  6.680   1.00 7.50  ? 150 ILE A CD1 1 
ATOM   1247 N N   . THR A 1 151 ? -8.352  -2.665  11.343  1.00 6.97  ? 151 THR A N   1 
ATOM   1248 C CA  . THR A 1 151 ? -8.097  -2.808  12.780  1.00 7.77  ? 151 THR A CA  1 
ATOM   1249 C C   . THR A 1 151 ? -7.053  -1.815  13.255  1.00 7.42  ? 151 THR A C   1 
ATOM   1250 O O   . THR A 1 151 ? -7.162  -1.267  14.359  1.00 7.43  ? 151 THR A O   1 
ATOM   1251 C CB  . THR A 1 151 ? -7.660  -4.236  13.118  1.00 8.16  ? 151 THR A CB  1 
ATOM   1252 O OG1 . THR A 1 151 ? -8.801  -5.080  12.980  1.00 10.04 ? 151 THR A OG1 1 
ATOM   1253 C CG2 . THR A 1 151 ? -7.135  -4.346  14.555  1.00 9.26  ? 151 THR A CG2 1 
ATOM   1254 N N   . THR A 1 152 ? -6.043  -1.584  12.424  1.00 6.94  ? 152 THR A N   1 
ATOM   1255 C CA  . THR A 1 152 ? -4.993  -0.614  12.723  1.00 7.00  ? 152 THR A CA  1 
ATOM   1256 C C   . THR A 1 152 ? -5.590  0.791   12.795  1.00 7.36  ? 152 THR A C   1 
ATOM   1257 O O   . THR A 1 152 ? -5.274  1.541   13.725  1.00 7.38  ? 152 THR A O   1 
ATOM   1258 C CB  . THR A 1 152 ? -3.843  -0.701  11.697  1.00 6.87  ? 152 THR A CB  1 
ATOM   1259 O OG1 . THR A 1 152 ? -3.442  -2.075  11.577  1.00 7.34  ? 152 THR A OG1 1 
ATOM   1260 C CG2 . THR A 1 152 ? -2.630  0.134   12.123  1.00 8.06  ? 152 THR A CG2 1 
ATOM   1261 N N   . PHE A 1 153 ? -6.465  1.145   11.851  1.00 7.35  ? 153 PHE A N   1 
ATOM   1262 C CA  . PHE A 1 153 ? -7.151  2.440   11.908  1.00 7.97  ? 153 PHE A CA  1 
ATOM   1263 C C   . PHE A 1 153 ? -8.075  2.524   13.108  1.00 8.71  ? 153 PHE A C   1 
ATOM   1264 O O   . PHE A 1 153 ? -8.240  3.600   13.690  1.00 8.95  ? 153 PHE A O   1 
ATOM   1265 C CB  . PHE A 1 153 ? -8.012  2.666   10.666  1.00 7.79  ? 153 PHE A CB  1 
ATOM   1266 C CG  . PHE A 1 153 ? -7.283  3.221   9.478   1.00 7.00  ? 153 PHE A CG  1 
ATOM   1267 C CD1 . PHE A 1 153 ? -7.379  2.581   8.246   1.00 7.42  ? 153 PHE A CD1 1 
ATOM   1268 C CD2 . PHE A 1 153 ? -6.558  4.407   9.567   1.00 7.29  ? 153 PHE A CD2 1 
ATOM   1269 C CE1 . PHE A 1 153 ? -6.754  3.103   7.118   1.00 8.29  ? 153 PHE A CE1 1 
ATOM   1270 C CE2 . PHE A 1 153 ? -5.929  4.938   8.449   1.00 8.27  ? 153 PHE A CE2 1 
ATOM   1271 C CZ  . PHE A 1 153 ? -6.020  4.286   7.227   1.00 8.88  ? 153 PHE A CZ  1 
ATOM   1272 N N   . ARG A 1 154 ? -8.718  1.417   13.467  1.00 8.41  ? 154 ARG A N   1 
ATOM   1273 C CA  A ARG A 1 154 ? -9.703  1.429   14.554  0.50 8.95  ? 154 ARG A CA  1 
ATOM   1274 C CA  B ARG A 1 154 ? -9.701  1.450   14.542  0.50 8.96  ? 154 ARG A CA  1 
ATOM   1275 C C   . ARG A 1 154 ? -9.034  1.624   15.906  1.00 8.98  ? 154 ARG A C   1 
ATOM   1276 O O   . ARG A 1 154 ? -9.535  2.378   16.754  1.00 9.26  ? 154 ARG A O   1 
ATOM   1277 C CB  A ARG A 1 154 ? -10.552 0.147   14.571  0.50 8.89  ? 154 ARG A CB  1 
ATOM   1278 C CB  B ARG A 1 154 ? -10.563 0.192   14.510  0.50 8.83  ? 154 ARG A CB  1 
ATOM   1279 C CG  A ARG A 1 154 ? -11.556 0.088   15.751  0.50 9.40  ? 154 ARG A CG  1 
ATOM   1280 C CG  B ARG A 1 154 ? -11.832 0.260   15.365  0.50 9.00  ? 154 ARG A CG  1 
ATOM   1281 C CD  A ARG A 1 154 ? -12.404 -1.192  15.797  0.50 9.59  ? 154 ARG A CD  1 
ATOM   1282 C CD  B ARG A 1 154 ? -12.660 -1.014  15.231  0.50 9.93  ? 154 ARG A CD  1 
ATOM   1283 N NE  A ARG A 1 154 ? -11.630 -2.429  15.947  0.50 13.54 ? 154 ARG A NE  1 
ATOM   1284 N NE  B ARG A 1 154 ? -11.901 -2.223  15.564  0.50 12.03 ? 154 ARG A NE  1 
ATOM   1285 C CZ  A ARG A 1 154 ? -11.322 -3.007  17.107  0.50 13.79 ? 154 ARG A CZ  1 
ATOM   1286 C CZ  B ARG A 1 154 ? -11.393 -3.079  14.676  0.50 12.65 ? 154 ARG A CZ  1 
ATOM   1287 N NH1 A ARG A 1 154 ? -11.697 -2.463  18.259  0.50 14.05 ? 154 ARG A NH1 1 
ATOM   1288 N NH1 B ARG A 1 154 ? -11.565 -2.884  13.372  0.50 12.84 ? 154 ARG A NH1 1 
ATOM   1289 N NH2 A ARG A 1 154 ? -10.618 -4.134  17.116  0.50 15.74 ? 154 ARG A NH2 1 
ATOM   1290 N NH2 B ARG A 1 154 ? -10.709 -4.142  15.095  0.50 12.53 ? 154 ARG A NH2 1 
ATOM   1291 N N   . THR A 1 155 ? -7.904  0.941   16.099  1.00 9.20  ? 155 THR A N   1 
ATOM   1292 C CA  . THR A 1 155 ? -7.274  0.823   17.416  1.00 9.14  ? 155 THR A CA  1 
ATOM   1293 C C   . THR A 1 155 ? -6.027  1.664   17.627  1.00 9.42  ? 155 THR A C   1 
ATOM   1294 O O   . THR A 1 155 ? -5.669  1.959   18.770  1.00 9.60  ? 155 THR A O   1 
ATOM   1295 C CB  . THR A 1 155 ? -6.904  -0.638  17.742  1.00 8.72  ? 155 THR A CB  1 
ATOM   1296 O OG1 . THR A 1 155 ? -5.882  -1.083  16.845  1.00 8.70  ? 155 THR A OG1 1 
ATOM   1297 C CG2 . THR A 1 155 ? -8.107  -1.556  17.612  1.00 9.10  ? 155 THR A CG2 1 
ATOM   1298 N N   . GLY A 1 156 ? -5.339  2.032   16.554  1.00 8.91  ? 156 GLY A N   1 
ATOM   1299 C CA  . GLY A 1 156 ? -4.049  2.698   16.702  1.00 8.55  ? 156 GLY A CA  1 
ATOM   1300 C C   . GLY A 1 156 ? -3.021  1.794   17.370  1.00 8.89  ? 156 GLY A C   1 
ATOM   1301 O O   . GLY A 1 156 ? -2.066  2.276   17.980  1.00 9.08  ? 156 GLY A O   1 
ATOM   1302 N N   . THR A 1 157 ? -3.223  0.480   17.248  1.00 8.28  ? 157 THR A N   1 
ATOM   1303 C CA  . THR A 1 157 ? -2.274  -0.518  17.747  1.00 8.51  ? 157 THR A CA  1 
ATOM   1304 C C   . THR A 1 157 ? -1.881  -1.432  16.607  1.00 8.06  ? 157 THR A C   1 
ATOM   1305 O O   . THR A 1 157 ? -2.498  -1.411  15.537  1.00 8.14  ? 157 THR A O   1 
ATOM   1306 C CB  . THR A 1 157 ? -2.859  -1.432  18.852  1.00 9.18  ? 157 THR A CB  1 
ATOM   1307 O OG1 . THR A 1 157 ? -3.760  -2.381  18.261  1.00 9.86  ? 157 THR A OG1 1 
ATOM   1308 C CG2 . THR A 1 157 ? -3.572  -0.641  19.953  1.00 9.61  ? 157 THR A CG2 1 
ATOM   1309 N N   . TRP A 1 158 ? -0.866  -2.246  16.860  1.00 7.87  ? 158 TRP A N   1 
ATOM   1310 C CA  . TRP A 1 158 ? -0.385  -3.219  15.902  1.00 7.97  ? 158 TRP A CA  1 
ATOM   1311 C C   . TRP A 1 158 ? -0.969  -4.612  16.133  1.00 8.29  ? 158 TRP A C   1 
ATOM   1312 O O   . TRP A 1 158 ? -0.402  -5.604  15.667  1.00 8.66  ? 158 TRP A O   1 
ATOM   1313 C CB  . TRP A 1 158 ? 1.130   -3.284  16.007  1.00 8.00  ? 158 TRP A CB  1 
ATOM   1314 C CG  . TRP A 1 158 ? 1.820   -2.083  15.501  1.00 8.02  ? 158 TRP A CG  1 
ATOM   1315 C CD1 . TRP A 1 158 ? 2.574   -1.191  16.220  1.00 8.42  ? 158 TRP A CD1 1 
ATOM   1316 C CD2 . TRP A 1 158 ? 1.857   -1.637  14.146  1.00 7.85  ? 158 TRP A CD2 1 
ATOM   1317 N NE1 . TRP A 1 158 ? 3.071   -0.225  15.391  1.00 7.52  ? 158 TRP A NE1 1 
ATOM   1318 C CE2 . TRP A 1 158 ? 2.644   -0.469  14.109  1.00 7.90  ? 158 TRP A CE2 1 
ATOM   1319 C CE3 . TRP A 1 158 ? 1.298   -2.114  12.950  1.00 8.70  ? 158 TRP A CE3 1 
ATOM   1320 C CZ2 . TRP A 1 158 ? 2.894   0.222   12.928  1.00 8.21  ? 158 TRP A CZ2 1 
ATOM   1321 C CZ3 . TRP A 1 158 ? 1.551   -1.434  11.785  1.00 8.84  ? 158 TRP A CZ3 1 
ATOM   1322 C CH2 . TRP A 1 158 ? 2.340   -0.277  11.776  1.00 9.63  ? 158 TRP A CH2 1 
ATOM   1323 N N   . ASP A 1 159 ? -2.102  -4.689  16.825  1.00 8.75  ? 159 ASP A N   1 
ATOM   1324 C CA  . ASP A 1 159 ? -2.690  -5.982  17.205  1.00 9.49  ? 159 ASP A CA  1 
ATOM   1325 C C   . ASP A 1 159 ? -2.919  -6.918  16.020  1.00 9.94  ? 159 ASP A C   1 
ATOM   1326 O O   . ASP A 1 159 ? -2.747  -8.131  16.145  1.00 10.59 ? 159 ASP A O   1 
ATOM   1327 C CB  . ASP A 1 159 ? -4.001  -5.791  17.971  1.00 10.04 ? 159 ASP A CB  1 
ATOM   1328 C CG  . ASP A 1 159 ? -3.796  -5.241  19.376  0.50 9.84  ? 159 ASP A CG  1 
ATOM   1329 O OD1 . ASP A 1 159 ? -2.640  -4.995  19.780  0.50 9.19  ? 159 ASP A OD1 1 
ATOM   1330 O OD2 . ASP A 1 159 ? -4.812  -5.055  20.075  0.50 13.29 ? 159 ASP A OD2 1 
ATOM   1331 N N   . ALA A 1 160 ? -3.272  -6.362  14.862  1.00 9.60  ? 160 ALA A N   1 
ATOM   1332 C CA  . ALA A 1 160 ? -3.570  -7.196  13.693  1.00 9.83  ? 160 ALA A CA  1 
ATOM   1333 C C   . ALA A 1 160 ? -2.324  -7.754  13.021  1.00 10.19 ? 160 ALA A C   1 
ATOM   1334 O O   . ALA A 1 160 ? -2.433  -8.614  12.133  1.00 10.74 ? 160 ALA A O   1 
ATOM   1335 C CB  . ALA A 1 160 ? -4.396  -6.416  12.695  1.00 9.84  ? 160 ALA A CB  1 
ATOM   1336 N N   . TYR A 1 161 ? -1.150  -7.264  13.415  1.00 10.16 ? 161 TYR A N   1 
ATOM   1337 C CA  . TYR A 1 161 ? 0.111   -7.709  12.815  1.00 10.86 ? 161 TYR A CA  1 
ATOM   1338 C C   . TYR A 1 161 ? 0.979   -8.483  13.801  1.00 12.75 ? 161 TYR A C   1 
ATOM   1339 O O   . TYR A 1 161 ? 2.046   -8.982  13.434  1.00 13.19 ? 161 TYR A O   1 
ATOM   1340 C CB  . TYR A 1 161 ? 0.866   -6.522  12.201  1.00 9.43  ? 161 TYR A CB  1 
ATOM   1341 C CG  . TYR A 1 161 ? 0.154   -5.975  10.991  1.00 8.11  ? 161 TYR A CG  1 
ATOM   1342 C CD1 . TYR A 1 161 ? -0.843  -5.008  11.125  1.00 7.64  ? 161 TYR A CD1 1 
ATOM   1343 C CD2 . TYR A 1 161 ? 0.447   -6.447  9.710   1.00 7.13  ? 161 TYR A CD2 1 
ATOM   1344 C CE1 . TYR A 1 161 ? -1.528  -4.530  10.030  1.00 7.08  ? 161 TYR A CE1 1 
ATOM   1345 C CE2 . TYR A 1 161 ? -0.232  -5.973  8.599   1.00 6.92  ? 161 TYR A CE2 1 
ATOM   1346 C CZ  . TYR A 1 161 ? -1.216  -5.005  8.762   1.00 6.81  ? 161 TYR A CZ  1 
ATOM   1347 O OH  . TYR A 1 161 ? -1.898  -4.516  7.683   1.00 7.63  ? 161 TYR A OH  1 
ATOM   1348 N N   . LYS A 1 162 ? 0.466   -8.622  15.026  0.50 13.85 ? 162 LYS A N   1 
ATOM   1349 C CA  . LYS A 1 162 ? 1.179   -9.209  16.167  0.50 15.04 ? 162 LYS A CA  1 
ATOM   1350 C C   . LYS A 1 162 ? 2.290   -8.276  16.635  0.50 15.35 ? 162 LYS A C   1 
ATOM   1351 O O   . LYS A 1 162 ? 2.021   -7.273  17.300  0.50 15.99 ? 162 LYS A O   1 
ATOM   1352 C CB  . LYS A 1 162 ? 1.728   -10.604 15.849  0.50 15.21 ? 162 LYS A CB  1 
ATOM   1353 C CG  . LYS A 1 162 ? 0.661   -11.630 15.510  0.50 16.71 ? 162 LYS A CG  1 
ATOM   1354 C CD  . LYS A 1 162 ? 1.267   -13.004 15.288  0.50 18.83 ? 162 LYS A CD  1 
ATOM   1355 C CE  . LYS A 1 162 ? 0.204   -14.086 15.359  0.50 19.67 ? 162 LYS A CE  1 
ATOM   1356 N NZ  . LYS A 1 162 ? -0.333  -14.242 16.739  0.50 21.01 ? 162 LYS A NZ  1 
HETATM 1357 P P   . PO4 B 2 .   ? 0.021   -15.317 -9.836  0.50 7.67  ? 163 PO4 A P   1 
HETATM 1358 O O1  . PO4 B 2 .   ? -1.219  -14.999 -10.624 0.50 5.66  ? 163 PO4 A O1  1 
HETATM 1359 O O2  . PO4 B 2 .   ? 0.027   -14.528 -8.542  0.50 6.63  ? 163 PO4 A O2  1 
HETATM 1360 O O3  . PO4 B 2 .   ? -0.043  -16.777 -9.489  0.50 5.31  ? 163 PO4 A O3  1 
HETATM 1361 O O4  . PO4 B 2 .   ? 1.263   -15.024 -10.640 0.50 8.34  ? 163 PO4 A O4  1 
HETATM 1362 C CAA A J1Z C 3 .   ? -3.930  10.003  4.224   0.25 19.64 ? 164 J1Z A CAA 1 
HETATM 1363 C CAA B J1Z C 3 .   ? -6.737  6.268   4.625   0.25 7.12  ? 164 J1Z A CAA 1 
HETATM 1364 C CAB A J1Z C 3 .   ? -6.644  6.281   4.542   0.25 19.58 ? 164 J1Z A CAB 1 
HETATM 1365 C CAB B J1Z C 3 .   ? -3.911  9.850   3.888   0.25 7.08  ? 164 J1Z A CAB 1 
HETATM 1366 C CAC A J1Z C 3 .   ? -4.772  9.628   5.192   0.25 19.74 ? 164 J1Z A CAC 1 
HETATM 1367 C CAC B J1Z C 3 .   ? -6.501  7.357   5.366   0.25 7.15  ? 164 J1Z A CAC 1 
HETATM 1368 C CAD A J1Z C 3 .   ? -5.801  6.656   3.577   0.25 19.60 ? 164 J1Z A CAD 1 
HETATM 1369 C CAD B J1Z C 3 .   ? -4.145  8.756   3.151   0.25 6.91  ? 164 J1Z A CAD 1 
HETATM 1370 S SAE A J1Z C 3 .   ? -4.011  8.810   3.036   0.25 19.50 ? 164 J1Z A SAE 1 
HETATM 1371 S SAE B J1Z C 3 .   ? -5.763  6.389   3.258   0.25 6.42  ? 164 J1Z A SAE 1 
HETATM 1372 S SAF A J1Z C 3 .   ? -6.559  7.468   5.737   0.25 19.71 ? 164 J1Z A SAF 1 
HETATM 1373 S SAF B J1Z C 3 .   ? -4.884  9.740   5.263   0.25 7.22  ? 164 J1Z A SAF 1 
HETATM 1374 C CAG A J1Z C 3 .   ? -5.439  8.469   4.992   0.25 19.68 ? 164 J1Z A CAG 1 
HETATM 1375 C CAG B J1Z C 3 .   ? -5.607  8.249   4.880   0.25 7.08  ? 164 J1Z A CAG 1 
HETATM 1376 C CAH A J1Z C 3 .   ? -5.140  7.817   3.776   0.25 19.65 ? 164 J1Z A CAH 1 
HETATM 1377 C CAH B J1Z C 3 .   ? -5.045  7.875   3.639   0.25 7.13  ? 164 J1Z A CAH 1 
HETATM 1378 C C1  . BME D 4 .   ? 7.236   6.432   8.940   0.50 13.34 ? 165 BME A C1  1 
HETATM 1379 C C2  . BME D 4 .   ? 7.409   7.118   7.582   0.50 15.89 ? 165 BME A C2  1 
HETATM 1380 O O1  . BME D 4 .   ? 5.985   5.727   8.961   0.50 11.33 ? 165 BME A O1  1 
HETATM 1381 S S2  . BME D 4 .   ? 8.831   8.268   7.541   0.50 18.57 ? 165 BME A S2  1 
HETATM 1382 C C1  . BME E 4 .   ? 5.751   11.813  6.680   0.50 6.56  ? 166 BME A C1  1 
HETATM 1383 C C2  . BME E 4 .   ? 7.266   11.679  6.561   0.50 6.89  ? 166 BME A C2  1 
HETATM 1384 O O1  . BME E 4 .   ? 5.269   10.853  7.610   0.50 8.44  ? 166 BME A O1  1 
HETATM 1385 S S2  . BME E 4 .   ? 7.985   12.938  5.449   0.50 6.65  ? 166 BME A S2  1 
HETATM 1386 C C1  . BME F 4 .   ? 4.852   2.077   -7.755  0.50 18.89 ? 167 BME A C1  1 
HETATM 1387 C C2  . BME F 4 .   ? 4.600   0.614   -8.056  0.50 18.68 ? 167 BME A C2  1 
HETATM 1388 O O1  . BME F 4 .   ? 6.259   2.272   -7.696  0.50 18.03 ? 167 BME A O1  1 
HETATM 1389 S S2  . BME F 4 .   ? 3.530   -0.143  -6.794  0.50 18.03 ? 167 BME A S2  1 
HETATM 1390 O O   . HOH G 5 .   ? -11.744 14.630  1.744   1.00 27.19 ? 168 HOH A O   1 
HETATM 1391 O O   . HOH G 5 .   ? 5.314   -8.787  -3.326  0.50 8.35  ? 169 HOH A O   1 
HETATM 1392 O O   . HOH G 5 .   ? 10.707  7.250   -6.313  1.00 22.19 ? 170 HOH A O   1 
HETATM 1393 O O   . HOH G 5 .   ? 18.784  -7.782  1.916   1.00 31.07 ? 171 HOH A O   1 
HETATM 1394 O O   . HOH G 5 .   ? -7.902  17.767  12.552  1.00 23.14 ? 172 HOH A O   1 
HETATM 1395 O O   . HOH G 5 .   ? 17.282  -14.003 -1.322  1.00 28.78 ? 173 HOH A O   1 
HETATM 1396 O O   . HOH G 5 .   ? -10.722 -0.194  -7.795  1.00 31.16 ? 174 HOH A O   1 
HETATM 1397 O O   . HOH G 5 .   ? 21.841  -7.670  -9.045  1.00 24.40 ? 175 HOH A O   1 
HETATM 1398 O O   . HOH G 5 .   ? -18.567 12.786  0.573   1.00 26.45 ? 176 HOH A O   1 
HETATM 1399 O O   . HOH G 5 .   ? 1.811   -15.392 -13.689 1.00 28.83 ? 177 HOH A O   1 
HETATM 1400 O O   . HOH G 5 .   ? 17.486  -0.290  -18.030 1.00 24.24 ? 178 HOH A O   1 
HETATM 1401 O O   . HOH G 5 .   ? 6.574   -16.042 -1.315  1.00 30.61 ? 179 HOH A O   1 
HETATM 1402 O O   . HOH G 5 .   ? 11.388  -9.698  6.657   1.00 32.58 ? 180 HOH A O   1 
HETATM 1403 O O   . HOH G 5 .   ? -20.294 -2.130  -0.163  1.00 8.19  ? 181 HOH A O   1 
HETATM 1404 O O   . HOH G 5 .   ? 10.101  -7.639  7.828   1.00 15.90 ? 182 HOH A O   1 
HETATM 1405 O O   . HOH G 5 .   ? 12.880  -3.362  3.873   1.00 14.08 ? 183 HOH A O   1 
HETATM 1406 O O   . HOH G 5 .   ? -19.769 2.454   14.462  1.00 16.22 ? 184 HOH A O   1 
HETATM 1407 O O   . HOH G 5 .   ? -4.087  -13.294 -12.094 1.00 11.76 ? 185 HOH A O   1 
HETATM 1408 O O   . HOH G 5 .   ? 14.600  7.541   -4.642  1.00 13.21 ? 186 HOH A O   1 
HETATM 1409 O O   . HOH G 5 .   ? 11.109  -5.351  4.098   1.00 15.36 ? 187 HOH A O   1 
HETATM 1410 O O   . HOH G 5 .   ? -22.358 -3.288  4.349   1.00 20.28 ? 188 HOH A O   1 
HETATM 1411 O O   . HOH G 5 .   ? 5.487   -12.283 6.102   1.00 23.57 ? 189 HOH A O   1 
HETATM 1412 O O   . HOH G 5 .   ? 21.443  -10.396 -10.291 1.00 25.27 ? 190 HOH A O   1 
HETATM 1413 O O   . HOH G 5 .   ? 10.405  -5.250  6.692   1.00 16.89 ? 191 HOH A O   1 
HETATM 1414 O O   . HOH G 5 .   ? -21.037 3.538   16.531  1.00 23.58 ? 192 HOH A O   1 
HETATM 1415 O O   . HOH G 5 .   ? 4.659   -14.872 -16.179 1.00 25.63 ? 193 HOH A O   1 
HETATM 1416 O O   . HOH G 5 .   ? -8.065  -6.669  -15.627 1.00 37.17 ? 194 HOH A O   1 
HETATM 1417 O O   . HOH G 5 .   ? 0.494   -16.476 -15.528 1.00 23.51 ? 195 HOH A O   1 
HETATM 1418 O O   . HOH G 5 .   ? -19.717 0.065   15.409  1.00 27.22 ? 196 HOH A O   1 
HETATM 1419 O O   . HOH G 5 .   ? 22.830  -12.080 -8.568  1.00 40.48 ? 197 HOH A O   1 
HETATM 1420 O O   . HOH G 5 .   ? -22.542 -1.536  2.288   1.00 17.76 ? 198 HOH A O   1 
HETATM 1421 O O   . HOH G 5 .   ? 13.238  -1.655  1.887   1.00 13.65 ? 199 HOH A O   1 
HETATM 1422 O O   . HOH G 5 .   ? 10.941  -15.425 -4.942  1.00 18.79 ? 200 HOH A O   1 
HETATM 1423 O O   . HOH G 5 .   ? 8.399   0.012   -12.291 1.00 23.03 ? 201 HOH A O   1 
HETATM 1424 O O   . HOH G 5 .   ? -3.704  -6.232  -3.482  1.00 22.18 ? 202 HOH A O   1 
HETATM 1425 O O   . HOH G 5 .   ? 10.479  11.883  -1.048  1.00 34.36 ? 203 HOH A O   1 
HETATM 1426 O O   . HOH G 5 .   ? 8.097   -14.879 -13.542 1.00 22.74 ? 204 HOH A O   1 
HETATM 1427 O O   . HOH G 5 .   ? 15.311  -8.215  -19.461 1.00 27.50 ? 205 HOH A O   1 
HETATM 1428 O O   . HOH G 5 .   ? -0.361  -8.656  -1.325  1.00 20.42 ? 206 HOH A O   1 
HETATM 1429 O O   . HOH G 5 .   ? 22.170  -5.353  -18.254 1.00 27.96 ? 207 HOH A O   1 
HETATM 1430 O O   . HOH G 5 .   ? -8.489  -6.800  -11.671 1.00 25.62 ? 208 HOH A O   1 
HETATM 1431 O O   . HOH G 5 .   ? -3.271  -9.593  18.398  1.00 29.77 ? 209 HOH A O   1 
HETATM 1432 O O   . HOH G 5 .   ? -2.503  -4.245  -4.896  1.00 24.30 ? 210 HOH A O   1 
HETATM 1433 O O   . HOH G 5 .   ? -0.703  -15.931 -10.022 0.50 5.62  ? 211 HOH A O   1 
HETATM 1434 O O   . HOH G 5 .   ? 5.345   -10.405 -3.049  0.50 8.42  ? 212 HOH A O   1 
HETATM 1435 O O   . HOH G 5 .   ? 8.699   6.004   5.742   0.50 11.50 ? 213 HOH A O   1 
HETATM 1436 O O   . HOH G 5 .   ? -17.811 11.051  6.927   0.50 12.43 ? 214 HOH A O   1 
HETATM 1437 O O   . HOH G 5 .   ? -11.527 2.460   -4.376  1.00 19.25 ? 215 HOH A O   1 
HETATM 1438 O O   . HOH G 5 .   ? -12.292 16.778  11.800  1.00 24.29 ? 216 HOH A O   1 
HETATM 1439 O O   . HOH G 5 .   ? 1.335   -10.073 -2.490  0.20 2.00  ? 217 HOH A O   1 
HETATM 1440 O O   . HOH G 5 .   ? 1.771   -14.940 -11.295 0.50 13.92 ? 218 HOH A O   1 
HETATM 1441 O O   . HOH G 5 .   ? 2.415   14.611  14.967  1.00 22.31 ? 219 HOH A O   1 
HETATM 1442 O O   . HOH G 5 .   ? 7.247   -14.766 -8.248  1.00 21.41 ? 220 HOH A O   1 
HETATM 1443 O O   . HOH G 5 .   ? -2.607  -3.662  22.114  1.00 28.48 ? 221 HOH A O   1 
HETATM 1444 O O   . HOH G 5 .   ? -0.495  -10.907 10.137  0.50 16.97 ? 222 HOH A O   1 
HETATM 1445 O O   . HOH G 5 .   ? -12.975 -0.197  19.027  1.00 20.88 ? 223 HOH A O   1 
HETATM 1446 O O   . HOH G 5 .   ? -4.613  -14.074 9.012   1.00 26.27 ? 224 HOH A O   1 
HETATM 1447 O O   . HOH G 5 .   ? -14.293 -8.251  11.271  1.00 28.30 ? 225 HOH A O   1 
HETATM 1448 O O   . HOH G 5 .   ? 6.499   -14.258 3.127   1.00 32.40 ? 226 HOH A O   1 
HETATM 1449 O O   . HOH G 5 .   ? 0.915   6.456   -4.370  1.00 25.94 ? 227 HOH A O   1 
HETATM 1450 O O   . HOH G 5 .   ? 0.885   -14.693 -8.201  0.50 16.40 ? 228 HOH A O   1 
HETATM 1451 O O   . HOH G 5 .   ? -4.191  -13.444 5.711   0.50 18.84 ? 229 HOH A O   1 
HETATM 1452 O O   . HOH G 5 .   ? -10.888 15.434  15.625  1.00 27.48 ? 230 HOH A O   1 
HETATM 1453 O O   . HOH G 5 .   ? -2.703  20.061  5.494   1.00 31.34 ? 231 HOH A O   1 
HETATM 1454 O O   . HOH G 5 .   ? 21.997  -4.864  -5.305  1.00 30.70 ? 232 HOH A O   1 
HETATM 1455 O O   . HOH G 5 .   ? -13.614 16.889  9.761   1.00 36.67 ? 233 HOH A O   1 
HETATM 1456 O O   . HOH G 5 .   ? 9.808   -11.819 6.900   1.00 29.59 ? 234 HOH A O   1 
HETATM 1457 O O   . HOH G 5 .   ? -18.079 -1.834  14.954  1.00 30.26 ? 235 HOH A O   1 
HETATM 1458 O O   . HOH G 5 .   ? 15.390  -3.997  -21.345 1.00 29.75 ? 236 HOH A O   1 
HETATM 1459 O O   . HOH G 5 .   ? 3.351   1.613   -13.253 1.00 29.37 ? 237 HOH A O   1 
HETATM 1460 O O   . HOH G 5 .   ? 13.100  -5.874  -21.437 1.00 31.47 ? 238 HOH A O   1 
HETATM 1461 O O   . HOH G 5 .   ? 8.924   -13.440 -16.241 1.00 28.24 ? 239 HOH A O   1 
HETATM 1462 O O   . HOH G 5 .   ? 7.495   19.269  -2.468  1.00 37.91 ? 240 HOH A O   1 
HETATM 1463 O O   . HOH G 5 .   ? 5.136   1.093   -11.326 1.00 36.63 ? 241 HOH A O   1 
HETATM 1464 O O   . HOH G 5 .   ? -19.872 9.979   12.029  1.00 32.27 ? 242 HOH A O   1 
HETATM 1465 O O   . HOH G 5 .   ? 14.972  -15.873 -7.828  1.00 30.82 ? 243 HOH A O   1 
HETATM 1466 O O   . HOH G 5 .   ? -15.274 -10.458 5.503   1.00 30.94 ? 244 HOH A O   1 
HETATM 1467 O O   . HOH G 5 .   ? -3.916  17.562  -4.247  1.00 29.23 ? 245 HOH A O   1 
HETATM 1468 O O   . HOH G 5 .   ? 5.020   -9.354  12.918  1.00 30.57 ? 246 HOH A O   1 
HETATM 1469 O O   . HOH G 5 .   ? -4.838  21.581  6.906   1.00 29.24 ? 247 HOH A O   1 
HETATM 1470 O O   . HOH G 5 .   ? 0.311   0.475   -16.500 1.00 30.72 ? 248 HOH A O   1 
HETATM 1471 O O   . HOH G 5 .   ? -7.559  -11.090 -14.219 1.00 26.30 ? 249 HOH A O   1 
HETATM 1472 O O   . HOH G 5 .   ? -15.859 -2.087  17.244  1.00 32.68 ? 250 HOH A O   1 
HETATM 1473 O O   . HOH G 5 .   ? -9.660  -8.640  -9.764  1.00 23.83 ? 251 HOH A O   1 
HETATM 1474 O O   . HOH G 5 .   ? 4.261   -12.229 10.601  1.00 33.56 ? 252 HOH A O   1 
HETATM 1475 O O   . HOH G 5 .   ? -0.215  19.581  11.122  1.00 32.63 ? 253 HOH A O   1 
HETATM 1476 O O   . HOH G 5 .   ? 12.914  -15.105 -1.741  1.00 30.37 ? 254 HOH A O   1 
HETATM 1477 O O   . HOH G 5 .   ? 3.528   -9.960  16.181  0.50 26.94 ? 255 HOH A O   1 
HETATM 1478 O O   . HOH G 5 .   ? -19.924 -2.984  13.443  1.00 38.97 ? 256 HOH A O   1 
HETATM 1479 O O   . HOH G 5 .   ? -6.909  12.890  -4.801  1.00 32.62 ? 257 HOH A O   1 
HETATM 1480 O O   . HOH G 5 .   ? -22.982 4.798   13.096  1.00 33.43 ? 258 HOH A O   1 
HETATM 1481 O O   . HOH G 5 .   ? 12.174  -5.371  14.298  1.00 37.47 ? 259 HOH A O   1 
HETATM 1482 O O   . HOH G 5 .   ? -17.533 14.932  3.851   0.50 24.20 ? 260 HOH A O   1 
HETATM 1483 O O   . HOH G 5 .   ? 19.711  0.704   -8.385  1.00 23.75 ? 261 HOH A O   1 
HETATM 1484 O O   . HOH G 5 .   ? -1.295  -6.725  -2.594  1.00 34.24 ? 262 HOH A O   1 
HETATM 1485 O O   . HOH G 5 .   ? -0.632  19.173  0.154   1.00 32.04 ? 263 HOH A O   1 
HETATM 1486 O O   . HOH G 5 .   ? 9.732   9.979   -3.054  1.00 33.79 ? 264 HOH A O   1 
HETATM 1487 O O   . HOH G 5 .   ? -0.309  -11.378 3.341   1.00 27.85 ? 265 HOH A O   1 
HETATM 1488 O O   . HOH G 5 .   ? 14.583  -13.356 -0.750  1.00 33.68 ? 266 HOH A O   1 
HETATM 1489 O O   . HOH G 5 .   ? 4.222   0.180   -19.140 1.00 33.31 ? 267 HOH A O   1 
HETATM 1490 O O   . HOH G 5 .   ? 0.240   -11.659 11.094  0.50 23.96 ? 268 HOH A O   1 
HETATM 1491 O O   . HOH G 5 .   ? -4.103  -11.382 3.094   0.50 22.01 ? 269 HOH A O   1 
HETATM 1492 O O   . HOH G 5 .   ? -12.771 17.035  14.375  1.00 35.26 ? 270 HOH A O   1 
HETATM 1493 O O   . HOH G 5 .   ? 2.586   -1.026  -21.826 1.00 40.67 ? 271 HOH A O   1 
HETATM 1494 O O   . HOH G 5 .   ? -6.528  -2.462  -5.609  1.00 48.13 ? 272 HOH A O   1 
HETATM 1495 O O   . HOH G 5 .   ? 12.250  -16.626 -14.270 1.00 41.57 ? 273 HOH A O   1 
HETATM 1496 O O   . HOH G 5 .   ? 23.459  -3.716  -7.700  1.00 36.04 ? 274 HOH A O   1 
HETATM 1497 O O   . HOH G 5 .   ? 6.396   17.948  0.288   1.00 36.23 ? 275 HOH A O   1 
HETATM 1498 O O   . HOH G 5 .   ? -7.250  -5.249  18.948  1.00 45.77 ? 276 HOH A O   1 
HETATM 1499 O O   . HOH G 5 .   ? -2.366  22.478  9.536   1.00 39.76 ? 277 HOH A O   1 
HETATM 1500 O O   . HOH G 5 .   ? 2.195   -1.100  -4.575  0.50 15.94 ? 278 HOH A O   1 
HETATM 1501 O O   . HOH G 5 .   ? 3.275   0.272   -4.662  0.50 18.43 ? 279 HOH A O   1 
HETATM 1502 O O   . HOH G 5 .   ? 2.933   2.352   -4.477  0.50 21.90 ? 280 HOH A O   1 
HETATM 1503 O O   . HOH G 5 .   ? -16.393 7.608   1.130   1.00 20.11 ? 281 HOH A O   1 
HETATM 1504 O O   . HOH G 5 .   ? -6.716  -10.217 1.593   1.00 5.09  ? 282 HOH A O   1 
HETATM 1505 O O   . HOH G 5 .   ? -20.821 3.831   7.309   1.00 6.10  ? 283 HOH A O   1 
HETATM 1506 O O   . HOH G 5 .   ? 8.001   -2.315  -3.606  1.00 7.32  ? 284 HOH A O   1 
HETATM 1507 O O   . HOH G 5 .   ? 1.620   -8.695  -3.432  0.80 6.19  ? 285 HOH A O   1 
HETATM 1508 O O   . HOH G 5 .   ? 13.531  2.670   -9.829  1.00 7.75  ? 286 HOH A O   1 
HETATM 1509 O O   . HOH G 5 .   ? 9.229   -15.773 -6.873  1.00 25.19 ? 287 HOH A O   1 
HETATM 1510 O O   . HOH G 5 .   ? -4.088  -9.996  0.037   1.00 9.14  ? 288 HOH A O   1 
HETATM 1511 O O   . HOH G 5 .   ? -7.304  -10.334 8.785   1.00 8.74  ? 289 HOH A O   1 
HETATM 1512 O O   . HOH G 5 .   ? -3.239  -3.559  14.015  1.00 9.49  ? 290 HOH A O   1 
HETATM 1513 O O   . HOH G 5 .   ? 9.821   -4.324  -4.207  1.00 5.75  ? 291 HOH A O   1 
HETATM 1514 O O   . HOH G 5 .   ? -7.371  11.842  13.150  1.00 8.30  ? 292 HOH A O   1 
HETATM 1515 O O   . HOH G 5 .   ? -12.828 0.454   -2.780  1.00 8.41  ? 293 HOH A O   1 
HETATM 1516 O O   . HOH G 5 .   ? -16.188 -5.744  -4.560  1.00 8.79  ? 294 HOH A O   1 
HETATM 1517 O O   . HOH G 5 .   ? -14.945 -10.859 0.502   1.00 9.95  ? 295 HOH A O   1 
HETATM 1518 O O   . HOH G 5 .   ? -4.824  -11.405 9.467   1.00 9.86  ? 296 HOH A O   1 
HETATM 1519 O O   . HOH G 5 .   ? -15.933 -0.605  14.005  1.00 13.44 ? 297 HOH A O   1 
HETATM 1520 O O   . HOH G 5 .   ? -8.180  15.508  14.199  1.00 12.70 ? 298 HOH A O   1 
HETATM 1521 O O   . HOH G 5 .   ? -7.927  -10.774 -10.077 1.00 11.13 ? 299 HOH A O   1 
HETATM 1522 O O   . HOH G 5 .   ? -0.010  2.215   19.769  1.00 15.10 ? 300 HOH A O   1 
HETATM 1523 O O   . HOH G 5 .   ? -4.246  -1.530  2.438   1.00 8.15  ? 301 HOH A O   1 
HETATM 1524 O O   . HOH G 5 .   ? -19.028 -2.277  7.553   1.00 10.86 ? 302 HOH A O   1 
HETATM 1525 O O   . HOH G 5 .   ? -1.984  -9.561  2.216   1.00 10.60 ? 303 HOH A O   1 
HETATM 1526 O O   . HOH G 5 .   ? -5.044  9.625   16.836  1.00 12.25 ? 304 HOH A O   1 
HETATM 1527 O O   . HOH G 5 .   ? -19.860 4.315   10.031  1.00 11.47 ? 305 HOH A O   1 
HETATM 1528 O O   . HOH G 5 .   ? -14.980 -2.736  9.814   1.00 10.29 ? 306 HOH A O   1 
HETATM 1529 O O   . HOH G 5 .   ? -11.117 -5.008  11.126  1.00 11.81 ? 307 HOH A O   1 
HETATM 1530 O O   . HOH G 5 .   ? -14.577 -2.619  12.570  1.00 13.36 ? 308 HOH A O   1 
HETATM 1531 O O   . HOH G 5 .   ? -1.339  -8.960  -16.478 1.00 17.25 ? 309 HOH A O   1 
HETATM 1532 O O   . HOH G 5 .   ? -4.396  18.098  10.315  1.00 12.88 ? 310 HOH A O   1 
HETATM 1533 O O   . HOH G 5 .   ? 12.224  -3.190  10.858  1.00 10.36 ? 311 HOH A O   1 
HETATM 1534 O O   . HOH G 5 .   ? 2.228   0.491   19.597  1.00 14.30 ? 312 HOH A O   1 
HETATM 1535 O O   . HOH G 5 .   ? -11.994 -3.255  13.010  0.50 11.17 ? 313 HOH A O   1 
HETATM 1536 O O   . HOH G 5 .   ? 3.573   -16.638 -10.599 1.00 21.22 ? 314 HOH A O   1 
HETATM 1537 O O   . HOH G 5 .   ? 0.665   -1.896  19.363  1.00 12.35 ? 315 HOH A O   1 
HETATM 1538 O O   . HOH G 5 .   ? 1.030   -6.352  -4.955  1.00 13.32 ? 316 HOH A O   1 
HETATM 1539 O O   . HOH G 5 .   ? -1.485  5.029   18.260  1.00 11.26 ? 317 HOH A O   1 
HETATM 1540 O O   . HOH G 5 .   ? 15.066  -4.767  4.681   1.00 16.21 ? 318 HOH A O   1 
HETATM 1541 O O   . HOH G 5 .   ? 4.910   -0.212  18.751  1.00 14.89 ? 319 HOH A O   1 
HETATM 1542 O O   . HOH G 5 .   ? 0.849   -4.911  -7.489  1.00 9.51  ? 320 HOH A O   1 
HETATM 1543 O O   . HOH G 5 .   ? 16.728  0.731   -8.802  1.00 11.85 ? 321 HOH A O   1 
HETATM 1544 O O   . HOH G 5 .   ? -8.603  -4.885  -2.945  1.00 12.19 ? 322 HOH A O   1 
HETATM 1545 O O   . HOH G 5 .   ? -6.805  1.014   21.166  1.00 20.73 ? 323 HOH A O   1 
HETATM 1546 O O   . HOH G 5 .   ? -13.042 -4.655  9.241   1.00 12.43 ? 324 HOH A O   1 
HETATM 1547 O O   . HOH G 5 .   ? 10.498  2.072   -7.149  1.00 10.89 ? 325 HOH A O   1 
HETATM 1548 O O   . HOH G 5 .   ? -21.185 2.922   12.149  1.00 15.51 ? 326 HOH A O   1 
HETATM 1549 O O   . HOH G 5 .   ? 1.337   -2.959  -5.693  1.00 14.94 ? 327 HOH A O   1 
HETATM 1550 O O   . HOH G 5 .   ? -3.146  -7.314  -0.995  1.00 17.96 ? 328 HOH A O   1 
HETATM 1551 O O   . HOH G 5 .   ? 21.108  -3.594  -9.072  1.00 17.22 ? 329 HOH A O   1 
HETATM 1552 O O   . HOH G 5 .   ? 6.723   3.121   10.599  1.00 11.18 ? 330 HOH A O   1 
HETATM 1553 O O   . HOH G 5 .   ? -4.486  -10.384 11.913  1.00 13.56 ? 331 HOH A O   1 
HETATM 1554 O O   . HOH G 5 .   ? -14.232 10.003  19.020  1.00 10.63 ? 332 HOH A O   1 
HETATM 1555 O O   . HOH G 5 .   ? -8.425  -12.149 1.810   1.00 13.94 ? 333 HOH A O   1 
HETATM 1556 O O   . HOH G 5 .   ? -8.254  -7.613  13.055  1.00 18.17 ? 334 HOH A O   1 
HETATM 1557 O O   . HOH G 5 .   ? -6.637  -12.474 -11.986 1.00 11.70 ? 335 HOH A O   1 
HETATM 1558 O O   . HOH G 5 .   ? -2.361  19.793  9.721   1.00 20.52 ? 336 HOH A O   1 
HETATM 1559 O O   . HOH G 5 .   ? -19.437 -4.507  1.519   1.00 15.41 ? 337 HOH A O   1 
HETATM 1560 O O   . HOH G 5 .   ? 0.893   8.513   -2.607  1.00 17.78 ? 338 HOH A O   1 
HETATM 1561 O O   . HOH G 5 .   ? -0.226  13.633  -4.338  1.00 16.76 ? 339 HOH A O   1 
HETATM 1562 O O   . HOH G 5 .   ? -0.143  -6.425  -15.775 1.00 11.58 ? 340 HOH A O   1 
HETATM 1563 O O   . HOH G 5 .   ? -2.876  -3.638  -8.020  1.00 22.24 ? 341 HOH A O   1 
HETATM 1564 O O   . HOH G 5 .   ? 9.082   4.882   -6.516  1.00 20.56 ? 342 HOH A O   1 
HETATM 1565 O O   . HOH G 5 .   ? -13.517 6.050   18.623  1.00 11.38 ? 343 HOH A O   1 
HETATM 1566 O O   . HOH G 5 .   ? 7.411   -8.062  8.456   1.00 13.08 ? 344 HOH A O   1 
HETATM 1567 O O   . HOH G 5 .   ? -5.809  20.347  9.226   1.00 22.47 ? 345 HOH A O   1 
HETATM 1568 O O   . HOH G 5 .   ? -17.528 -3.721  9.410   1.00 14.07 ? 346 HOH A O   1 
HETATM 1569 O O   . HOH G 5 .   ? 0.588   3.792   -4.290  1.00 20.38 ? 347 HOH A O   1 
HETATM 1570 O O   . HOH G 5 .   ? -0.319  -11.914 -20.009 1.00 13.48 ? 348 HOH A O   1 
HETATM 1571 O O   . HOH G 5 .   ? -1.262  19.247  7.470   1.00 23.05 ? 349 HOH A O   1 
HETATM 1572 O O   . HOH G 5 .   ? 4.291   2.028   16.978  1.00 16.45 ? 350 HOH A O   1 
HETATM 1573 O O   . HOH G 5 .   ? -14.575 -6.859  9.020   1.00 17.46 ? 351 HOH A O   1 
HETATM 1574 O O   . HOH G 5 .   ? -9.069  -12.343 8.684   1.00 15.97 ? 352 HOH A O   1 
HETATM 1575 O O   . HOH G 5 .   ? 9.637   0.972   -14.298 1.00 17.48 ? 353 HOH A O   1 
HETATM 1576 O O   . HOH G 5 .   ? 18.488  -12.462 -3.511  1.00 19.48 ? 354 HOH A O   1 
HETATM 1577 O O   . HOH G 5 .   ? 19.993  -1.967  -7.206  1.00 24.69 ? 355 HOH A O   1 
HETATM 1578 O O   . HOH G 5 .   ? 16.720  -13.853 -7.576  1.00 19.13 ? 356 HOH A O   1 
HETATM 1579 O O   . HOH G 5 .   ? 4.634   13.097  -5.204  1.00 24.74 ? 357 HOH A O   1 
HETATM 1580 O O   . HOH G 5 .   ? 5.799   -2.482  17.635  1.00 14.38 ? 358 HOH A O   1 
HETATM 1581 O O   . HOH G 5 .   ? -0.360  -3.576  -3.642  1.00 15.03 ? 359 HOH A O   1 
HETATM 1582 O O   . HOH G 5 .   ? -6.571  -8.112  15.388  1.00 22.27 ? 360 HOH A O   1 
HETATM 1583 O O   . HOH G 5 .   ? 10.751  -6.601  -22.699 1.00 17.85 ? 361 HOH A O   1 
HETATM 1584 O O   . HOH G 5 .   ? 7.409   -10.662 7.266   1.00 25.17 ? 362 HOH A O   1 
HETATM 1585 O O   . HOH G 5 .   ? -11.966 14.058  18.238  1.00 19.60 ? 363 HOH A O   1 
HETATM 1586 O O   . HOH G 5 .   ? 21.688  -7.339  -6.098  1.00 22.55 ? 364 HOH A O   1 
HETATM 1587 O O   . HOH G 5 .   ? 13.083  -8.048  -17.061 1.00 14.70 ? 365 HOH A O   1 
HETATM 1588 O O   . HOH G 5 .   ? -3.311  -12.437 4.582   0.50 15.68 ? 366 HOH A O   1 
HETATM 1589 O O   . HOH G 5 .   ? 12.949  7.394   -2.437  1.00 31.07 ? 367 HOH A O   1 
HETATM 1590 O O   . HOH G 5 .   ? 3.957   -4.629  17.669  1.00 22.29 ? 368 HOH A O   1 
HETATM 1591 O O   . HOH G 5 .   ? -3.882  3.284   20.664  1.00 20.43 ? 369 HOH A O   1 
HETATM 1592 O O   . HOH G 5 .   ? 18.362  -11.079 -13.317 1.00 17.10 ? 370 HOH A O   1 
HETATM 1593 O O   . HOH G 5 .   ? 21.216  -2.151  -11.562 1.00 27.15 ? 371 HOH A O   1 
HETATM 1594 O O   . HOH G 5 .   ? 20.110  -3.081  -4.686  1.00 17.29 ? 372 HOH A O   1 
HETATM 1595 O O   . HOH G 5 .   ? 5.972   -13.799 -0.120  1.00 18.41 ? 373 HOH A O   1 
HETATM 1596 O O   . HOH G 5 .   ? -21.499 -2.577  8.698   1.00 23.66 ? 374 HOH A O   1 
HETATM 1597 O O   . HOH G 5 .   ? 1.586   8.174   17.922  1.00 15.21 ? 375 HOH A O   1 
HETATM 1598 O O   . HOH G 5 .   ? 3.037   -11.739 -3.324  1.00 21.14 ? 376 HOH A O   1 
HETATM 1599 O O   . HOH G 5 .   ? -3.972  -11.329 -15.618 1.00 18.91 ? 377 HOH A O   1 
HETATM 1600 O O   . HOH G 5 .   ? -0.511  -10.397 -4.129  1.00 18.86 ? 378 HOH A O   1 
HETATM 1601 O O   . HOH G 5 .   ? 0.072   -0.495  -5.728  1.00 19.24 ? 379 HOH A O   1 
HETATM 1602 O O   . HOH G 5 .   ? -16.886 -6.144  7.882   1.00 22.18 ? 380 HOH A O   1 
HETATM 1603 O O   . HOH G 5 .   ? 4.485   6.892   10.743  1.00 32.30 ? 381 HOH A O   1 
HETATM 1604 O O   . HOH G 5 .   ? 20.142  -9.569  -2.440  1.00 22.99 ? 382 HOH A O   1 
HETATM 1605 O O   . HOH G 5 .   ? -8.508  -2.347  -3.792  1.00 20.97 ? 383 HOH A O   1 
HETATM 1606 O O   . HOH G 5 .   ? 3.606   -13.519 -1.368  1.00 21.98 ? 384 HOH A O   1 
HETATM 1607 O O   . HOH G 5 .   ? -15.415 13.449  16.536  1.00 15.43 ? 385 HOH A O   1 
HETATM 1608 O O   . HOH G 5 .   ? 6.489   0.597   -14.008 1.00 19.04 ? 386 HOH A O   1 
HETATM 1609 O O   . HOH G 5 .   ? -10.796 -1.275  -5.157  1.00 20.94 ? 387 HOH A O   1 
HETATM 1610 O O   . HOH G 5 .   ? 12.408  -7.679  2.948   1.00 23.18 ? 388 HOH A O   1 
HETATM 1611 O O   . HOH G 5 .   ? -18.219 -5.079  3.767   1.00 24.34 ? 389 HOH A O   1 
HETATM 1612 O O   . HOH G 5 .   ? -8.268  -9.462  -4.929  1.00 20.14 ? 390 HOH A O   1 
HETATM 1613 O O   . HOH G 5 .   ? -18.599 -4.477  11.616  1.00 26.31 ? 391 HOH A O   1 
HETATM 1614 O O   . HOH G 5 .   ? -19.854 -3.856  5.376   1.00 19.88 ? 392 HOH A O   1 
HETATM 1615 O O   . HOH G 5 .   ? -9.634  15.796  3.464   1.00 27.07 ? 393 HOH A O   1 
HETATM 1616 O O   . HOH G 5 .   ? 18.855  -13.921 -9.329  1.00 22.61 ? 394 HOH A O   1 
HETATM 1617 O O   . HOH G 5 .   ? -21.145 6.661   10.926  1.00 25.74 ? 395 HOH A O   1 
HETATM 1618 O O   . HOH G 5 .   ? -9.922  -9.632  -7.067  1.00 19.78 ? 396 HOH A O   1 
HETATM 1619 O O   . HOH G 5 .   ? -13.330 14.011  3.853   1.00 22.26 ? 397 HOH A O   1 
HETATM 1620 O O   . HOH G 5 .   ? 3.971   -13.828 -13.874 1.00 21.90 ? 398 HOH A O   1 
HETATM 1621 O O   . HOH G 5 .   ? 3.723   -12.019 3.520   1.00 25.44 ? 399 HOH A O   1 
HETATM 1622 O O   . HOH G 5 .   ? 6.239   -15.835 -10.631 1.00 22.18 ? 400 HOH A O   1 
HETATM 1623 O O   . HOH G 5 .   ? 1.589   -13.320 -4.879  1.00 16.80 ? 401 HOH A O   1 
HETATM 1624 O O   . HOH G 5 .   ? -1.870  -10.961 -18.254 1.00 18.89 ? 402 HOH A O   1 
HETATM 1625 O O   . HOH G 5 .   ? -7.159  -9.381  11.297  1.00 18.88 ? 403 HOH A O   1 
HETATM 1626 O O   . HOH G 5 .   ? -1.067  -14.106 -18.928 1.00 20.75 ? 404 HOH A O   1 
HETATM 1627 O O   . HOH G 5 .   ? -7.401  -14.391 9.359   1.00 22.88 ? 405 HOH A O   1 
HETATM 1628 O O   . HOH G 5 .   ? 7.303   -8.147  11.297  1.00 22.85 ? 406 HOH A O   1 
HETATM 1629 O O   . HOH G 5 .   ? -12.248 -6.977  12.545  1.00 34.45 ? 407 HOH A O   1 
HETATM 1630 O O   . HOH G 5 .   ? 10.587  -14.215 -14.041 1.00 25.50 ? 408 HOH A O   1 
HETATM 1631 O O   . HOH G 5 .   ? 11.905  -9.925  3.977   1.00 23.33 ? 409 HOH A O   1 
HETATM 1632 O O   . HOH G 5 .   ? 16.661  -1.690  -7.366  1.00 22.73 ? 410 HOH A O   1 
HETATM 1633 O O   . HOH G 5 .   ? 23.554  -5.426  -3.287  1.00 25.60 ? 411 HOH A O   1 
HETATM 1634 O O   . HOH G 5 .   ? -9.572  18.190  6.059   1.00 38.78 ? 412 HOH A O   1 
HETATM 1635 O O   . HOH G 5 .   ? 4.201   4.701   9.150   1.00 27.65 ? 413 HOH A O   1 
HETATM 1636 O O   . HOH G 5 .   ? 13.029  -2.351  -22.721 1.00 26.76 ? 414 HOH A O   1 
HETATM 1637 O O   . HOH G 5 .   ? -7.496  -6.714  -4.946  1.00 19.65 ? 415 HOH A O   1 
HETATM 1638 O O   . HOH G 5 .   ? 2.469   -14.389 -17.937 1.00 27.12 ? 416 HOH A O   1 
HETATM 1639 O O   . HOH G 5 .   ? -3.498  11.958  -6.851  1.00 36.34 ? 417 HOH A O   1 
HETATM 1640 O O   . HOH G 5 .   ? 6.793   4.382   -6.556  1.00 24.12 ? 418 HOH A O   1 
HETATM 1641 O O   . HOH G 5 .   ? -5.218  -4.552  -4.577  1.00 23.68 ? 419 HOH A O   1 
HETATM 1642 O O   . HOH G 5 .   ? -18.588 11.834  9.561   1.00 28.14 ? 420 HOH A O   1 
HETATM 1643 O O   . HOH G 5 .   ? 22.462  -9.140  -4.291  1.00 32.01 ? 421 HOH A O   1 
HETATM 1644 O O   . HOH G 5 .   ? -6.261  -8.307  -14.585 1.00 28.44 ? 422 HOH A O   1 
HETATM 1645 O O   . HOH G 5 .   ? 10.637  7.532   -3.802  1.00 29.15 ? 423 HOH A O   1 
HETATM 1646 O O   . HOH G 5 .   ? -8.328  20.115  8.348   1.00 33.96 ? 424 HOH A O   1 
HETATM 1647 O O   . HOH G 5 .   ? 18.149  -14.425 -5.368  1.00 30.72 ? 425 HOH A O   1 
HETATM 1648 O O   . HOH G 5 .   ? -0.975  6.961   -6.176  1.00 24.97 ? 426 HOH A O   1 
HETATM 1649 O O   . HOH G 5 .   ? -11.306 14.640  5.458   1.00 26.45 ? 427 HOH A O   1 
HETATM 1650 O O   . HOH G 5 .   ? -6.269  -2.786  20.539  1.00 46.71 ? 428 HOH A O   1 
HETATM 1651 O O   . HOH G 5 .   ? -21.895 -2.276  11.791  1.00 35.74 ? 429 HOH A O   1 
HETATM 1652 O O   . HOH G 5 .   ? -1.740  15.812  -5.382  1.00 23.82 ? 430 HOH A O   1 
HETATM 1653 O O   . HOH G 5 .   ? -13.436 -7.212  -9.438  1.00 22.48 ? 431 HOH A O   1 
HETATM 1654 O O   . HOH G 5 .   ? 2.026   -4.159  19.522  1.00 22.05 ? 432 HOH A O   1 
HETATM 1655 O O   . HOH G 5 .   ? 21.700  -8.058  -15.582 1.00 28.59 ? 433 HOH A O   1 
HETATM 1656 O O   . HOH G 5 .   ? 1.238   10.555  -5.953  1.00 32.44 ? 434 HOH A O   1 
HETATM 1657 O O   . HOH G 5 .   ? 2.045   13.616  -5.895  1.00 28.58 ? 435 HOH A O   1 
HETATM 1658 O O   . HOH G 5 .   ? -3.232  -6.986  -17.092 1.00 26.30 ? 436 HOH A O   1 
HETATM 1659 O O   . HOH G 5 .   ? 5.268   15.838  -0.232  0.50 20.70 ? 437 HOH A O   1 
HETATM 1660 O O   . HOH G 5 .   ? 3.355   6.631   -5.508  1.00 27.34 ? 438 HOH A O   1 
HETATM 1661 O O   . HOH G 5 .   ? 19.018  -11.551 -10.640 1.00 28.32 ? 439 HOH A O   1 
HETATM 1662 O O   . HOH G 5 .   ? 4.867   4.616   -4.518  0.50 8.77  ? 440 HOH A O   1 
HETATM 1663 O O   . HOH G 5 .   ? -12.072 -12.458 5.459   1.00 17.35 ? 441 HOH A O   1 
HETATM 1664 O O   . HOH G 5 .   ? -0.616  -1.847  21.803  1.00 23.91 ? 442 HOH A O   1 
HETATM 1665 O O   . HOH G 5 .   ? 5.134   10.627  -4.642  1.00 26.44 ? 443 HOH A O   1 
HETATM 1666 O O   . HOH G 5 .   ? 2.347   -11.508 -22.334 1.00 27.59 ? 444 HOH A O   1 
HETATM 1667 O O   . HOH G 5 .   ? -1.386  -7.935  -4.742  1.00 18.40 ? 445 HOH A O   1 
# 
loop_
_pdbx_poly_seq_scheme.asym_id 
_pdbx_poly_seq_scheme.entity_id 
_pdbx_poly_seq_scheme.seq_id 
_pdbx_poly_seq_scheme.mon_id 
_pdbx_poly_seq_scheme.ndb_seq_num 
_pdbx_poly_seq_scheme.pdb_seq_num 
_pdbx_poly_seq_scheme.auth_seq_num 
_pdbx_poly_seq_scheme.pdb_mon_id 
_pdbx_poly_seq_scheme.auth_mon_id 
_pdbx_poly_seq_scheme.pdb_strand_id 
_pdbx_poly_seq_scheme.pdb_ins_code 
_pdbx_poly_seq_scheme.hetero 
A 1 1   MET 1   1   1   MET MET A . n 
A 1 2   ASN 2   2   2   ASN ASN A . n 
A 1 3   ILE 3   3   3   ILE ILE A . n 
A 1 4   PHE 4   4   4   PHE PHE A . n 
A 1 5   GLU 5   5   5   GLU GLU A . n 
A 1 6   MET 6   6   6   MET MET A . n 
A 1 7   LEU 7   7   7   LEU LEU A . n 
A 1 8   ARG 8   8   8   ARG ARG A . n 
A 1 9   ILE 9   9   9   ILE ILE A . n 
A 1 10  ASP 10  10  10  ASP ASP A . n 
A 1 11  GLU 11  11  11  GLU GLU A . n 
A 1 12  GLY 12  12  12  GLY GLY A . n 
A 1 13  LEU 13  13  13  LEU LEU A . n 
A 1 14  ARG 14  14  14  ARG ARG A . n 
A 1 15  LEU 15  15  15  LEU LEU A . n 
A 1 16  LYS 16  16  16  LYS LYS A . n 
A 1 17  ILE 17  17  17  ILE ILE A . n 
A 1 18  TYR 18  18  18  TYR TYR A . n 
A 1 19  LYS 19  19  19  LYS LYS A . n 
A 1 20  ASP 20  20  20  ASP ASP A . n 
A 1 21  THR 21  21  21  THR THR A . n 
A 1 22  GLU 22  22  22  GLU GLU A . n 
A 1 23  GLY 23  23  23  GLY GLY A . n 
A 1 24  TYR 24  24  24  TYR TYR A . n 
A 1 25  TYR 25  25  25  TYR TYR A . n 
A 1 26  THR 26  26  26  THR THR A . n 
A 1 27  ILE 27  27  27  ILE ILE A . n 
A 1 28  GLY 28  28  28  GLY GLY A . n 
A 1 29  ILE 29  29  29  ILE ILE A . n 
A 1 30  GLY 30  30  30  GLY GLY A . n 
A 1 31  HIS 31  31  31  HIS HIS A . n 
A 1 32  LEU 32  32  32  LEU LEU A . n 
A 1 33  LEU 33  33  33  LEU LEU A . n 
A 1 34  THR 34  34  34  THR THR A . n 
A 1 35  LYS 35  35  35  LYS LYS A . n 
A 1 36  SER 36  36  36  SER SER A . n 
A 1 37  PRO 37  37  37  PRO PRO A . n 
A 1 38  ASP 38  38  38  ASP ASP A . n 
A 1 39  LEU 39  39  39  LEU LEU A . n 
A 1 40  ASN 40  40  40  ASN ASN A . n 
A 1 41  ALA 41  41  41  ALA ALA A . n 
A 1 42  ALA 42  42  42  ALA ALA A . n 
A 1 43  LYS 43  43  43  LYS LYS A . n 
A 1 44  SER 44  44  44  SER SER A . n 
A 1 45  GLU 45  45  45  GLU GLU A . n 
A 1 46  LEU 46  46  46  LEU LEU A . n 
A 1 47  ASP 47  47  47  ASP ASP A . n 
A 1 48  LYS 48  48  48  LYS LYS A . n 
A 1 49  ALA 49  49  49  ALA ALA A . n 
A 1 50  ILE 50  50  50  ILE ILE A . n 
A 1 51  GLY 51  51  51  GLY GLY A . n 
A 1 52  ARG 52  52  52  ARG ARG A . n 
A 1 53  ASN 53  53  53  ASN ASN A . n 
A 1 54  CYS 54  54  54  CYS CYS A . n 
A 1 55  ASN 55  55  55  ASN ASN A . n 
A 1 56  GLY 56  56  56  GLY GLY A . n 
A 1 57  VAL 57  57  57  VAL VAL A . n 
A 1 58  ILE 58  58  58  ILE ILE A . n 
A 1 59  THR 59  59  59  THR THR A . n 
A 1 60  LYS 60  60  60  LYS LYS A . n 
A 1 61  ASP 61  61  61  ASP ASP A . n 
A 1 62  GLU 62  62  62  GLU GLU A . n 
A 1 63  ALA 63  63  63  ALA ALA A . n 
A 1 64  GLU 64  64  64  GLU GLU A . n 
A 1 65  LYS 65  65  65  LYS LYS A . n 
A 1 66  LEU 66  66  66  LEU LEU A . n 
A 1 67  PHE 67  67  67  PHE PHE A . n 
A 1 68  ASN 68  68  68  ASN ASN A . n 
A 1 69  GLN 69  69  69  GLN GLN A . n 
A 1 70  ASP 70  70  70  ASP ASP A . n 
A 1 71  VAL 71  71  71  VAL VAL A . n 
A 1 72  ASP 72  72  72  ASP ASP A . n 
A 1 73  ALA 73  73  73  ALA ALA A . n 
A 1 74  ALA 74  74  74  ALA ALA A . n 
A 1 75  VAL 75  75  75  VAL VAL A . n 
A 1 76  ARG 76  76  76  ARG ARG A . n 
A 1 77  GLY 77  77  77  GLY GLY A . n 
A 1 78  ILE 78  78  78  ILE ILE A . n 
A 1 79  LEU 79  79  79  LEU LEU A . n 
A 1 80  ARG 80  80  80  ARG ARG A . n 
A 1 81  ASN 81  81  81  ASN ASN A . n 
A 1 82  ALA 82  82  82  ALA ALA A . n 
A 1 83  LYS 83  83  83  LYS LYS A . n 
A 1 84  LEU 84  84  84  LEU LEU A . n 
A 1 85  LYS 85  85  85  LYS LYS A . n 
A 1 86  PRO 86  86  86  PRO PRO A . n 
A 1 87  VAL 87  87  87  VAL VAL A . n 
A 1 88  TYR 88  88  88  TYR TYR A . n 
A 1 89  ASP 89  89  89  ASP ASP A . n 
A 1 90  SER 90  90  90  SER SER A . n 
A 1 91  LEU 91  91  91  LEU LEU A . n 
A 1 92  ASP 92  92  92  ASP ASP A . n 
A 1 93  ALA 93  93  93  ALA ALA A . n 
A 1 94  VAL 94  94  94  VAL VAL A . n 
A 1 95  ARG 95  95  95  ARG ARG A . n 
A 1 96  ARG 96  96  96  ARG ARG A . n 
A 1 97  CYS 97  97  97  CYS CYS A . n 
A 1 98  ALA 98  98  98  ALA ALA A . n 
A 1 99  ALA 99  99  99  ALA ALA A . n 
A 1 100 ILE 100 100 100 ILE ILE A . n 
A 1 101 ASN 101 101 101 ASN ASN A . n 
A 1 102 GLN 102 102 102 GLN GLN A . n 
A 1 103 VAL 103 103 103 VAL VAL A . n 
A 1 104 PHE 104 104 104 PHE PHE A . n 
A 1 105 GLN 105 105 105 GLN GLN A . n 
A 1 106 MET 106 106 106 MET MET A . n 
A 1 107 GLY 107 107 107 GLY GLY A . n 
A 1 108 GLU 108 108 108 GLU GLU A . n 
A 1 109 THR 109 109 109 THR THR A . n 
A 1 110 GLY 110 110 110 GLY GLY A . n 
A 1 111 VAL 111 111 111 VAL VAL A . n 
A 1 112 ALA 112 112 112 ALA ALA A . n 
A 1 113 GLY 113 113 113 GLY GLY A . n 
A 1 114 PHE 114 114 114 PHE PHE A . n 
A 1 115 THR 115 115 115 THR THR A . n 
A 1 116 ASN 116 116 116 ASN ASN A . n 
A 1 117 SER 117 117 117 SER SER A . n 
A 1 118 LEU 118 118 118 LEU LEU A . n 
A 1 119 ARG 119 119 119 ARG ARG A . n 
A 1 120 MET 120 120 120 MET MET A . n 
A 1 121 LEU 121 121 121 LEU LEU A . n 
A 1 122 GLN 122 122 122 GLN GLN A . n 
A 1 123 GLN 123 123 123 GLN GLN A . n 
A 1 124 LYS 124 124 124 LYS LYS A . n 
A 1 125 ARG 125 125 125 ARG ARG A . n 
A 1 126 TRP 126 126 126 TRP TRP A . n 
A 1 127 ASP 127 127 127 ASP ASP A . n 
A 1 128 GLU 128 128 128 GLU GLU A . n 
A 1 129 ALA 129 129 129 ALA ALA A . n 
A 1 130 ALA 130 130 130 ALA ALA A . n 
A 1 131 VAL 131 131 131 VAL VAL A . n 
A 1 132 ASN 132 132 132 ASN ASN A . n 
A 1 133 LEU 133 133 133 LEU LEU A . n 
A 1 134 ALA 134 134 134 ALA ALA A . n 
A 1 135 LYS 135 135 135 LYS LYS A . n 
A 1 136 SER 136 136 136 SER SER A . n 
A 1 137 ARG 137 137 137 ARG ARG A . n 
A 1 138 TRP 138 138 138 TRP TRP A . n 
A 1 139 TYR 139 139 139 TYR TYR A . n 
A 1 140 ASN 140 140 140 ASN ASN A . n 
A 1 141 GLN 141 141 141 GLN GLN A . n 
A 1 142 THR 142 142 142 THR THR A . n 
A 1 143 PRO 143 143 143 PRO PRO A . n 
A 1 144 ASP 144 144 144 ASP ASP A . n 
A 1 145 ARG 145 145 145 ARG ARG A . n 
A 1 146 ALA 146 146 146 ALA ALA A . n 
A 1 147 LYS 147 147 147 LYS LYS A . n 
A 1 148 ARG 148 148 148 ARG ARG A . n 
A 1 149 VAL 149 149 149 VAL VAL A . n 
A 1 150 ILE 150 150 150 ILE ILE A . n 
A 1 151 THR 151 151 151 THR THR A . n 
A 1 152 THR 152 152 152 THR THR A . n 
A 1 153 PHE 153 153 153 PHE PHE A . n 
A 1 154 ARG 154 154 154 ARG ARG A . n 
A 1 155 THR 155 155 155 THR THR A . n 
A 1 156 GLY 156 156 156 GLY GLY A . n 
A 1 157 THR 157 157 157 THR THR A . n 
A 1 158 TRP 158 158 158 TRP TRP A . n 
A 1 159 ASP 159 159 159 ASP ASP A . n 
A 1 160 ALA 160 160 160 ALA ALA A . n 
A 1 161 TYR 161 161 161 TYR TYR A . n 
A 1 162 LYS 162 162 162 LYS LYS A . n 
# 
loop_
_pdbx_nonpoly_scheme.asym_id 
_pdbx_nonpoly_scheme.entity_id 
_pdbx_nonpoly_scheme.mon_id 
_pdbx_nonpoly_scheme.ndb_seq_num 
_pdbx_nonpoly_scheme.pdb_seq_num 
_pdbx_nonpoly_scheme.auth_seq_num 
_pdbx_nonpoly_scheme.pdb_mon_id 
_pdbx_nonpoly_scheme.auth_mon_id 
_pdbx_nonpoly_scheme.pdb_strand_id 
_pdbx_nonpoly_scheme.pdb_ins_code 
B 2 PO4 1   163 163 PO4 PO4 A . 
C 3 J1Z 1   164 164 J1Z J1Z A . 
D 4 BME 1   165 165 BME BME A . 
E 4 BME 1   166 166 BME BME A . 
F 4 BME 1   167 167 BME BME A . 
G 5 HOH 1   168 168 HOH HOH A . 
G 5 HOH 2   169 169 HOH HOH A . 
G 5 HOH 3   170 170 HOH HOH A . 
G 5 HOH 4   171 171 HOH HOH A . 
G 5 HOH 5   172 172 HOH HOH A . 
G 5 HOH 6   173 173 HOH HOH A . 
G 5 HOH 7   174 174 HOH HOH A . 
G 5 HOH 8   175 175 HOH HOH A . 
G 5 HOH 9   176 176 HOH HOH A . 
G 5 HOH 10  177 177 HOH HOH A . 
G 5 HOH 11  178 178 HOH HOH A . 
G 5 HOH 12  179 179 HOH HOH A . 
G 5 HOH 13  180 180 HOH HOH A . 
G 5 HOH 14  181 181 HOH HOH A . 
G 5 HOH 15  182 182 HOH HOH A . 
G 5 HOH 16  183 183 HOH HOH A . 
G 5 HOH 17  184 184 HOH HOH A . 
G 5 HOH 18  185 185 HOH HOH A . 
G 5 HOH 19  186 186 HOH HOH A . 
G 5 HOH 20  187 187 HOH HOH A . 
G 5 HOH 21  188 188 HOH HOH A . 
G 5 HOH 22  189 189 HOH HOH A . 
G 5 HOH 23  190 190 HOH HOH A . 
G 5 HOH 24  191 191 HOH HOH A . 
G 5 HOH 25  192 192 HOH HOH A . 
G 5 HOH 26  193 193 HOH HOH A . 
G 5 HOH 27  194 194 HOH HOH A . 
G 5 HOH 28  195 195 HOH HOH A . 
G 5 HOH 29  196 196 HOH HOH A . 
G 5 HOH 30  197 197 HOH HOH A . 
G 5 HOH 31  198 198 HOH HOH A . 
G 5 HOH 32  199 199 HOH HOH A . 
G 5 HOH 33  200 200 HOH HOH A . 
G 5 HOH 34  201 201 HOH HOH A . 
G 5 HOH 35  202 202 HOH HOH A . 
G 5 HOH 36  203 203 HOH HOH A . 
G 5 HOH 37  204 204 HOH HOH A . 
G 5 HOH 38  205 205 HOH HOH A . 
G 5 HOH 39  206 206 HOH HOH A . 
G 5 HOH 40  207 207 HOH HOH A . 
G 5 HOH 41  208 208 HOH HOH A . 
G 5 HOH 42  209 209 HOH HOH A . 
G 5 HOH 43  210 210 HOH HOH A . 
G 5 HOH 44  211 211 HOH HOH A . 
G 5 HOH 45  212 212 HOH HOH A . 
G 5 HOH 46  213 213 HOH HOH A . 
G 5 HOH 47  214 214 HOH HOH A . 
G 5 HOH 48  215 215 HOH HOH A . 
G 5 HOH 49  216 216 HOH HOH A . 
G 5 HOH 50  217 217 HOH HOH A . 
G 5 HOH 51  218 218 HOH HOH A . 
G 5 HOH 52  219 219 HOH HOH A . 
G 5 HOH 53  220 220 HOH HOH A . 
G 5 HOH 54  221 221 HOH HOH A . 
G 5 HOH 55  222 222 HOH HOH A . 
G 5 HOH 56  223 223 HOH HOH A . 
G 5 HOH 57  224 224 HOH HOH A . 
G 5 HOH 58  225 225 HOH HOH A . 
G 5 HOH 59  226 226 HOH HOH A . 
G 5 HOH 60  227 227 HOH HOH A . 
G 5 HOH 61  228 228 HOH HOH A . 
G 5 HOH 62  229 229 HOH HOH A . 
G 5 HOH 63  230 230 HOH HOH A . 
G 5 HOH 64  231 231 HOH HOH A . 
G 5 HOH 65  232 232 HOH HOH A . 
G 5 HOH 66  233 233 HOH HOH A . 
G 5 HOH 67  234 234 HOH HOH A . 
G 5 HOH 68  235 235 HOH HOH A . 
G 5 HOH 69  236 236 HOH HOH A . 
G 5 HOH 70  237 237 HOH HOH A . 
G 5 HOH 71  238 238 HOH HOH A . 
G 5 HOH 72  239 239 HOH HOH A . 
G 5 HOH 73  240 240 HOH HOH A . 
G 5 HOH 74  241 241 HOH HOH A . 
G 5 HOH 75  242 242 HOH HOH A . 
G 5 HOH 76  243 243 HOH HOH A . 
G 5 HOH 77  244 244 HOH HOH A . 
G 5 HOH 78  245 245 HOH HOH A . 
G 5 HOH 79  246 246 HOH HOH A . 
G 5 HOH 80  247 247 HOH HOH A . 
G 5 HOH 81  248 248 HOH HOH A . 
G 5 HOH 82  249 249 HOH HOH A . 
G 5 HOH 83  250 250 HOH HOH A . 
G 5 HOH 84  251 251 HOH HOH A . 
G 5 HOH 85  252 252 HOH HOH A . 
G 5 HOH 86  253 253 HOH HOH A . 
G 5 HOH 87  254 254 HOH HOH A . 
G 5 HOH 88  255 255 HOH HOH A . 
G 5 HOH 89  256 256 HOH HOH A . 
G 5 HOH 90  257 257 HOH HOH A . 
G 5 HOH 91  258 258 HOH HOH A . 
G 5 HOH 92  259 259 HOH HOH A . 
G 5 HOH 93  260 260 HOH HOH A . 
G 5 HOH 94  261 261 HOH HOH A . 
G 5 HOH 95  262 262 HOH HOH A . 
G 5 HOH 96  263 263 HOH HOH A . 
G 5 HOH 97  264 264 HOH HOH A . 
G 5 HOH 98  265 265 HOH HOH A . 
G 5 HOH 99  266 266 HOH HOH A . 
G 5 HOH 100 267 267 HOH HOH A . 
G 5 HOH 101 268 268 HOH HOH A . 
G 5 HOH 102 269 269 HOH HOH A . 
G 5 HOH 103 270 270 HOH HOH A . 
G 5 HOH 104 271 271 HOH HOH A . 
G 5 HOH 105 272 272 HOH HOH A . 
G 5 HOH 106 273 273 HOH HOH A . 
G 5 HOH 107 274 274 HOH HOH A . 
G 5 HOH 108 275 275 HOH HOH A . 
G 5 HOH 109 276 276 HOH HOH A . 
G 5 HOH 110 277 277 HOH HOH A . 
G 5 HOH 111 278 278 HOH HOH A . 
G 5 HOH 112 279 279 HOH HOH A . 
G 5 HOH 113 280 280 HOH HOH A . 
G 5 HOH 114 281 281 HOH HOH A . 
G 5 HOH 115 282 282 HOH HOH A . 
G 5 HOH 116 283 283 HOH HOH A . 
G 5 HOH 117 284 284 HOH HOH A . 
G 5 HOH 118 285 285 HOH HOH A . 
G 5 HOH 119 286 286 HOH HOH A . 
G 5 HOH 120 287 287 HOH HOH A . 
G 5 HOH 121 288 288 HOH HOH A . 
G 5 HOH 122 289 289 HOH HOH A . 
G 5 HOH 123 290 290 HOH HOH A . 
G 5 HOH 124 291 291 HOH HOH A . 
G 5 HOH 125 292 292 HOH HOH A . 
G 5 HOH 126 293 293 HOH HOH A . 
G 5 HOH 127 294 294 HOH HOH A . 
G 5 HOH 128 295 295 HOH HOH A . 
G 5 HOH 129 296 296 HOH HOH A . 
G 5 HOH 130 297 297 HOH HOH A . 
G 5 HOH 131 298 298 HOH HOH A . 
G 5 HOH 132 299 299 HOH HOH A . 
G 5 HOH 133 300 300 HOH HOH A . 
G 5 HOH 134 301 301 HOH HOH A . 
G 5 HOH 135 302 302 HOH HOH A . 
G 5 HOH 136 303 303 HOH HOH A . 
G 5 HOH 137 304 304 HOH HOH A . 
G 5 HOH 138 305 305 HOH HOH A . 
G 5 HOH 139 306 306 HOH HOH A . 
G 5 HOH 140 307 307 HOH HOH A . 
G 5 HOH 141 308 308 HOH HOH A . 
G 5 HOH 142 309 309 HOH HOH A . 
G 5 HOH 143 310 310 HOH HOH A . 
G 5 HOH 144 311 311 HOH HOH A . 
G 5 HOH 145 312 312 HOH HOH A . 
G 5 HOH 146 313 313 HOH HOH A . 
G 5 HOH 147 314 314 HOH HOH A . 
G 5 HOH 148 315 315 HOH HOH A . 
G 5 HOH 149 316 316 HOH HOH A . 
G 5 HOH 150 317 317 HOH HOH A . 
G 5 HOH 151 318 318 HOH HOH A . 
G 5 HOH 152 319 319 HOH HOH A . 
G 5 HOH 153 320 320 HOH HOH A . 
G 5 HOH 154 321 321 HOH HOH A . 
G 5 HOH 155 322 322 HOH HOH A . 
G 5 HOH 156 323 323 HOH HOH A . 
G 5 HOH 157 324 324 HOH HOH A . 
G 5 HOH 158 325 325 HOH HOH A . 
G 5 HOH 159 326 326 HOH HOH A . 
G 5 HOH 160 327 327 HOH HOH A . 
G 5 HOH 161 328 328 HOH HOH A . 
G 5 HOH 162 329 329 HOH HOH A . 
G 5 HOH 163 330 330 HOH HOH A . 
G 5 HOH 164 331 331 HOH HOH A . 
G 5 HOH 165 332 332 HOH HOH A . 
G 5 HOH 166 333 333 HOH HOH A . 
G 5 HOH 167 334 334 HOH HOH A . 
G 5 HOH 168 335 335 HOH HOH A . 
G 5 HOH 169 336 336 HOH HOH A . 
G 5 HOH 170 337 337 HOH HOH A . 
G 5 HOH 171 338 338 HOH HOH A . 
G 5 HOH 172 339 339 HOH HOH A . 
G 5 HOH 173 340 340 HOH HOH A . 
G 5 HOH 174 341 341 HOH HOH A . 
G 5 HOH 175 342 342 HOH HOH A . 
G 5 HOH 176 343 343 HOH HOH A . 
G 5 HOH 177 344 344 HOH HOH A . 
G 5 HOH 178 345 345 HOH HOH A . 
G 5 HOH 179 346 346 HOH HOH A . 
G 5 HOH 180 347 347 HOH HOH A . 
G 5 HOH 181 348 348 HOH HOH A . 
G 5 HOH 182 349 349 HOH HOH A . 
G 5 HOH 183 350 350 HOH HOH A . 
G 5 HOH 184 351 351 HOH HOH A . 
G 5 HOH 185 352 352 HOH HOH A . 
G 5 HOH 186 353 353 HOH HOH A . 
G 5 HOH 187 354 354 HOH HOH A . 
G 5 HOH 188 355 355 HOH HOH A . 
G 5 HOH 189 356 356 HOH HOH A . 
G 5 HOH 190 357 357 HOH HOH A . 
G 5 HOH 191 358 358 HOH HOH A . 
G 5 HOH 192 359 359 HOH HOH A . 
G 5 HOH 193 360 360 HOH HOH A . 
G 5 HOH 194 361 361 HOH HOH A . 
G 5 HOH 195 362 362 HOH HOH A . 
G 5 HOH 196 363 363 HOH HOH A . 
G 5 HOH 197 364 364 HOH HOH A . 
G 5 HOH 198 365 365 HOH HOH A . 
G 5 HOH 199 366 366 HOH HOH A . 
G 5 HOH 200 367 367 HOH HOH A . 
G 5 HOH 201 368 368 HOH HOH A . 
G 5 HOH 202 369 369 HOH HOH A . 
G 5 HOH 203 370 370 HOH HOH A . 
G 5 HOH 204 371 371 HOH HOH A . 
G 5 HOH 205 372 372 HOH HOH A . 
G 5 HOH 206 373 373 HOH HOH A . 
G 5 HOH 207 374 374 HOH HOH A . 
G 5 HOH 208 375 375 HOH HOH A . 
G 5 HOH 209 376 376 HOH HOH A . 
G 5 HOH 210 377 377 HOH HOH A . 
G 5 HOH 211 378 378 HOH HOH A . 
G 5 HOH 212 379 379 HOH HOH A . 
G 5 HOH 213 380 380 HOH HOH A . 
G 5 HOH 214 381 381 HOH HOH A . 
G 5 HOH 215 382 382 HOH HOH A . 
G 5 HOH 216 383 383 HOH HOH A . 
G 5 HOH 217 384 384 HOH HOH A . 
G 5 HOH 218 385 385 HOH HOH A . 
G 5 HOH 219 386 386 HOH HOH A . 
G 5 HOH 220 387 387 HOH HOH A . 
G 5 HOH 221 388 388 HOH HOH A . 
G 5 HOH 222 389 389 HOH HOH A . 
G 5 HOH 223 390 390 HOH HOH A . 
G 5 HOH 224 391 391 HOH HOH A . 
G 5 HOH 225 392 392 HOH HOH A . 
G 5 HOH 226 393 393 HOH HOH A . 
G 5 HOH 227 394 394 HOH HOH A . 
G 5 HOH 228 395 395 HOH HOH A . 
G 5 HOH 229 396 396 HOH HOH A . 
G 5 HOH 230 397 397 HOH HOH A . 
G 5 HOH 231 398 398 HOH HOH A . 
G 5 HOH 232 399 399 HOH HOH A . 
G 5 HOH 233 400 400 HOH HOH A . 
G 5 HOH 234 401 401 HOH HOH A . 
G 5 HOH 235 402 402 HOH HOH A . 
G 5 HOH 236 403 403 HOH HOH A . 
G 5 HOH 237 404 404 HOH HOH A . 
G 5 HOH 238 405 405 HOH HOH A . 
G 5 HOH 239 406 406 HOH HOH A . 
G 5 HOH 240 407 407 HOH HOH A . 
G 5 HOH 241 408 408 HOH HOH A . 
G 5 HOH 242 409 409 HOH HOH A . 
G 5 HOH 243 410 410 HOH HOH A . 
G 5 HOH 244 411 411 HOH HOH A . 
G 5 HOH 245 412 412 HOH HOH A . 
G 5 HOH 246 413 413 HOH HOH A . 
G 5 HOH 247 414 414 HOH HOH A . 
G 5 HOH 248 415 415 HOH HOH A . 
G 5 HOH 249 416 416 HOH HOH A . 
G 5 HOH 250 417 417 HOH HOH A . 
G 5 HOH 251 418 418 HOH HOH A . 
G 5 HOH 252 419 419 HOH HOH A . 
G 5 HOH 253 420 420 HOH HOH A . 
G 5 HOH 254 421 421 HOH HOH A . 
G 5 HOH 255 422 422 HOH HOH A . 
G 5 HOH 256 423 423 HOH HOH A . 
G 5 HOH 257 424 424 HOH HOH A . 
G 5 HOH 258 425 425 HOH HOH A . 
G 5 HOH 259 426 426 HOH HOH A . 
G 5 HOH 260 427 427 HOH HOH A . 
G 5 HOH 261 428 428 HOH HOH A . 
G 5 HOH 262 429 429 HOH HOH A . 
G 5 HOH 263 430 430 HOH HOH A . 
G 5 HOH 264 431 431 HOH HOH A . 
G 5 HOH 265 432 432 HOH HOH A . 
G 5 HOH 266 433 433 HOH HOH A . 
G 5 HOH 267 434 434 HOH HOH A . 
G 5 HOH 268 435 435 HOH HOH A . 
G 5 HOH 269 436 436 HOH HOH A . 
G 5 HOH 270 437 437 HOH HOH A . 
G 5 HOH 271 438 438 HOH HOH A . 
G 5 HOH 272 439 439 HOH HOH A . 
G 5 HOH 273 440 440 HOH HOH A . 
G 5 HOH 274 441 441 HOH HOH A . 
G 5 HOH 275 442 442 HOH HOH A . 
G 5 HOH 276 443 443 HOH HOH A . 
G 5 HOH 277 444 444 HOH HOH A . 
G 5 HOH 278 445 445 HOH HOH A . 
# 
_pdbx_struct_assembly.id                   1 
_pdbx_struct_assembly.details              author_and_software_defined_assembly 
_pdbx_struct_assembly.method_details       PISA 
_pdbx_struct_assembly.oligomeric_details   monomeric 
_pdbx_struct_assembly.oligomeric_count     1 
# 
_pdbx_struct_assembly_gen.assembly_id       1 
_pdbx_struct_assembly_gen.oper_expression   1 
_pdbx_struct_assembly_gen.asym_id_list      A,B,C,D,E,F,G 
# 
_pdbx_struct_oper_list.id                   1 
_pdbx_struct_oper_list.type                 'identity operation' 
_pdbx_struct_oper_list.name                 1_555 
_pdbx_struct_oper_list.symmetry_operation   x,y,z 
_pdbx_struct_oper_list.matrix[1][1]         1.0000000000 
_pdbx_struct_oper_list.matrix[1][2]         0.0000000000 
_pdbx_struct_oper_list.matrix[1][3]         0.0000000000 
_pdbx_struct_oper_list.vector[1]            0.0000000000 
_pdbx_struct_oper_list.matrix[2][1]         0.0000000000 
_pdbx_struct_oper_list.matrix[2][2]         1.0000000000 
_pdbx_struct_oper_list.matrix[2][3]         0.0000000000 
_pdbx_struct_oper_list.vector[2]            0.0000000000 
_pdbx_struct_oper_list.matrix[3][1]         0.0000000000 
_pdbx_struct_oper_list.matrix[3][2]         0.0000000000 
_pdbx_struct_oper_list.matrix[3][3]         1.0000000000 
_pdbx_struct_oper_list.vector[3]            0.0000000000 
# 
loop_
_pdbx_audit_revision_history.ordinal 
_pdbx_audit_revision_history.data_content_type 
_pdbx_audit_revision_history.major_revision 
_pdbx_audit_revision_history.minor_revision 
_pdbx_audit_revision_history.revision_date 
1 'Structure model' 1 0 2009-11-03 
2 'Structure model' 1 1 2011-07-13 
3 'Structure model' 1 2 2021-10-13 
4 'Structure model' 1 3 2023-09-06 
# 
_pdbx_audit_revision_details.ordinal             1 
_pdbx_audit_revision_details.revision_ordinal    1 
_pdbx_audit_revision_details.data_content_type   'Structure model' 
_pdbx_audit_revision_details.provider            repository 
_pdbx_audit_revision_details.type                'Initial release' 
_pdbx_audit_revision_details.description         ? 
_pdbx_audit_revision_details.details             ? 
# 
loop_
_pdbx_audit_revision_group.ordinal 
_pdbx_audit_revision_group.revision_ordinal 
_pdbx_audit_revision_group.data_content_type 
_pdbx_audit_revision_group.group 
1 2 'Structure model' 'Version format compliance' 
2 3 'Structure model' 'Database references'       
3 3 'Structure model' 'Derived calculations'      
4 4 'Structure model' 'Data collection'           
5 4 'Structure model' 'Refinement description'    
# 
loop_
_pdbx_audit_revision_category.ordinal 
_pdbx_audit_revision_category.revision_ordinal 
_pdbx_audit_revision_category.data_content_type 
_pdbx_audit_revision_category.category 
1 3 'Structure model' database_2                    
2 3 'Structure model' struct_ref_seq_dif            
3 3 'Structure model' struct_site                   
4 4 'Structure model' chem_comp_atom                
5 4 'Structure model' chem_comp_bond                
6 4 'Structure model' pdbx_initial_refinement_model 
# 
loop_
_pdbx_audit_revision_item.ordinal 
_pdbx_audit_revision_item.revision_ordinal 
_pdbx_audit_revision_item.data_content_type 
_pdbx_audit_revision_item.item 
1 3 'Structure model' '_database_2.pdbx_DOI'                
2 3 'Structure model' '_database_2.pdbx_database_accession' 
3 3 'Structure model' '_struct_ref_seq_dif.details'         
4 3 'Structure model' '_struct_site.pdbx_auth_asym_id'      
5 3 'Structure model' '_struct_site.pdbx_auth_comp_id'      
6 3 'Structure model' '_struct_site.pdbx_auth_seq_id'       
# 
loop_
_software.pdbx_ordinal 
_software.name 
_software.version 
_software.date 
_software.type 
_software.contact_author 
_software.contact_author_email 
_software.classification 
_software.location 
_software.language 
_software.citation_id 
1 XSCALE      .        ?               package 'Wolfgang Kabsch'    ?                     'data scaling'    
http://www.mpimf-heidelberg.mpg.de/~kabsch/xds/html_doc/xscale_program.html ?          ? 
2 REFMAC      5.2.0019 ?               program 'Garib N. Murshudov' garib@ysbl.york.ac.uk refinement        
http://www.ccp4.ac.uk/dist/html/refmac5.html                                Fortran_77 ? 
3 PDB_EXTRACT 3.005    'June 11, 2008' package PDB                  help@deposit.rcsb.org 'data extraction' 
http://sw-tools.pdb.org/apps/PDB_EXTRACT/                                   C++        ? 
4 ADSC        Quantum  ?               ?       ?                    ?                     'data collection' ? ?          ? 
5 XDS         .        ?               ?       ?                    ?                     'data reduction'  ? ?          ? 
6 XDS         .        ?               ?       ?                    ?                     'data scaling'    ? ?          ? 
7 REFMAC      .        ?               ?       ?                    ?                     phasing           ? ?          ? 
# 
_pdbx_validate_close_contact.id               1 
_pdbx_validate_close_contact.PDB_model_num    1 
_pdbx_validate_close_contact.auth_atom_id_1   O1 
_pdbx_validate_close_contact.auth_asym_id_1   A 
_pdbx_validate_close_contact.auth_comp_id_1   BME 
_pdbx_validate_close_contact.auth_seq_id_1    165 
_pdbx_validate_close_contact.PDB_ins_code_1   ? 
_pdbx_validate_close_contact.label_alt_id_1   ? 
_pdbx_validate_close_contact.auth_atom_id_2   O 
_pdbx_validate_close_contact.auth_asym_id_2   A 
_pdbx_validate_close_contact.auth_comp_id_2   HOH 
_pdbx_validate_close_contact.auth_seq_id_2    413 
_pdbx_validate_close_contact.PDB_ins_code_2   ? 
_pdbx_validate_close_contact.label_alt_id_2   ? 
_pdbx_validate_close_contact.dist             2.07 
# 
_pdbx_validate_torsion.id              1 
_pdbx_validate_torsion.PDB_model_num   1 
_pdbx_validate_torsion.auth_comp_id    ILE 
_pdbx_validate_torsion.auth_asym_id    A 
_pdbx_validate_torsion.auth_seq_id     29 
_pdbx_validate_torsion.PDB_ins_code    ? 
_pdbx_validate_torsion.label_alt_id    ? 
_pdbx_validate_torsion.phi             -107.15 
_pdbx_validate_torsion.psi             74.69 
# 
loop_
_chem_comp_atom.comp_id 
_chem_comp_atom.atom_id 
_chem_comp_atom.type_symbol 
_chem_comp_atom.pdbx_aromatic_flag 
_chem_comp_atom.pdbx_stereo_config 
_chem_comp_atom.pdbx_ordinal 
ALA N    N N N 1   
ALA CA   C N S 2   
ALA C    C N N 3   
ALA O    O N N 4   
ALA CB   C N N 5   
ALA OXT  O N N 6   
ALA H    H N N 7   
ALA H2   H N N 8   
ALA HA   H N N 9   
ALA HB1  H N N 10  
ALA HB2  H N N 11  
ALA HB3  H N N 12  
ALA HXT  H N N 13  
ARG N    N N N 14  
ARG CA   C N S 15  
ARG C    C N N 16  
ARG O    O N N 17  
ARG CB   C N N 18  
ARG CG   C N N 19  
ARG CD   C N N 20  
ARG NE   N N N 21  
ARG CZ   C N N 22  
ARG NH1  N N N 23  
ARG NH2  N N N 24  
ARG OXT  O N N 25  
ARG H    H N N 26  
ARG H2   H N N 27  
ARG HA   H N N 28  
ARG HB2  H N N 29  
ARG HB3  H N N 30  
ARG HG2  H N N 31  
ARG HG3  H N N 32  
ARG HD2  H N N 33  
ARG HD3  H N N 34  
ARG HE   H N N 35  
ARG HH11 H N N 36  
ARG HH12 H N N 37  
ARG HH21 H N N 38  
ARG HH22 H N N 39  
ARG HXT  H N N 40  
ASN N    N N N 41  
ASN CA   C N S 42  
ASN C    C N N 43  
ASN O    O N N 44  
ASN CB   C N N 45  
ASN CG   C N N 46  
ASN OD1  O N N 47  
ASN ND2  N N N 48  
ASN OXT  O N N 49  
ASN H    H N N 50  
ASN H2   H N N 51  
ASN HA   H N N 52  
ASN HB2  H N N 53  
ASN HB3  H N N 54  
ASN HD21 H N N 55  
ASN HD22 H N N 56  
ASN HXT  H N N 57  
ASP N    N N N 58  
ASP CA   C N S 59  
ASP C    C N N 60  
ASP O    O N N 61  
ASP CB   C N N 62  
ASP CG   C N N 63  
ASP OD1  O N N 64  
ASP OD2  O N N 65  
ASP OXT  O N N 66  
ASP H    H N N 67  
ASP H2   H N N 68  
ASP HA   H N N 69  
ASP HB2  H N N 70  
ASP HB3  H N N 71  
ASP HD2  H N N 72  
ASP HXT  H N N 73  
BME C1   C N N 74  
BME C2   C N N 75  
BME O1   O N N 76  
BME S2   S N N 77  
BME H11  H N N 78  
BME H12  H N N 79  
BME H21  H N N 80  
BME H22  H N N 81  
BME HO1  H N N 82  
BME HS2  H N N 83  
CYS N    N N N 84  
CYS CA   C N R 85  
CYS C    C N N 86  
CYS O    O N N 87  
CYS CB   C N N 88  
CYS SG   S N N 89  
CYS OXT  O N N 90  
CYS H    H N N 91  
CYS H2   H N N 92  
CYS HA   H N N 93  
CYS HB2  H N N 94  
CYS HB3  H N N 95  
CYS HG   H N N 96  
CYS HXT  H N N 97  
GLN N    N N N 98  
GLN CA   C N S 99  
GLN C    C N N 100 
GLN O    O N N 101 
GLN CB   C N N 102 
GLN CG   C N N 103 
GLN CD   C N N 104 
GLN OE1  O N N 105 
GLN NE2  N N N 106 
GLN OXT  O N N 107 
GLN H    H N N 108 
GLN H2   H N N 109 
GLN HA   H N N 110 
GLN HB2  H N N 111 
GLN HB3  H N N 112 
GLN HG2  H N N 113 
GLN HG3  H N N 114 
GLN HE21 H N N 115 
GLN HE22 H N N 116 
GLN HXT  H N N 117 
GLU N    N N N 118 
GLU CA   C N S 119 
GLU C    C N N 120 
GLU O    O N N 121 
GLU CB   C N N 122 
GLU CG   C N N 123 
GLU CD   C N N 124 
GLU OE1  O N N 125 
GLU OE2  O N N 126 
GLU OXT  O N N 127 
GLU H    H N N 128 
GLU H2   H N N 129 
GLU HA   H N N 130 
GLU HB2  H N N 131 
GLU HB3  H N N 132 
GLU HG2  H N N 133 
GLU HG3  H N N 134 
GLU HE2  H N N 135 
GLU HXT  H N N 136 
GLY N    N N N 137 
GLY CA   C N N 138 
GLY C    C N N 139 
GLY O    O N N 140 
GLY OXT  O N N 141 
GLY H    H N N 142 
GLY H2   H N N 143 
GLY HA2  H N N 144 
GLY HA3  H N N 145 
GLY HXT  H N N 146 
HIS N    N N N 147 
HIS CA   C N S 148 
HIS C    C N N 149 
HIS O    O N N 150 
HIS CB   C N N 151 
HIS CG   C Y N 152 
HIS ND1  N Y N 153 
HIS CD2  C Y N 154 
HIS CE1  C Y N 155 
HIS NE2  N Y N 156 
HIS OXT  O N N 157 
HIS H    H N N 158 
HIS H2   H N N 159 
HIS HA   H N N 160 
HIS HB2  H N N 161 
HIS HB3  H N N 162 
HIS HD1  H N N 163 
HIS HD2  H N N 164 
HIS HE1  H N N 165 
HIS HE2  H N N 166 
HIS HXT  H N N 167 
HOH O    O N N 168 
HOH H1   H N N 169 
HOH H2   H N N 170 
ILE N    N N N 171 
ILE CA   C N S 172 
ILE C    C N N 173 
ILE O    O N N 174 
ILE CB   C N S 175 
ILE CG1  C N N 176 
ILE CG2  C N N 177 
ILE CD1  C N N 178 
ILE OXT  O N N 179 
ILE H    H N N 180 
ILE H2   H N N 181 
ILE HA   H N N 182 
ILE HB   H N N 183 
ILE HG12 H N N 184 
ILE HG13 H N N 185 
ILE HG21 H N N 186 
ILE HG22 H N N 187 
ILE HG23 H N N 188 
ILE HD11 H N N 189 
ILE HD12 H N N 190 
ILE HD13 H N N 191 
ILE HXT  H N N 192 
J1Z CAA  C Y N 193 
J1Z CAB  C Y N 194 
J1Z CAC  C Y N 195 
J1Z CAD  C Y N 196 
J1Z SAE  S Y N 197 
J1Z SAF  S Y N 198 
J1Z CAG  C Y N 199 
J1Z CAH  C Y N 200 
J1Z HAA  H N N 201 
J1Z HAB  H N N 202 
J1Z HAC  H N N 203 
J1Z HAD  H N N 204 
LEU N    N N N 205 
LEU CA   C N S 206 
LEU C    C N N 207 
LEU O    O N N 208 
LEU CB   C N N 209 
LEU CG   C N N 210 
LEU CD1  C N N 211 
LEU CD2  C N N 212 
LEU OXT  O N N 213 
LEU H    H N N 214 
LEU H2   H N N 215 
LEU HA   H N N 216 
LEU HB2  H N N 217 
LEU HB3  H N N 218 
LEU HG   H N N 219 
LEU HD11 H N N 220 
LEU HD12 H N N 221 
LEU HD13 H N N 222 
LEU HD21 H N N 223 
LEU HD22 H N N 224 
LEU HD23 H N N 225 
LEU HXT  H N N 226 
LYS N    N N N 227 
LYS CA   C N S 228 
LYS C    C N N 229 
LYS O    O N N 230 
LYS CB   C N N 231 
LYS CG   C N N 232 
LYS CD   C N N 233 
LYS CE   C N N 234 
LYS NZ   N N N 235 
LYS OXT  O N N 236 
LYS H    H N N 237 
LYS H2   H N N 238 
LYS HA   H N N 239 
LYS HB2  H N N 240 
LYS HB3  H N N 241 
LYS HG2  H N N 242 
LYS HG3  H N N 243 
LYS HD2  H N N 244 
LYS HD3  H N N 245 
LYS HE2  H N N 246 
LYS HE3  H N N 247 
LYS HZ1  H N N 248 
LYS HZ2  H N N 249 
LYS HZ3  H N N 250 
LYS HXT  H N N 251 
MET N    N N N 252 
MET CA   C N S 253 
MET C    C N N 254 
MET O    O N N 255 
MET CB   C N N 256 
MET CG   C N N 257 
MET SD   S N N 258 
MET CE   C N N 259 
MET OXT  O N N 260 
MET H    H N N 261 
MET H2   H N N 262 
MET HA   H N N 263 
MET HB2  H N N 264 
MET HB3  H N N 265 
MET HG2  H N N 266 
MET HG3  H N N 267 
MET HE1  H N N 268 
MET HE2  H N N 269 
MET HE3  H N N 270 
MET HXT  H N N 271 
PHE N    N N N 272 
PHE CA   C N S 273 
PHE C    C N N 274 
PHE O    O N N 275 
PHE CB   C N N 276 
PHE CG   C Y N 277 
PHE CD1  C Y N 278 
PHE CD2  C Y N 279 
PHE CE1  C Y N 280 
PHE CE2  C Y N 281 
PHE CZ   C Y N 282 
PHE OXT  O N N 283 
PHE H    H N N 284 
PHE H2   H N N 285 
PHE HA   H N N 286 
PHE HB2  H N N 287 
PHE HB3  H N N 288 
PHE HD1  H N N 289 
PHE HD2  H N N 290 
PHE HE1  H N N 291 
PHE HE2  H N N 292 
PHE HZ   H N N 293 
PHE HXT  H N N 294 
PO4 P    P N N 295 
PO4 O1   O N N 296 
PO4 O2   O N N 297 
PO4 O3   O N N 298 
PO4 O4   O N N 299 
PRO N    N N N 300 
PRO CA   C N S 301 
PRO C    C N N 302 
PRO O    O N N 303 
PRO CB   C N N 304 
PRO CG   C N N 305 
PRO CD   C N N 306 
PRO OXT  O N N 307 
PRO H    H N N 308 
PRO HA   H N N 309 
PRO HB2  H N N 310 
PRO HB3  H N N 311 
PRO HG2  H N N 312 
PRO HG3  H N N 313 
PRO HD2  H N N 314 
PRO HD3  H N N 315 
PRO HXT  H N N 316 
SER N    N N N 317 
SER CA   C N S 318 
SER C    C N N 319 
SER O    O N N 320 
SER CB   C N N 321 
SER OG   O N N 322 
SER OXT  O N N 323 
SER H    H N N 324 
SER H2   H N N 325 
SER HA   H N N 326 
SER HB2  H N N 327 
SER HB3  H N N 328 
SER HG   H N N 329 
SER HXT  H N N 330 
THR N    N N N 331 
THR CA   C N S 332 
THR C    C N N 333 
THR O    O N N 334 
THR CB   C N R 335 
THR OG1  O N N 336 
THR CG2  C N N 337 
THR OXT  O N N 338 
THR H    H N N 339 
THR H2   H N N 340 
THR HA   H N N 341 
THR HB   H N N 342 
THR HG1  H N N 343 
THR HG21 H N N 344 
THR HG22 H N N 345 
THR HG23 H N N 346 
THR HXT  H N N 347 
TRP N    N N N 348 
TRP CA   C N S 349 
TRP C    C N N 350 
TRP O    O N N 351 
TRP CB   C N N 352 
TRP CG   C Y N 353 
TRP CD1  C Y N 354 
TRP CD2  C Y N 355 
TRP NE1  N Y N 356 
TRP CE2  C Y N 357 
TRP CE3  C Y N 358 
TRP CZ2  C Y N 359 
TRP CZ3  C Y N 360 
TRP CH2  C Y N 361 
TRP OXT  O N N 362 
TRP H    H N N 363 
TRP H2   H N N 364 
TRP HA   H N N 365 
TRP HB2  H N N 366 
TRP HB3  H N N 367 
TRP HD1  H N N 368 
TRP HE1  H N N 369 
TRP HE3  H N N 370 
TRP HZ2  H N N 371 
TRP HZ3  H N N 372 
TRP HH2  H N N 373 
TRP HXT  H N N 374 
TYR N    N N N 375 
TYR CA   C N S 376 
TYR C    C N N 377 
TYR O    O N N 378 
TYR CB   C N N 379 
TYR CG   C Y N 380 
TYR CD1  C Y N 381 
TYR CD2  C Y N 382 
TYR CE1  C Y N 383 
TYR CE2  C Y N 384 
TYR CZ   C Y N 385 
TYR OH   O N N 386 
TYR OXT  O N N 387 
TYR H    H N N 388 
TYR H2   H N N 389 
TYR HA   H N N 390 
TYR HB2  H N N 391 
TYR HB3  H N N 392 
TYR HD1  H N N 393 
TYR HD2  H N N 394 
TYR HE1  H N N 395 
TYR HE2  H N N 396 
TYR HH   H N N 397 
TYR HXT  H N N 398 
VAL N    N N N 399 
VAL CA   C N S 400 
VAL C    C N N 401 
VAL O    O N N 402 
VAL CB   C N N 403 
VAL CG1  C N N 404 
VAL CG2  C N N 405 
VAL OXT  O N N 406 
VAL H    H N N 407 
VAL H2   H N N 408 
VAL HA   H N N 409 
VAL HB   H N N 410 
VAL HG11 H N N 411 
VAL HG12 H N N 412 
VAL HG13 H N N 413 
VAL HG21 H N N 414 
VAL HG22 H N N 415 
VAL HG23 H N N 416 
VAL HXT  H N N 417 
# 
loop_
_chem_comp_bond.comp_id 
_chem_comp_bond.atom_id_1 
_chem_comp_bond.atom_id_2 
_chem_comp_bond.value_order 
_chem_comp_bond.pdbx_aromatic_flag 
_chem_comp_bond.pdbx_stereo_config 
_chem_comp_bond.pdbx_ordinal 
ALA N   CA   sing N N 1   
ALA N   H    sing N N 2   
ALA N   H2   sing N N 3   
ALA CA  C    sing N N 4   
ALA CA  CB   sing N N 5   
ALA CA  HA   sing N N 6   
ALA C   O    doub N N 7   
ALA C   OXT  sing N N 8   
ALA CB  HB1  sing N N 9   
ALA CB  HB2  sing N N 10  
ALA CB  HB3  sing N N 11  
ALA OXT HXT  sing N N 12  
ARG N   CA   sing N N 13  
ARG N   H    sing N N 14  
ARG N   H2   sing N N 15  
ARG CA  C    sing N N 16  
ARG CA  CB   sing N N 17  
ARG CA  HA   sing N N 18  
ARG C   O    doub N N 19  
ARG C   OXT  sing N N 20  
ARG CB  CG   sing N N 21  
ARG CB  HB2  sing N N 22  
ARG CB  HB3  sing N N 23  
ARG CG  CD   sing N N 24  
ARG CG  HG2  sing N N 25  
ARG CG  HG3  sing N N 26  
ARG CD  NE   sing N N 27  
ARG CD  HD2  sing N N 28  
ARG CD  HD3  sing N N 29  
ARG NE  CZ   sing N N 30  
ARG NE  HE   sing N N 31  
ARG CZ  NH1  sing N N 32  
ARG CZ  NH2  doub N N 33  
ARG NH1 HH11 sing N N 34  
ARG NH1 HH12 sing N N 35  
ARG NH2 HH21 sing N N 36  
ARG NH2 HH22 sing N N 37  
ARG OXT HXT  sing N N 38  
ASN N   CA   sing N N 39  
ASN N   H    sing N N 40  
ASN N   H2   sing N N 41  
ASN CA  C    sing N N 42  
ASN CA  CB   sing N N 43  
ASN CA  HA   sing N N 44  
ASN C   O    doub N N 45  
ASN C   OXT  sing N N 46  
ASN CB  CG   sing N N 47  
ASN CB  HB2  sing N N 48  
ASN CB  HB3  sing N N 49  
ASN CG  OD1  doub N N 50  
ASN CG  ND2  sing N N 51  
ASN ND2 HD21 sing N N 52  
ASN ND2 HD22 sing N N 53  
ASN OXT HXT  sing N N 54  
ASP N   CA   sing N N 55  
ASP N   H    sing N N 56  
ASP N   H2   sing N N 57  
ASP CA  C    sing N N 58  
ASP CA  CB   sing N N 59  
ASP CA  HA   sing N N 60  
ASP C   O    doub N N 61  
ASP C   OXT  sing N N 62  
ASP CB  CG   sing N N 63  
ASP CB  HB2  sing N N 64  
ASP CB  HB3  sing N N 65  
ASP CG  OD1  doub N N 66  
ASP CG  OD2  sing N N 67  
ASP OD2 HD2  sing N N 68  
ASP OXT HXT  sing N N 69  
BME C1  C2   sing N N 70  
BME C1  O1   sing N N 71  
BME C1  H11  sing N N 72  
BME C1  H12  sing N N 73  
BME C2  S2   sing N N 74  
BME C2  H21  sing N N 75  
BME C2  H22  sing N N 76  
BME O1  HO1  sing N N 77  
BME S2  HS2  sing N N 78  
CYS N   CA   sing N N 79  
CYS N   H    sing N N 80  
CYS N   H2   sing N N 81  
CYS CA  C    sing N N 82  
CYS CA  CB   sing N N 83  
CYS CA  HA   sing N N 84  
CYS C   O    doub N N 85  
CYS C   OXT  sing N N 86  
CYS CB  SG   sing N N 87  
CYS CB  HB2  sing N N 88  
CYS CB  HB3  sing N N 89  
CYS SG  HG   sing N N 90  
CYS OXT HXT  sing N N 91  
GLN N   CA   sing N N 92  
GLN N   H    sing N N 93  
GLN N   H2   sing N N 94  
GLN CA  C    sing N N 95  
GLN CA  CB   sing N N 96  
GLN CA  HA   sing N N 97  
GLN C   O    doub N N 98  
GLN C   OXT  sing N N 99  
GLN CB  CG   sing N N 100 
GLN CB  HB2  sing N N 101 
GLN CB  HB3  sing N N 102 
GLN CG  CD   sing N N 103 
GLN CG  HG2  sing N N 104 
GLN CG  HG3  sing N N 105 
GLN CD  OE1  doub N N 106 
GLN CD  NE2  sing N N 107 
GLN NE2 HE21 sing N N 108 
GLN NE2 HE22 sing N N 109 
GLN OXT HXT  sing N N 110 
GLU N   CA   sing N N 111 
GLU N   H    sing N N 112 
GLU N   H2   sing N N 113 
GLU CA  C    sing N N 114 
GLU CA  CB   sing N N 115 
GLU CA  HA   sing N N 116 
GLU C   O    doub N N 117 
GLU C   OXT  sing N N 118 
GLU CB  CG   sing N N 119 
GLU CB  HB2  sing N N 120 
GLU CB  HB3  sing N N 121 
GLU CG  CD   sing N N 122 
GLU CG  HG2  sing N N 123 
GLU CG  HG3  sing N N 124 
GLU CD  OE1  doub N N 125 
GLU CD  OE2  sing N N 126 
GLU OE2 HE2  sing N N 127 
GLU OXT HXT  sing N N 128 
GLY N   CA   sing N N 129 
GLY N   H    sing N N 130 
GLY N   H2   sing N N 131 
GLY CA  C    sing N N 132 
GLY CA  HA2  sing N N 133 
GLY CA  HA3  sing N N 134 
GLY C   O    doub N N 135 
GLY C   OXT  sing N N 136 
GLY OXT HXT  sing N N 137 
HIS N   CA   sing N N 138 
HIS N   H    sing N N 139 
HIS N   H2   sing N N 140 
HIS CA  C    sing N N 141 
HIS CA  CB   sing N N 142 
HIS CA  HA   sing N N 143 
HIS C   O    doub N N 144 
HIS C   OXT  sing N N 145 
HIS CB  CG   sing N N 146 
HIS CB  HB2  sing N N 147 
HIS CB  HB3  sing N N 148 
HIS CG  ND1  sing Y N 149 
HIS CG  CD2  doub Y N 150 
HIS ND1 CE1  doub Y N 151 
HIS ND1 HD1  sing N N 152 
HIS CD2 NE2  sing Y N 153 
HIS CD2 HD2  sing N N 154 
HIS CE1 NE2  sing Y N 155 
HIS CE1 HE1  sing N N 156 
HIS NE2 HE2  sing N N 157 
HIS OXT HXT  sing N N 158 
HOH O   H1   sing N N 159 
HOH O   H2   sing N N 160 
ILE N   CA   sing N N 161 
ILE N   H    sing N N 162 
ILE N   H2   sing N N 163 
ILE CA  C    sing N N 164 
ILE CA  CB   sing N N 165 
ILE CA  HA   sing N N 166 
ILE C   O    doub N N 167 
ILE C   OXT  sing N N 168 
ILE CB  CG1  sing N N 169 
ILE CB  CG2  sing N N 170 
ILE CB  HB   sing N N 171 
ILE CG1 CD1  sing N N 172 
ILE CG1 HG12 sing N N 173 
ILE CG1 HG13 sing N N 174 
ILE CG2 HG21 sing N N 175 
ILE CG2 HG22 sing N N 176 
ILE CG2 HG23 sing N N 177 
ILE CD1 HD11 sing N N 178 
ILE CD1 HD12 sing N N 179 
ILE CD1 HD13 sing N N 180 
ILE OXT HXT  sing N N 181 
J1Z CAA CAC  doub Y N 182 
J1Z CAA SAE  sing Y N 183 
J1Z CAB CAD  doub Y N 184 
J1Z CAB SAF  sing Y N 185 
J1Z CAC CAG  sing Y N 186 
J1Z CAD CAH  sing Y N 187 
J1Z SAE CAH  sing Y N 188 
J1Z SAF CAG  sing Y N 189 
J1Z CAG CAH  doub Y N 190 
J1Z CAA HAA  sing N N 191 
J1Z CAB HAB  sing N N 192 
J1Z CAC HAC  sing N N 193 
J1Z CAD HAD  sing N N 194 
LEU N   CA   sing N N 195 
LEU N   H    sing N N 196 
LEU N   H2   sing N N 197 
LEU CA  C    sing N N 198 
LEU CA  CB   sing N N 199 
LEU CA  HA   sing N N 200 
LEU C   O    doub N N 201 
LEU C   OXT  sing N N 202 
LEU CB  CG   sing N N 203 
LEU CB  HB2  sing N N 204 
LEU CB  HB3  sing N N 205 
LEU CG  CD1  sing N N 206 
LEU CG  CD2  sing N N 207 
LEU CG  HG   sing N N 208 
LEU CD1 HD11 sing N N 209 
LEU CD1 HD12 sing N N 210 
LEU CD1 HD13 sing N N 211 
LEU CD2 HD21 sing N N 212 
LEU CD2 HD22 sing N N 213 
LEU CD2 HD23 sing N N 214 
LEU OXT HXT  sing N N 215 
LYS N   CA   sing N N 216 
LYS N   H    sing N N 217 
LYS N   H2   sing N N 218 
LYS CA  C    sing N N 219 
LYS CA  CB   sing N N 220 
LYS CA  HA   sing N N 221 
LYS C   O    doub N N 222 
LYS C   OXT  sing N N 223 
LYS CB  CG   sing N N 224 
LYS CB  HB2  sing N N 225 
LYS CB  HB3  sing N N 226 
LYS CG  CD   sing N N 227 
LYS CG  HG2  sing N N 228 
LYS CG  HG3  sing N N 229 
LYS CD  CE   sing N N 230 
LYS CD  HD2  sing N N 231 
LYS CD  HD3  sing N N 232 
LYS CE  NZ   sing N N 233 
LYS CE  HE2  sing N N 234 
LYS CE  HE3  sing N N 235 
LYS NZ  HZ1  sing N N 236 
LYS NZ  HZ2  sing N N 237 
LYS NZ  HZ3  sing N N 238 
LYS OXT HXT  sing N N 239 
MET N   CA   sing N N 240 
MET N   H    sing N N 241 
MET N   H2   sing N N 242 
MET CA  C    sing N N 243 
MET CA  CB   sing N N 244 
MET CA  HA   sing N N 245 
MET C   O    doub N N 246 
MET C   OXT  sing N N 247 
MET CB  CG   sing N N 248 
MET CB  HB2  sing N N 249 
MET CB  HB3  sing N N 250 
MET CG  SD   sing N N 251 
MET CG  HG2  sing N N 252 
MET CG  HG3  sing N N 253 
MET SD  CE   sing N N 254 
MET CE  HE1  sing N N 255 
MET CE  HE2  sing N N 256 
MET CE  HE3  sing N N 257 
MET OXT HXT  sing N N 258 
PHE N   CA   sing N N 259 
PHE N   H    sing N N 260 
PHE N   H2   sing N N 261 
PHE CA  C    sing N N 262 
PHE CA  CB   sing N N 263 
PHE CA  HA   sing N N 264 
PHE C   O    doub N N 265 
PHE C   OXT  sing N N 266 
PHE CB  CG   sing N N 267 
PHE CB  HB2  sing N N 268 
PHE CB  HB3  sing N N 269 
PHE CG  CD1  doub Y N 270 
PHE CG  CD2  sing Y N 271 
PHE CD1 CE1  sing Y N 272 
PHE CD1 HD1  sing N N 273 
PHE CD2 CE2  doub Y N 274 
PHE CD2 HD2  sing N N 275 
PHE CE1 CZ   doub Y N 276 
PHE CE1 HE1  sing N N 277 
PHE CE2 CZ   sing Y N 278 
PHE CE2 HE2  sing N N 279 
PHE CZ  HZ   sing N N 280 
PHE OXT HXT  sing N N 281 
PO4 P   O1   doub N N 282 
PO4 P   O2   sing N N 283 
PO4 P   O3   sing N N 284 
PO4 P   O4   sing N N 285 
PRO N   CA   sing N N 286 
PRO N   CD   sing N N 287 
PRO N   H    sing N N 288 
PRO CA  C    sing N N 289 
PRO CA  CB   sing N N 290 
PRO CA  HA   sing N N 291 
PRO C   O    doub N N 292 
PRO C   OXT  sing N N 293 
PRO CB  CG   sing N N 294 
PRO CB  HB2  sing N N 295 
PRO CB  HB3  sing N N 296 
PRO CG  CD   sing N N 297 
PRO CG  HG2  sing N N 298 
PRO CG  HG3  sing N N 299 
PRO CD  HD2  sing N N 300 
PRO CD  HD3  sing N N 301 
PRO OXT HXT  sing N N 302 
SER N   CA   sing N N 303 
SER N   H    sing N N 304 
SER N   H2   sing N N 305 
SER CA  C    sing N N 306 
SER CA  CB   sing N N 307 
SER CA  HA   sing N N 308 
SER C   O    doub N N 309 
SER C   OXT  sing N N 310 
SER CB  OG   sing N N 311 
SER CB  HB2  sing N N 312 
SER CB  HB3  sing N N 313 
SER OG  HG   sing N N 314 
SER OXT HXT  sing N N 315 
THR N   CA   sing N N 316 
THR N   H    sing N N 317 
THR N   H2   sing N N 318 
THR CA  C    sing N N 319 
THR CA  CB   sing N N 320 
THR CA  HA   sing N N 321 
THR C   O    doub N N 322 
THR C   OXT  sing N N 323 
THR CB  OG1  sing N N 324 
THR CB  CG2  sing N N 325 
THR CB  HB   sing N N 326 
THR OG1 HG1  sing N N 327 
THR CG2 HG21 sing N N 328 
THR CG2 HG22 sing N N 329 
THR CG2 HG23 sing N N 330 
THR OXT HXT  sing N N 331 
TRP N   CA   sing N N 332 
TRP N   H    sing N N 333 
TRP N   H2   sing N N 334 
TRP CA  C    sing N N 335 
TRP CA  CB   sing N N 336 
TRP CA  HA   sing N N 337 
TRP C   O    doub N N 338 
TRP C   OXT  sing N N 339 
TRP CB  CG   sing N N 340 
TRP CB  HB2  sing N N 341 
TRP CB  HB3  sing N N 342 
TRP CG  CD1  doub Y N 343 
TRP CG  CD2  sing Y N 344 
TRP CD1 NE1  sing Y N 345 
TRP CD1 HD1  sing N N 346 
TRP CD2 CE2  doub Y N 347 
TRP CD2 CE3  sing Y N 348 
TRP NE1 CE2  sing Y N 349 
TRP NE1 HE1  sing N N 350 
TRP CE2 CZ2  sing Y N 351 
TRP CE3 CZ3  doub Y N 352 
TRP CE3 HE3  sing N N 353 
TRP CZ2 CH2  doub Y N 354 
TRP CZ2 HZ2  sing N N 355 
TRP CZ3 CH2  sing Y N 356 
TRP CZ3 HZ3  sing N N 357 
TRP CH2 HH2  sing N N 358 
TRP OXT HXT  sing N N 359 
TYR N   CA   sing N N 360 
TYR N   H    sing N N 361 
TYR N   H2   sing N N 362 
TYR CA  C    sing N N 363 
TYR CA  CB   sing N N 364 
TYR CA  HA   sing N N 365 
TYR C   O    doub N N 366 
TYR C   OXT  sing N N 367 
TYR CB  CG   sing N N 368 
TYR CB  HB2  sing N N 369 
TYR CB  HB3  sing N N 370 
TYR CG  CD1  doub Y N 371 
TYR CG  CD2  sing Y N 372 
TYR CD1 CE1  sing Y N 373 
TYR CD1 HD1  sing N N 374 
TYR CD2 CE2  doub Y N 375 
TYR CD2 HD2  sing N N 376 
TYR CE1 CZ   doub Y N 377 
TYR CE1 HE1  sing N N 378 
TYR CE2 CZ   sing Y N 379 
TYR CE2 HE2  sing N N 380 
TYR CZ  OH   sing N N 381 
TYR OH  HH   sing N N 382 
TYR OXT HXT  sing N N 383 
VAL N   CA   sing N N 384 
VAL N   H    sing N N 385 
VAL N   H2   sing N N 386 
VAL CA  C    sing N N 387 
VAL CA  CB   sing N N 388 
VAL CA  HA   sing N N 389 
VAL C   O    doub N N 390 
VAL C   OXT  sing N N 391 
VAL CB  CG1  sing N N 392 
VAL CB  CG2  sing N N 393 
VAL CB  HB   sing N N 394 
VAL CG1 HG11 sing N N 395 
VAL CG1 HG12 sing N N 396 
VAL CG1 HG13 sing N N 397 
VAL CG2 HG21 sing N N 398 
VAL CG2 HG22 sing N N 399 
VAL CG2 HG23 sing N N 400 
VAL OXT HXT  sing N N 401 
# 
loop_
_pdbx_entity_nonpoly.entity_id 
_pdbx_entity_nonpoly.name 
_pdbx_entity_nonpoly.comp_id 
2 'PHOSPHATE ION'          PO4 
3 'thieno[3,2-b]thiophene' J1Z 
4 BETA-MERCAPTOETHANOL     BME 
5 water                    HOH 
# 
_pdbx_initial_refinement_model.id               1 
_pdbx_initial_refinement_model.entity_id_list   ? 
_pdbx_initial_refinement_model.type             'experimental model' 
_pdbx_initial_refinement_model.source_name      PDB 
_pdbx_initial_refinement_model.accession_code   1LGU 
_pdbx_initial_refinement_model.details          'PDB ENTRY 1LGU' 
# 
